data_7TBW
#
_entry.id   7TBW
#
_cell.length_a   1.00
_cell.length_b   1.00
_cell.length_c   1.00
_cell.angle_alpha   90.00
_cell.angle_beta   90.00
_cell.angle_gamma   90.00
#
_symmetry.space_group_name_H-M   'P 1'
#
loop_
_entity.id
_entity.type
_entity.pdbx_description
1 polymer 'ATP-binding cassette, sub-family A (ABC1), member 1'
2 branched 2-acetamido-2-deoxy-beta-D-glucopyranose-(1-4)-2-acetamido-2-deoxy-beta-D-glucopyranose
3 branched beta-D-mannopyranose-(1-3)-[beta-D-mannopyranose-(1-6)]beta-D-mannopyranose-(1-4)-2-acetamido-2-deoxy-beta-D-glucopyranose-(1-4)-2-acetamido-2-deoxy-beta-D-glucopyranose
4 non-polymer CHOLESTEROL
5 non-polymer "ADENOSINE-5'-TRIPHOSPHATE"
6 non-polymer 'MAGNESIUM ION'
7 non-polymer 2-acetamido-2-deoxy-beta-D-glucopyranose
#
_entity_poly.entity_id   1
_entity_poly.type   'polypeptide(L)'
_entity_poly.pdbx_seq_one_letter_code
;MACWPQLRLLLWKNLTFRRRQTCQLLLEVAWPLFIFLILISVRLSYPPYEQHECHFPNKAMPSAGTLPWVQGIICNANNP
CFRYPTPGEAPGVVGNFNKSIVARLFSDARRLLLYSQKDTSMKDMRKVLRTLQQIKKSSSNLKLQDFLVDNETFSGFLYH
NLSLPKSTVDKMLRADVILHKVFLQGYQLHLTSLCNGSKSEEMIQLGDQEVSELCGLPREKLAAAERVLRSNMDILKPIL
RTLNSTSPFPSKELAEATKTLLHSLGTLAQELFSMRSWSDMRQEVMFLTNVNSSSSSTQIYQAVSRIVCGHPEGGGLKIK
SLNWYEDNNYKALFGGNGTEEDAETFYDNSTTPYCNDLMKNLESSPLSRIIWKALKPLLVGKILYTPDTPATRQVMAEVN
KTFQELAVFHDLEGMWEELSPKIWTFMENSQEMDLVRMLLDSRDNDHFWEQQLDGLDWTAQDIVAFLAKHPEDVQSSNGS
VYTWREAFNETNQAIRTISRFMECVNLNKLEPIATEVWLINKSMELLDERKFWAGIVFTGITPGSIELPHHVKYKIRMDI
DNVERTNKIKDGYWDPGPRADPFEDMRYVWGGFAYLQDVVEQAIIRVLTGTEKKTGVYMQQMPYPCYVDDIFLRVMSRSM
PLFMTLAWIYSVAVIIKGIVYEKEARLKETMRIMGLDNSILWFSWFISSLIPLLVSAGLLVVILKLGNLLPYSDPSVVFV
FLSVFAVVTILQCFLISTLFSRANLAAACGGIIYFTLYLPYVLCVAWRDYVGFTLKIFASLLSPVAFGFGCEYFALFEEQ
GIGVQWDNLFESPVEEDGFNLTTSVSMMLFDTFLYGVMTWYIEAVFPGQYGIPRPWYFPCTKSYWFGEESDEKSHPGSNQ
KRISEICMEEEPTHLKLGVSIQNLVKVYRDGMKVAVDGLALNFYEGQITSFLGHNGAGKTTTMSILTGLFPPTSGTAYIL
GKDIRSEMSTIRQNLGVCPQHNVLFDMLTVEEHIWFYARLKGLSEKHVKAEMEQMALDVGLPSSKLKSKTSQLSGGMQRK
LSVALAFVGGSKVVILDQPTAGVDPYSRRGIWELLLKYRQGRTIILSTHHMDEADVLGDRIAIISHGKLCCVGSSLFLKN
QLGTGYYLTLVKKDVESSLSSCRNSSSTVSYLKKEDSVSQSSSDAGLGSDHESDTLTIDVSAISNLIRKHVSEARLVEDI
GHELTYVLPYEAAKEGAFVELFHEIDDRLSDLGISSYGISETTLEEIFLKVAEESGVDAETSDGTLPARRNRRAFGDKQS
CLRPFTEDDAADPNDSDIDPESRETDLLSGMDGKGSYQVKGWKLTQQQFVALLWKRLLIARRSRKGFFAQIVLPAVFVCI
ALVFSLIVPPFGKYPSLELQPWMYNEQYTFVSNDAPEDTGTLELLNALTKDPGFGTRCMEGNPIPDTPCQAGEEEWTTAP
VPQTIMDLFQNGNWTMQNPSPACQCSSDKIKKMLPVCPPGAGGLPPPQRKQNTADILQDLTGRNISDYLVKTYVQIIAKS
LKNKIWVNEFRYGGFSLGVSNTQALPPSQEVNDAIKQMKKHLKLAKDSSADRFLNSLGRFMTGLDTKNNVKVWFNNKGWH
AISSFLNVINNAILRANLQKGENPSHYGITAFNHPLNLTKQQLSEVALMTTSVDVLVSICVIFAMSFVPASFVVFLIQER
VSKAKHLQFISGVKPVIYWLSNFVWDMCNYVVPATLVIIIFICFQQKSYVSSTNLPVLALLLLLYGWSITPLMYPASFVF
KIPSTAYVVLTSVNLFIGINGSVATFVLELFTDNKLNNINDILKSVFLIFPHFCLGRGLIDMVKNQAMADALERFGENRF
VSPLSWDLVGRNLFAMAVEGVVFFLITVLIQYRFFIRPRPVNAKLSPLNDEDEDVRRERQRILDGGGQNDILEIKELTKI
YRRKRKPAVDRICVGIPPGECFGLLGVNGAGKSSTFKMLTGDTTVTRGDAFLNKNSILSNIHEVHQNMGYCPQFDAITEL
LTGREHVEFFALLRGVPEKEVGKVGEWAIRKLGLVKYGEKYAGNYSGGNKRKLSTAMALIGGPPVVFLDQPTTGMDPKAR
RFLWNCALSVVKEGRSVVLTSHSMEECEALCTRMAIMVNGRFRCLGSVQHLKNRFGDGYTIVVRIAGSNPDLKPVQDFFG
LAFPGSVLKEKHRNMLQYQLPSSLSSLARIFSILSQSKKRLHIEDYSVSQTTLDQVFVNFAKDQSDDDHLKDLSLHKNQT
VVDVAVLTSFLQDEKVKESYVGDYKDDDDK
;
_entity_poly.pdbx_strand_id   A
#
# COMPACT_ATOMS: atom_id res chain seq x y z
N CYS A 3 11.77 30.84 28.37
CA CYS A 3 11.03 29.89 27.55
C CYS A 3 11.59 28.48 27.71
N TRP A 4 12.84 28.40 28.16
CA TRP A 4 13.52 27.13 28.36
C TRP A 4 12.90 26.28 29.46
N PRO A 5 12.54 26.84 30.64
CA PRO A 5 11.95 25.99 31.68
C PRO A 5 10.64 25.34 31.27
N GLN A 6 9.73 26.09 30.64
CA GLN A 6 8.45 25.51 30.23
C GLN A 6 8.64 24.46 29.15
N LEU A 7 9.56 24.70 28.20
CA LEU A 7 9.84 23.71 27.17
C LEU A 7 10.43 22.44 27.76
N ARG A 8 11.36 22.57 28.71
CA ARG A 8 11.93 21.39 29.35
C ARG A 8 10.89 20.65 30.17
N LEU A 9 9.97 21.39 30.80
CA LEU A 9 8.90 20.75 31.56
C LEU A 9 7.98 19.96 30.64
N LEU A 10 7.63 20.54 29.49
CA LEU A 10 6.78 19.81 28.54
C LEU A 10 7.50 18.60 27.96
N LEU A 11 8.81 18.73 27.72
CA LEU A 11 9.58 17.57 27.25
C LEU A 11 9.64 16.48 28.31
N TRP A 12 9.76 16.86 29.58
CA TRP A 12 9.73 15.88 30.66
C TRP A 12 8.37 15.19 30.73
N LYS A 13 7.29 15.97 30.54
CA LYS A 13 5.96 15.37 30.54
C LYS A 13 5.80 14.38 29.40
N ASN A 14 6.29 14.73 28.21
CA ASN A 14 6.21 13.81 27.07
C ASN A 14 7.06 12.56 27.31
N LEU A 15 8.24 12.73 27.93
CA LEU A 15 9.09 11.59 28.23
C LEU A 15 8.41 10.66 29.23
N THR A 16 7.76 11.22 30.25
CA THR A 16 7.03 10.41 31.21
C THR A 16 5.86 9.69 30.55
N PHE A 17 5.15 10.38 29.65
CA PHE A 17 4.05 9.75 28.92
C PHE A 17 4.55 8.59 28.08
N ARG A 18 5.71 8.74 27.44
CA ARG A 18 6.26 7.64 26.63
C ARG A 18 6.81 6.53 27.51
N ARG A 19 7.27 6.85 28.72
CA ARG A 19 7.73 5.81 29.63
C ARG A 19 6.57 4.99 30.16
N ARG A 20 5.44 5.63 30.46
CA ARG A 20 4.28 4.91 30.94
C ARG A 20 3.65 4.02 29.86
N GLN A 21 3.89 4.33 28.59
CA GLN A 21 3.39 3.53 27.47
C GLN A 21 4.57 3.23 26.56
N THR A 22 5.29 2.15 26.87
CA THR A 22 6.46 1.78 26.07
C THR A 22 6.08 0.95 24.84
N CYS A 23 4.98 0.20 24.92
CA CYS A 23 4.56 -0.60 23.77
C CYS A 23 4.15 0.28 22.60
N GLN A 24 3.45 1.38 22.88
CA GLN A 24 3.04 2.28 21.80
C GLN A 24 4.26 2.94 21.15
N LEU A 25 5.25 3.33 21.96
CA LEU A 25 6.47 3.92 21.40
C LEU A 25 7.24 2.90 20.57
N LEU A 26 7.35 1.66 21.05
CA LEU A 26 8.03 0.62 20.29
C LEU A 26 7.31 0.34 18.97
N LEU A 27 5.98 0.33 18.99
CA LEU A 27 5.23 0.11 17.76
C LEU A 27 5.42 1.28 16.79
N GLU A 28 5.39 2.52 17.30
CA GLU A 28 5.59 3.67 16.44
C GLU A 28 6.99 3.69 15.84
N VAL A 29 7.98 3.17 16.57
CA VAL A 29 9.34 3.12 16.03
C VAL A 29 9.50 1.99 15.02
N ALA A 30 8.87 0.85 15.28
CA ALA A 30 9.08 -0.35 14.47
C ALA A 30 8.05 -0.49 13.35
N TRP A 31 7.11 0.44 13.21
CA TRP A 31 6.17 0.37 12.09
C TRP A 31 6.86 0.34 10.74
N PRO A 32 7.84 1.21 10.45
CA PRO A 32 8.60 1.02 9.20
C PRO A 32 9.53 -0.17 9.25
N LEU A 33 9.98 -0.55 10.46
CA LEU A 33 10.91 -1.66 10.60
C LEU A 33 10.30 -2.97 10.12
N PHE A 34 8.98 -3.14 10.28
CA PHE A 34 8.33 -4.37 9.82
C PHE A 34 8.51 -4.55 8.32
N ILE A 35 8.04 -3.56 7.54
CA ILE A 35 8.13 -3.67 6.10
C ILE A 35 9.58 -3.67 5.63
N PHE A 36 10.48 -2.98 6.35
CA PHE A 36 11.87 -2.95 5.91
C PHE A 36 12.57 -4.28 6.18
N LEU A 37 12.24 -4.95 7.29
CA LEU A 37 12.76 -6.28 7.52
C LEU A 37 12.19 -7.28 6.52
N ILE A 38 10.91 -7.13 6.17
CA ILE A 38 10.34 -7.99 5.12
C ILE A 38 11.07 -7.78 3.80
N LEU A 39 11.40 -6.52 3.50
CA LEU A 39 12.09 -6.21 2.24
C LEU A 39 13.50 -6.78 2.23
N ILE A 40 14.24 -6.62 3.33
CA ILE A 40 15.60 -7.17 3.35
C ILE A 40 15.57 -8.70 3.38
N SER A 41 14.50 -9.28 3.92
CA SER A 41 14.39 -10.74 3.94
C SER A 41 14.13 -11.28 2.55
N VAL A 42 13.21 -10.65 1.80
CA VAL A 42 12.99 -11.09 0.43
C VAL A 42 14.18 -10.71 -0.46
N ARG A 43 14.98 -9.74 -0.05
CA ARG A 43 16.20 -9.42 -0.80
C ARG A 43 17.28 -10.47 -0.55
N LEU A 44 17.35 -11.02 0.66
CA LEU A 44 18.33 -12.04 0.96
C LEU A 44 18.13 -13.29 0.11
N SER A 45 16.90 -13.52 -0.35
CA SER A 45 16.60 -14.65 -1.23
C SER A 45 16.91 -14.34 -2.70
N TYR A 46 17.34 -13.12 -3.02
CA TYR A 46 17.66 -12.73 -4.38
C TYR A 46 18.92 -11.88 -4.36
N PRO A 47 20.08 -12.51 -4.29
CA PRO A 47 21.34 -11.76 -4.30
C PRO A 47 21.64 -11.23 -5.70
N PRO A 48 22.50 -10.21 -5.81
CA PRO A 48 22.86 -9.70 -7.14
C PRO A 48 23.53 -10.77 -7.99
N TYR A 49 22.87 -11.14 -9.09
CA TYR A 49 23.37 -12.19 -9.96
C TYR A 49 24.60 -11.70 -10.72
N GLU A 50 25.72 -12.41 -10.56
CA GLU A 50 26.96 -12.08 -11.25
C GLU A 50 26.92 -12.74 -12.62
N GLN A 51 26.57 -11.96 -13.65
CA GLN A 51 26.52 -12.49 -15.00
C GLN A 51 27.91 -12.37 -15.64
N HIS A 52 28.34 -13.45 -16.28
CA HIS A 52 29.67 -13.49 -16.88
C HIS A 52 29.71 -12.63 -18.15
N GLU A 53 30.93 -12.28 -18.55
CA GLU A 53 31.17 -11.53 -19.78
C GLU A 53 31.00 -12.51 -20.95
N CYS A 54 29.87 -12.42 -21.64
CA CYS A 54 29.54 -13.32 -22.72
C CYS A 54 29.29 -12.53 -24.00
N HIS A 55 29.54 -13.19 -25.13
CA HIS A 55 29.37 -12.60 -26.45
C HIS A 55 28.15 -13.21 -27.14
N PHE A 56 27.79 -12.62 -28.27
CA PHE A 56 26.62 -13.05 -29.02
C PHE A 56 26.99 -13.46 -30.43
N PRO A 57 26.32 -14.47 -30.99
CA PRO A 57 26.60 -14.87 -32.37
C PRO A 57 26.18 -13.80 -33.36
N ASN A 58 26.57 -14.01 -34.61
CA ASN A 58 26.31 -13.06 -35.69
C ASN A 58 25.13 -13.55 -36.52
N LYS A 59 24.12 -12.69 -36.66
CA LYS A 59 22.96 -12.99 -37.50
C LYS A 59 23.31 -12.71 -38.97
N ALA A 60 22.97 -13.65 -39.84
CA ALA A 60 23.23 -13.50 -41.26
C ALA A 60 22.00 -12.92 -41.95
N MET A 61 22.24 -11.97 -42.86
CA MET A 61 21.19 -11.31 -43.61
C MET A 61 20.93 -12.02 -44.93
N PRO A 62 19.75 -11.84 -45.53
CA PRO A 62 19.48 -12.45 -46.83
C PRO A 62 20.43 -12.00 -47.93
N SER A 63 21.09 -10.86 -47.76
CA SER A 63 22.05 -10.41 -48.77
C SER A 63 23.29 -11.30 -48.80
N ALA A 64 23.60 -11.97 -47.70
CA ALA A 64 24.72 -12.89 -47.64
C ALA A 64 24.32 -14.32 -48.00
N GLY A 65 23.05 -14.56 -48.31
CA GLY A 65 22.59 -15.89 -48.65
C GLY A 65 21.38 -16.30 -47.84
N THR A 66 20.44 -17.00 -48.48
CA THR A 66 19.22 -17.42 -47.77
C THR A 66 19.51 -18.57 -46.80
N LEU A 67 20.40 -19.48 -47.19
CA LEU A 67 20.76 -20.57 -46.28
C LEU A 67 21.44 -20.08 -45.01
N PRO A 68 22.49 -19.24 -45.07
CA PRO A 68 23.03 -18.69 -43.81
C PRO A 68 22.04 -17.81 -43.08
N TRP A 69 21.11 -17.18 -43.80
CA TRP A 69 20.06 -16.40 -43.14
C TRP A 69 19.19 -17.29 -42.26
N VAL A 70 18.70 -18.40 -42.83
CA VAL A 70 17.88 -19.33 -42.06
C VAL A 70 18.70 -19.95 -40.93
N GLN A 71 19.98 -20.23 -41.18
CA GLN A 71 20.82 -20.82 -40.14
C GLN A 71 20.99 -19.85 -38.98
N GLY A 72 21.21 -18.56 -39.26
CA GLY A 72 21.30 -17.57 -38.21
C GLY A 72 19.98 -17.35 -37.49
N ILE A 73 18.86 -17.49 -38.21
CA ILE A 73 17.56 -17.38 -37.57
C ILE A 73 17.34 -18.51 -36.58
N ILE A 74 17.71 -19.73 -36.96
CA ILE A 74 17.40 -20.89 -36.13
C ILE A 74 18.40 -21.03 -34.99
N CYS A 75 19.70 -20.89 -35.28
CA CYS A 75 20.73 -21.14 -34.28
C CYS A 75 20.68 -20.14 -33.13
N ASN A 76 20.95 -18.87 -33.42
CA ASN A 76 21.00 -17.84 -32.40
C ASN A 76 19.67 -17.10 -32.29
N ALA A 77 18.64 -17.84 -31.89
CA ALA A 77 17.32 -17.29 -31.66
C ALA A 77 17.05 -16.99 -30.19
N ASN A 78 18.01 -17.28 -29.30
CA ASN A 78 17.84 -17.05 -27.88
C ASN A 78 19.00 -16.32 -27.24
N ASN A 79 20.04 -15.94 -28.02
CA ASN A 79 21.25 -15.31 -27.50
C ASN A 79 21.85 -16.17 -26.39
N PRO A 80 22.45 -17.31 -26.74
CA PRO A 80 22.92 -18.24 -25.70
C PRO A 80 24.03 -17.68 -24.82
N CYS A 81 24.73 -16.64 -25.27
CA CYS A 81 25.80 -16.00 -24.49
C CYS A 81 26.89 -17.01 -24.13
N PHE A 82 27.58 -17.47 -25.18
CA PHE A 82 28.52 -18.58 -25.11
C PHE A 82 29.70 -18.34 -24.17
N ARG A 83 29.76 -17.17 -23.53
CA ARG A 83 30.75 -16.79 -22.52
C ARG A 83 32.14 -16.58 -23.12
N TYR A 84 32.34 -16.78 -24.42
CA TYR A 84 33.64 -16.61 -25.03
C TYR A 84 33.44 -16.06 -26.44
N PRO A 85 34.40 -15.30 -26.96
CA PRO A 85 34.25 -14.73 -28.30
C PRO A 85 34.13 -15.82 -29.36
N THR A 86 32.98 -15.84 -30.03
CA THR A 86 32.75 -16.81 -31.09
C THR A 86 33.63 -16.48 -32.30
N PRO A 87 33.98 -17.48 -33.11
CA PRO A 87 34.78 -17.20 -34.31
C PRO A 87 34.07 -16.30 -35.32
N GLY A 88 32.75 -16.15 -35.21
CA GLY A 88 32.05 -15.20 -36.07
C GLY A 88 32.47 -13.76 -35.83
N GLU A 89 32.93 -13.46 -34.61
CA GLU A 89 33.41 -12.13 -34.28
C GLU A 89 34.84 -11.88 -34.76
N ALA A 90 35.53 -12.92 -35.24
CA ALA A 90 36.89 -12.75 -35.70
C ALA A 90 36.90 -11.97 -37.03
N PRO A 91 37.94 -11.16 -37.26
CA PRO A 91 37.99 -10.39 -38.52
C PRO A 91 38.18 -11.26 -39.74
N GLY A 92 38.89 -12.38 -39.63
CA GLY A 92 39.14 -13.24 -40.76
C GLY A 92 37.98 -14.12 -41.15
N VAL A 93 37.59 -15.02 -40.25
CA VAL A 93 36.49 -15.95 -40.51
C VAL A 93 35.17 -15.31 -40.10
N VAL A 94 34.14 -15.53 -40.91
CA VAL A 94 32.82 -14.96 -40.67
C VAL A 94 31.77 -16.06 -40.77
N GLY A 95 32.18 -17.23 -41.24
CA GLY A 95 31.25 -18.34 -41.44
C GLY A 95 30.54 -18.78 -40.18
N ASN A 96 31.28 -19.36 -39.23
CA ASN A 96 30.77 -19.77 -37.93
C ASN A 96 29.74 -20.89 -38.06
N PHE A 97 29.46 -21.34 -39.28
CA PHE A 97 28.43 -22.34 -39.53
C PHE A 97 28.99 -23.50 -40.37
N ASN A 98 30.30 -23.75 -40.27
CA ASN A 98 30.92 -24.83 -41.02
C ASN A 98 30.77 -26.18 -40.36
N LYS A 99 30.25 -26.23 -39.13
CA LYS A 99 30.04 -27.50 -38.44
C LYS A 99 28.67 -28.10 -38.71
N SER A 100 27.72 -27.31 -39.19
CA SER A 100 26.40 -27.83 -39.50
C SER A 100 26.45 -28.76 -40.71
N ILE A 101 25.60 -29.78 -40.69
CA ILE A 101 25.60 -30.76 -41.77
C ILE A 101 24.83 -30.28 -42.99
N VAL A 102 23.97 -29.25 -42.84
CA VAL A 102 23.24 -28.73 -43.99
C VAL A 102 24.17 -27.98 -44.92
N ALA A 103 25.06 -27.15 -44.36
CA ALA A 103 26.03 -26.45 -45.19
C ALA A 103 26.98 -27.43 -45.86
N ARG A 104 27.38 -28.48 -45.15
CA ARG A 104 28.23 -29.50 -45.75
C ARG A 104 27.51 -30.23 -46.87
N LEU A 105 26.21 -30.51 -46.68
CA LEU A 105 25.44 -31.17 -47.72
C LEU A 105 25.31 -30.30 -48.95
N PHE A 106 25.09 -28.99 -48.77
CA PHE A 106 24.98 -28.10 -49.92
C PHE A 106 26.33 -27.95 -50.63
N SER A 107 27.43 -27.89 -49.86
CA SER A 107 28.75 -27.83 -50.48
C SER A 107 29.05 -29.10 -51.25
N ASP A 108 28.64 -30.26 -50.72
CA ASP A 108 28.84 -31.51 -51.43
C ASP A 108 27.97 -31.60 -52.68
N ALA A 109 26.77 -31.03 -52.64
CA ALA A 109 25.93 -30.97 -53.84
C ALA A 109 26.58 -30.08 -54.90
N ARG A 110 27.16 -28.95 -54.48
CA ARG A 110 27.87 -28.10 -55.42
C ARG A 110 29.07 -28.82 -56.01
N ARG A 111 29.81 -29.57 -55.18
CA ARG A 111 30.95 -30.33 -55.67
C ARG A 111 30.51 -31.40 -56.65
N LEU A 112 29.38 -32.06 -56.39
CA LEU A 112 28.86 -33.07 -57.32
C LEU A 112 28.42 -32.43 -58.63
N LEU A 113 27.83 -31.23 -58.55
CA LEU A 113 27.45 -30.52 -59.77
C LEU A 113 28.68 -30.18 -60.61
N LEU A 114 29.73 -29.66 -59.96
CA LEU A 114 30.97 -29.36 -60.67
C LEU A 114 31.60 -30.62 -61.26
N TYR A 115 31.57 -31.72 -60.51
CA TYR A 115 32.12 -32.97 -61.00
C TYR A 115 31.37 -33.46 -62.24
N SER A 116 30.03 -33.46 -62.17
CA SER A 116 29.24 -33.83 -63.33
C SER A 116 29.48 -32.90 -64.50
N GLN A 117 29.78 -31.62 -64.22
CA GLN A 117 30.18 -30.71 -65.29
C GLN A 117 31.50 -31.15 -65.93
N LYS A 118 32.42 -31.66 -65.12
CA LYS A 118 33.71 -32.15 -65.61
C LYS A 118 33.78 -33.68 -65.65
N ASP A 119 32.63 -34.35 -65.78
CA ASP A 119 32.57 -35.80 -65.80
C ASP A 119 32.38 -36.31 -67.21
N THR A 120 33.14 -37.35 -67.56
CA THR A 120 32.98 -38.04 -68.84
C THR A 120 32.74 -39.53 -68.67
N SER A 121 32.52 -39.99 -67.43
CA SER A 121 32.37 -41.43 -67.18
C SER A 121 31.19 -42.01 -67.94
N MET A 122 30.12 -41.23 -68.10
CA MET A 122 28.99 -41.69 -68.90
C MET A 122 29.42 -41.93 -70.34
N LYS A 123 30.19 -41.00 -70.92
CA LYS A 123 30.68 -41.19 -72.28
C LYS A 123 31.63 -42.37 -72.37
N ASP A 124 32.47 -42.56 -71.34
CA ASP A 124 33.39 -43.69 -71.34
C ASP A 124 32.63 -45.02 -71.34
N MET A 125 31.66 -45.17 -70.45
CA MET A 125 30.89 -46.41 -70.40
C MET A 125 30.05 -46.59 -71.66
N ARG A 126 29.56 -45.49 -72.24
CA ARG A 126 28.79 -45.60 -73.48
C ARG A 126 29.67 -46.10 -74.62
N LYS A 127 30.88 -45.55 -74.75
CA LYS A 127 31.77 -46.01 -75.82
C LYS A 127 32.28 -47.43 -75.55
N VAL A 128 32.40 -47.82 -74.28
CA VAL A 128 32.77 -49.19 -73.97
C VAL A 128 31.67 -50.15 -74.39
N LEU A 129 30.42 -49.81 -74.07
CA LEU A 129 29.30 -50.63 -74.53
C LEU A 129 29.26 -50.68 -76.06
N ARG A 130 29.52 -49.54 -76.71
CA ARG A 130 29.52 -49.50 -78.17
C ARG A 130 30.57 -50.42 -78.76
N THR A 131 31.81 -50.32 -78.27
CA THR A 131 32.88 -51.14 -78.85
C THR A 131 32.69 -52.62 -78.52
N LEU A 132 32.12 -52.95 -77.35
CA LEU A 132 31.87 -54.35 -77.06
C LEU A 132 30.73 -54.91 -77.91
N GLN A 133 29.77 -54.05 -78.30
CA GLN A 133 28.73 -54.52 -79.20
C GLN A 133 29.18 -54.59 -80.65
N GLN A 134 30.15 -53.77 -81.04
CA GLN A 134 30.64 -53.81 -82.42
C GLN A 134 31.69 -54.90 -82.64
N ILE A 135 32.49 -55.20 -81.62
CA ILE A 135 33.57 -56.19 -81.77
C ILE A 135 33.11 -57.58 -81.38
N LYS A 136 32.51 -57.72 -80.20
CA LYS A 136 32.06 -59.02 -79.73
C LYS A 136 30.70 -59.42 -80.29
N LYS A 137 29.77 -58.46 -80.38
CA LYS A 137 28.44 -58.65 -80.92
C LYS A 137 27.61 -59.67 -80.14
N SER A 138 28.07 -60.09 -78.96
CA SER A 138 27.33 -61.05 -78.14
C SER A 138 27.71 -60.80 -76.68
N SER A 139 26.86 -60.09 -75.96
CA SER A 139 27.10 -59.80 -74.56
C SER A 139 25.85 -59.88 -73.69
N SER A 140 24.71 -60.29 -74.23
CA SER A 140 23.48 -60.38 -73.45
C SER A 140 23.27 -61.80 -72.91
N LYS A 199 17.14 -85.27 -65.88
CA LYS A 199 18.48 -84.72 -65.79
C LYS A 199 18.57 -83.37 -66.50
N SER A 200 17.52 -83.04 -67.26
CA SER A 200 17.50 -81.77 -67.99
C SER A 200 17.16 -80.61 -67.05
N GLU A 201 15.99 -80.68 -66.41
CA GLU A 201 15.59 -79.61 -65.50
C GLU A 201 16.45 -79.57 -64.26
N GLU A 202 16.88 -80.75 -63.77
CA GLU A 202 17.72 -80.79 -62.58
C GLU A 202 19.06 -80.10 -62.82
N MET A 203 19.56 -80.11 -64.06
CA MET A 203 20.77 -79.39 -64.40
C MET A 203 20.51 -77.94 -64.77
N ILE A 204 19.37 -77.65 -65.40
CA ILE A 204 19.05 -76.27 -65.76
C ILE A 204 18.85 -75.43 -64.51
N GLN A 205 18.12 -75.95 -63.52
CA GLN A 205 17.92 -75.20 -62.28
C GLN A 205 19.23 -75.02 -61.53
N LEU A 206 20.10 -76.03 -61.54
CA LEU A 206 21.38 -75.91 -60.87
C LEU A 206 22.26 -74.86 -61.54
N GLY A 207 22.25 -74.82 -62.88
CA GLY A 207 23.01 -73.80 -63.59
C GLY A 207 22.44 -72.41 -63.40
N ASP A 208 21.12 -72.28 -63.31
CA ASP A 208 20.51 -70.98 -63.10
C ASP A 208 20.76 -70.46 -61.68
N GLN A 209 20.75 -71.36 -60.70
CA GLN A 209 20.99 -70.95 -59.32
C GLN A 209 22.46 -70.70 -59.04
N GLU A 210 23.35 -71.44 -59.68
CA GLU A 210 24.80 -71.30 -59.51
C GLU A 210 25.43 -70.51 -60.64
N VAL A 211 24.73 -69.51 -61.17
CA VAL A 211 25.25 -68.68 -62.26
C VAL A 211 26.03 -67.55 -61.62
N SER A 212 27.31 -67.83 -61.33
CA SER A 212 28.19 -66.85 -60.70
C SER A 212 29.53 -66.77 -61.43
N GLU A 213 30.49 -66.05 -60.84
CA GLU A 213 31.79 -65.91 -61.47
C GLU A 213 32.57 -67.22 -61.44
N LEU A 214 32.47 -67.98 -60.35
CA LEU A 214 33.20 -69.23 -60.21
C LEU A 214 32.32 -70.41 -59.84
N CYS A 215 31.02 -70.20 -59.63
CA CYS A 215 30.13 -71.30 -59.27
C CYS A 215 29.83 -72.21 -60.45
N GLY A 216 30.13 -71.79 -61.68
CA GLY A 216 29.86 -72.63 -62.84
C GLY A 216 30.68 -73.91 -62.81
N LEU A 217 31.98 -73.78 -62.55
CA LEU A 217 32.82 -74.98 -62.42
C LEU A 217 32.42 -75.83 -61.23
N PRO A 218 32.02 -75.27 -60.08
CA PRO A 218 31.55 -76.14 -58.99
C PRO A 218 30.28 -76.88 -59.33
N ARG A 219 29.34 -76.21 -60.01
CA ARG A 219 28.12 -76.90 -60.44
C ARG A 219 28.43 -77.99 -61.46
N GLU A 220 29.37 -77.73 -62.37
CA GLU A 220 29.76 -78.73 -63.34
C GLU A 220 30.40 -79.93 -62.67
N LYS A 221 31.24 -79.69 -61.66
CA LYS A 221 31.88 -80.79 -60.93
C LYS A 221 30.84 -81.59 -60.14
N LEU A 222 29.89 -80.90 -59.51
CA LEU A 222 28.84 -81.60 -58.77
C LEU A 222 27.96 -82.42 -59.70
N ALA A 223 27.73 -81.94 -60.92
CA ALA A 223 26.96 -82.71 -61.88
C ALA A 223 27.74 -83.92 -62.39
N ALA A 224 29.03 -83.73 -62.69
CA ALA A 224 29.85 -84.83 -63.18
C ALA A 224 30.14 -85.87 -62.12
N ALA A 225 30.04 -85.50 -60.83
CA ALA A 225 30.25 -86.48 -59.76
C ALA A 225 29.21 -87.59 -59.81
N GLU A 226 28.01 -87.30 -60.31
CA GLU A 226 26.95 -88.28 -60.44
C GLU A 226 26.63 -88.62 -61.90
N ARG A 227 27.35 -88.02 -62.85
CA ARG A 227 27.09 -88.26 -64.27
C ARG A 227 28.38 -88.68 -64.98
N VAL A 228 28.34 -88.72 -66.30
CA VAL A 228 29.47 -89.12 -67.10
C VAL A 228 30.24 -87.88 -67.54
N LEU A 229 31.46 -88.09 -68.02
CA LEU A 229 32.34 -86.99 -68.43
C LEU A 229 31.88 -86.29 -69.70
N ARG A 230 30.71 -86.65 -70.25
CA ARG A 230 30.21 -85.97 -71.45
C ARG A 230 29.99 -84.48 -71.21
N SER A 231 29.67 -84.10 -69.98
CA SER A 231 29.49 -82.71 -69.60
C SER A 231 30.80 -82.06 -69.14
N ASN A 232 31.94 -82.71 -69.37
CA ASN A 232 33.24 -82.19 -68.98
C ASN A 232 33.95 -81.46 -70.11
N MET A 233 33.95 -82.03 -71.32
CA MET A 233 34.61 -81.37 -72.44
C MET A 233 34.00 -80.01 -72.73
N ASP A 234 32.66 -79.91 -72.67
CA ASP A 234 32.01 -78.62 -72.83
C ASP A 234 32.44 -77.64 -71.74
N ILE A 235 32.76 -78.15 -70.55
CA ILE A 235 33.26 -77.30 -69.48
C ILE A 235 34.58 -76.65 -69.85
N LEU A 236 35.32 -77.25 -70.78
CA LEU A 236 36.54 -76.62 -71.27
C LEU A 236 36.25 -75.38 -72.11
N LYS A 237 35.06 -75.29 -72.71
CA LYS A 237 34.70 -74.12 -73.49
C LYS A 237 34.41 -72.94 -72.58
N PRO A 238 33.70 -73.16 -71.46
CA PRO A 238 33.43 -72.04 -70.54
C PRO A 238 34.61 -71.68 -69.66
N ILE A 239 35.66 -72.51 -69.60
CA ILE A 239 36.81 -72.19 -68.77
C ILE A 239 37.60 -71.03 -69.36
N LEU A 240 37.59 -70.89 -70.69
CA LEU A 240 38.31 -69.79 -71.33
C LEU A 240 37.61 -68.45 -71.13
N ARG A 241 36.31 -68.45 -70.84
CA ARG A 241 35.58 -67.21 -70.62
C ARG A 241 35.68 -66.74 -69.17
N THR A 242 35.61 -67.67 -68.21
CA THR A 242 35.71 -67.36 -66.78
C THR A 242 34.65 -66.35 -66.36
N LEU A 243 33.45 -66.47 -66.95
CA LEU A 243 32.33 -65.58 -66.65
C LEU A 243 32.70 -64.12 -66.94
N ASN A 244 33.20 -63.89 -68.15
CA ASN A 244 33.56 -62.54 -68.63
C ASN A 244 34.60 -61.89 -67.72
N SER A 245 35.63 -62.65 -67.38
CA SER A 245 36.74 -62.15 -66.56
C SER A 245 37.93 -61.72 -67.42
N THR A 246 38.43 -62.63 -68.25
CA THR A 246 39.56 -62.35 -69.13
C THR A 246 39.13 -61.90 -70.51
N SER A 247 37.84 -61.65 -70.72
CA SER A 247 37.37 -61.23 -72.03
C SER A 247 38.00 -59.92 -72.51
N PRO A 248 38.41 -59.00 -71.64
CA PRO A 248 39.10 -57.79 -72.12
C PRO A 248 40.50 -58.07 -72.61
N PHE A 249 41.10 -59.22 -72.26
CA PHE A 249 42.44 -59.58 -72.70
C PHE A 249 42.47 -59.81 -74.21
N PRO A 250 41.35 -60.21 -74.81
CA PRO A 250 41.37 -60.50 -76.26
C PRO A 250 41.66 -59.26 -77.11
N SER A 251 40.92 -58.18 -76.90
CA SER A 251 41.11 -56.97 -77.70
C SER A 251 42.19 -56.09 -77.09
N LYS A 252 42.68 -55.15 -77.90
CA LYS A 252 43.75 -54.24 -77.50
C LYS A 252 43.21 -52.90 -77.04
N GLU A 253 42.44 -52.21 -77.89
CA GLU A 253 41.89 -50.91 -77.51
C GLU A 253 40.83 -51.05 -76.43
N LEU A 254 40.12 -52.19 -76.40
CA LEU A 254 39.14 -52.42 -75.35
C LEU A 254 39.77 -52.45 -73.97
N ALA A 255 41.02 -52.91 -73.88
CA ALA A 255 41.72 -52.90 -72.59
C ALA A 255 41.92 -51.48 -72.09
N GLU A 256 42.41 -50.58 -72.94
CA GLU A 256 42.59 -49.19 -72.54
C GLU A 256 41.26 -48.52 -72.25
N ALA A 257 40.22 -48.84 -73.03
CA ALA A 257 38.91 -48.27 -72.77
C ALA A 257 38.37 -48.71 -71.40
N THR A 258 38.52 -50.00 -71.08
CA THR A 258 38.08 -50.49 -69.78
C THR A 258 38.90 -49.90 -68.65
N LYS A 259 40.20 -49.68 -68.87
CA LYS A 259 41.03 -49.06 -67.85
C LYS A 259 40.59 -47.62 -67.59
N THR A 260 40.31 -46.86 -68.65
CA THR A 260 39.84 -45.49 -68.48
C THR A 260 38.48 -45.47 -67.79
N LEU A 261 37.58 -46.38 -68.17
CA LEU A 261 36.27 -46.44 -67.52
C LEU A 261 36.40 -46.80 -66.05
N LEU A 262 37.31 -47.72 -65.72
CA LEU A 262 37.51 -48.10 -64.33
C LEU A 262 38.09 -46.94 -63.53
N HIS A 263 39.02 -46.18 -64.12
CA HIS A 263 39.56 -45.02 -63.43
C HIS A 263 38.48 -43.97 -63.18
N SER A 264 37.64 -43.72 -64.18
CA SER A 264 36.56 -42.75 -64.02
C SER A 264 35.57 -43.20 -62.95
N LEU A 265 35.21 -44.50 -62.95
CA LEU A 265 34.32 -45.03 -61.94
C LEU A 265 34.95 -44.94 -60.55
N GLY A 266 36.26 -45.17 -60.46
CA GLY A 266 36.93 -45.06 -59.18
C GLY A 266 36.90 -43.64 -58.64
N THR A 267 37.18 -42.65 -59.49
CA THR A 267 37.09 -41.26 -59.06
C THR A 267 35.66 -40.90 -58.65
N LEU A 268 34.67 -41.36 -59.42
CA LEU A 268 33.28 -41.06 -59.10
C LEU A 268 32.88 -41.65 -57.77
N ALA A 269 33.25 -42.92 -57.53
CA ALA A 269 32.92 -43.56 -56.27
C ALA A 269 33.66 -42.89 -55.11
N GLN A 270 34.92 -42.51 -55.30
CA GLN A 270 35.67 -41.81 -54.27
C GLN A 270 34.97 -40.50 -53.90
N GLU A 271 34.53 -39.75 -54.89
CA GLU A 271 33.82 -38.50 -54.62
C GLU A 271 32.51 -38.77 -53.87
N LEU A 272 31.71 -39.72 -54.38
CA LEU A 272 30.40 -39.99 -53.79
C LEU A 272 30.52 -40.49 -52.36
N PHE A 273 31.59 -41.21 -52.04
CA PHE A 273 31.78 -41.74 -50.70
C PHE A 273 32.57 -40.79 -49.79
N SER A 274 33.23 -39.78 -50.36
CA SER A 274 33.84 -38.73 -49.56
C SER A 274 32.91 -37.55 -49.34
N MET A 275 31.73 -37.56 -49.96
CA MET A 275 30.69 -36.59 -49.61
C MET A 275 30.46 -36.56 -48.10
N ARG A 276 30.07 -37.71 -47.54
CA ARG A 276 29.96 -37.93 -46.09
C ARG A 276 28.93 -37.03 -45.42
N SER A 277 28.03 -36.40 -46.18
CA SER A 277 26.99 -35.57 -45.60
C SER A 277 25.64 -36.24 -45.55
N TRP A 278 25.25 -36.92 -46.64
CA TRP A 278 23.96 -37.60 -46.65
C TRP A 278 23.90 -38.73 -45.63
N SER A 279 25.04 -39.35 -45.32
CA SER A 279 25.08 -40.38 -44.30
C SER A 279 24.69 -39.81 -42.93
N ASP A 280 25.32 -38.69 -42.55
CA ASP A 280 24.97 -38.06 -41.29
C ASP A 280 23.55 -37.55 -41.29
N MET A 281 23.08 -37.02 -42.43
CA MET A 281 21.71 -36.55 -42.52
C MET A 281 20.72 -37.69 -42.29
N ARG A 282 20.96 -38.84 -42.93
CA ARG A 282 20.09 -40.00 -42.77
C ARG A 282 20.14 -40.52 -41.33
N GLN A 283 21.33 -40.61 -40.75
CA GLN A 283 21.44 -41.05 -39.35
C GLN A 283 20.66 -40.14 -38.43
N GLU A 284 20.75 -38.81 -38.64
CA GLU A 284 20.06 -37.88 -37.76
C GLU A 284 18.55 -37.94 -37.95
N VAL A 285 18.08 -38.06 -39.20
CA VAL A 285 16.63 -38.10 -39.42
C VAL A 285 16.05 -39.43 -38.96
N MET A 286 16.87 -40.50 -38.92
CA MET A 286 16.38 -41.76 -38.38
C MET A 286 16.42 -41.79 -36.86
N PHE A 287 17.39 -41.09 -36.25
CA PHE A 287 17.44 -41.01 -34.80
C PHE A 287 16.38 -40.08 -34.23
N LEU A 288 16.04 -39.01 -34.95
CA LEU A 288 15.03 -38.07 -34.46
C LEU A 288 13.64 -38.69 -34.47
N THR A 289 13.35 -39.56 -35.44
CA THR A 289 12.05 -40.20 -35.53
C THR A 289 12.17 -41.71 -35.36
N SER A 296 9.60 -39.32 -25.89
CA SER A 296 10.27 -38.07 -26.22
C SER A 296 10.99 -37.49 -25.02
N SER A 297 12.02 -36.70 -25.28
CA SER A 297 12.82 -36.07 -24.23
C SER A 297 13.49 -34.84 -24.82
N THR A 298 14.47 -34.29 -24.08
CA THR A 298 15.21 -33.12 -24.54
C THR A 298 16.27 -33.46 -25.58
N GLN A 299 16.43 -34.74 -25.93
CA GLN A 299 17.43 -35.11 -26.92
C GLN A 299 17.05 -34.67 -28.33
N ILE A 300 15.77 -34.45 -28.59
CA ILE A 300 15.34 -33.99 -29.91
C ILE A 300 15.87 -32.58 -30.17
N TYR A 301 15.99 -31.77 -29.12
CA TYR A 301 16.55 -30.42 -29.28
C TYR A 301 18.01 -30.50 -29.72
N GLN A 302 18.81 -31.31 -29.04
CA GLN A 302 20.20 -31.49 -29.44
C GLN A 302 20.31 -32.11 -30.83
N ALA A 303 19.38 -33.00 -31.18
CA ALA A 303 19.40 -33.61 -32.50
C ALA A 303 19.16 -32.58 -33.59
N VAL A 304 18.10 -31.77 -33.46
CA VAL A 304 17.81 -30.76 -34.46
C VAL A 304 18.88 -29.68 -34.46
N SER A 305 19.55 -29.47 -33.32
CA SER A 305 20.67 -28.52 -33.30
C SER A 305 21.85 -29.06 -34.08
N ARG A 306 22.16 -30.35 -33.93
CA ARG A 306 23.23 -30.94 -34.72
C ARG A 306 22.87 -30.99 -36.20
N ILE A 307 21.59 -31.12 -36.54
CA ILE A 307 21.20 -31.11 -37.95
C ILE A 307 21.35 -29.72 -38.54
N VAL A 308 20.67 -28.72 -37.96
CA VAL A 308 20.62 -27.39 -38.55
C VAL A 308 21.78 -26.50 -38.14
N CYS A 309 22.56 -26.89 -37.13
CA CYS A 309 23.64 -26.05 -36.61
C CYS A 309 24.80 -26.95 -36.21
N GLY A 310 25.75 -26.37 -35.49
CA GLY A 310 26.86 -27.14 -34.96
C GLY A 310 26.55 -27.74 -33.60
N HIS A 311 27.44 -27.52 -32.64
CA HIS A 311 27.23 -28.04 -31.28
C HIS A 311 26.34 -27.09 -30.47
N THR A 352 -4.37 -28.39 -47.47
CA THR A 352 -4.55 -27.24 -46.59
C THR A 352 -4.60 -27.61 -45.09
N PRO A 353 -5.44 -28.57 -44.69
CA PRO A 353 -5.51 -28.91 -43.26
C PRO A 353 -4.25 -29.56 -42.73
N TYR A 354 -3.44 -30.20 -43.60
CA TYR A 354 -2.22 -30.85 -43.14
C TYR A 354 -1.21 -29.84 -42.63
N CYS A 355 -0.95 -28.78 -43.41
CA CYS A 355 0.00 -27.77 -42.97
C CYS A 355 -0.54 -26.99 -41.79
N ASN A 356 -1.87 -26.82 -41.70
CA ASN A 356 -2.46 -26.23 -40.50
C ASN A 356 -2.19 -27.11 -39.27
N ASP A 357 -2.29 -28.43 -39.43
CA ASP A 357 -1.97 -29.33 -38.33
C ASP A 357 -0.49 -29.24 -37.96
N LEU A 358 0.39 -29.09 -38.96
CA LEU A 358 1.81 -28.90 -38.66
C LEU A 358 2.04 -27.61 -37.88
N MET A 359 1.36 -26.53 -38.27
CA MET A 359 1.49 -25.27 -37.53
C MET A 359 0.95 -25.42 -36.11
N LYS A 360 -0.11 -26.21 -35.93
CA LYS A 360 -0.63 -26.44 -34.59
C LYS A 360 0.35 -27.23 -33.74
N ASN A 361 0.99 -28.26 -34.33
CA ASN A 361 2.01 -29.00 -33.60
C ASN A 361 3.20 -28.10 -33.25
N LEU A 362 3.56 -27.19 -34.15
CA LEU A 362 4.62 -26.23 -33.85
C LEU A 362 4.20 -25.25 -32.78
N GLU A 363 2.89 -25.00 -32.65
CA GLU A 363 2.40 -24.11 -31.61
C GLU A 363 2.60 -24.68 -30.22
N SER A 364 2.65 -26.01 -30.08
CA SER A 364 2.96 -26.63 -28.79
C SER A 364 4.40 -26.37 -28.37
N SER A 365 5.22 -25.80 -29.24
CA SER A 365 6.61 -25.42 -29.00
C SER A 365 7.45 -26.56 -28.46
N PRO A 366 7.73 -27.60 -29.26
CA PRO A 366 8.76 -28.56 -28.85
C PRO A 366 10.15 -28.08 -29.26
N LEU A 367 10.40 -26.80 -29.02
CA LEU A 367 11.61 -26.11 -29.44
C LEU A 367 11.59 -24.73 -28.81
N SER A 368 12.55 -23.89 -29.17
CA SER A 368 12.56 -22.51 -28.70
C SER A 368 11.37 -21.76 -29.30
N ARG A 369 10.59 -21.10 -28.44
CA ARG A 369 9.42 -20.37 -28.90
C ARG A 369 9.79 -19.19 -29.78
N ILE A 370 11.00 -18.65 -29.61
CA ILE A 370 11.42 -17.52 -30.43
C ILE A 370 11.63 -17.96 -31.87
N ILE A 371 12.00 -19.22 -32.09
CA ILE A 371 12.14 -19.73 -33.46
C ILE A 371 10.79 -19.68 -34.17
N TRP A 372 9.74 -20.14 -33.51
CA TRP A 372 8.41 -20.08 -34.10
C TRP A 372 7.93 -18.64 -34.25
N LYS A 373 8.25 -17.78 -33.27
CA LYS A 373 7.86 -16.38 -33.37
C LYS A 373 8.51 -15.70 -34.56
N ALA A 374 9.74 -16.09 -34.88
CA ALA A 374 10.44 -15.50 -36.02
C ALA A 374 10.01 -16.13 -37.35
N LEU A 375 9.64 -17.42 -37.33
CA LEU A 375 9.20 -18.08 -38.55
C LEU A 375 7.75 -17.77 -38.91
N LYS A 376 6.97 -17.27 -37.95
CA LYS A 376 5.58 -16.90 -38.25
C LYS A 376 5.47 -15.84 -39.35
N PRO A 377 6.18 -14.71 -39.29
CA PRO A 377 6.07 -13.73 -40.39
C PRO A 377 6.83 -14.12 -41.64
N LEU A 378 7.58 -15.22 -41.62
CA LEU A 378 8.41 -15.60 -42.76
C LEU A 378 7.65 -16.46 -43.77
N LEU A 379 6.98 -17.52 -43.30
CA LEU A 379 6.26 -18.44 -44.17
C LEU A 379 4.75 -18.29 -44.08
N VAL A 380 4.26 -17.32 -43.30
CA VAL A 380 2.83 -17.03 -43.21
C VAL A 380 2.54 -15.57 -43.55
N GLY A 381 3.36 -14.65 -43.05
CA GLY A 381 3.15 -13.23 -43.30
C GLY A 381 3.21 -12.89 -44.77
N LYS A 382 2.79 -11.66 -45.06
CA LYS A 382 2.69 -11.17 -46.43
C LYS A 382 3.00 -9.69 -46.47
N ILE A 383 3.72 -9.26 -47.49
CA ILE A 383 4.17 -7.88 -47.61
C ILE A 383 3.38 -7.19 -48.72
N LEU A 384 3.37 -5.86 -48.68
CA LEU A 384 2.64 -5.06 -49.65
C LEU A 384 3.41 -3.76 -49.87
N TYR A 385 3.07 -3.06 -50.96
CA TYR A 385 3.81 -1.87 -51.35
C TYR A 385 2.82 -0.83 -51.91
N THR A 386 3.38 0.21 -52.54
CA THR A 386 2.69 1.40 -53.00
C THR A 386 2.13 1.20 -54.42
N PRO A 387 1.44 2.23 -54.99
CA PRO A 387 1.06 2.15 -56.41
C PRO A 387 2.14 1.61 -57.33
N ASP A 388 1.72 0.90 -58.39
CA ASP A 388 2.63 0.15 -59.23
C ASP A 388 3.44 1.05 -60.16
N THR A 389 4.39 1.79 -59.59
CA THR A 389 5.35 2.52 -60.40
C THR A 389 6.31 1.52 -61.05
N PRO A 390 6.61 1.65 -62.34
CA PRO A 390 7.54 0.69 -62.98
C PRO A 390 8.88 0.58 -62.28
N ALA A 391 9.38 1.67 -61.71
CA ALA A 391 10.58 1.57 -60.87
C ALA A 391 10.30 0.76 -59.61
N THR A 392 9.20 1.10 -58.92
CA THR A 392 8.76 0.30 -57.78
C THR A 392 8.43 -1.13 -58.21
N ARG A 393 7.90 -1.30 -59.42
CA ARG A 393 7.63 -2.64 -59.93
C ARG A 393 8.93 -3.45 -60.07
N GLN A 394 9.98 -2.84 -60.60
CA GLN A 394 11.26 -3.53 -60.72
C GLN A 394 11.86 -3.82 -59.36
N VAL A 395 11.72 -2.89 -58.42
CA VAL A 395 12.23 -3.13 -57.06
C VAL A 395 11.51 -4.31 -56.43
N MET A 396 10.18 -4.35 -56.55
CA MET A 396 9.41 -5.47 -56.00
C MET A 396 9.72 -6.76 -56.74
N ALA A 397 10.04 -6.70 -58.03
CA ALA A 397 10.42 -7.91 -58.76
C ALA A 397 11.76 -8.44 -58.28
N GLU A 398 12.71 -7.55 -57.98
CA GLU A 398 13.99 -7.99 -57.44
C GLU A 398 13.81 -8.56 -56.04
N VAL A 399 12.92 -7.96 -55.23
CA VAL A 399 12.62 -8.52 -53.91
C VAL A 399 11.99 -9.90 -54.06
N ASN A 400 11.10 -10.06 -55.04
CA ASN A 400 10.47 -11.35 -55.27
C ASN A 400 11.48 -12.39 -55.73
N LYS A 401 12.47 -11.98 -56.53
CA LYS A 401 13.53 -12.89 -56.91
C LYS A 401 14.37 -13.31 -55.72
N THR A 402 14.72 -12.35 -54.86
CA THR A 402 15.46 -12.67 -53.64
C THR A 402 14.69 -13.64 -52.76
N PHE A 403 13.35 -13.49 -52.71
CA PHE A 403 12.53 -14.39 -51.91
C PHE A 403 12.45 -15.77 -52.54
N GLN A 404 12.16 -15.84 -53.84
CA GLN A 404 12.03 -17.11 -54.54
C GLN A 404 13.36 -17.83 -54.69
N GLU A 405 14.48 -17.17 -54.38
CA GLU A 405 15.75 -17.89 -54.26
C GLU A 405 15.66 -19.04 -53.26
N LEU A 406 14.78 -18.93 -52.27
CA LEU A 406 14.54 -19.99 -51.31
C LEU A 406 13.48 -20.99 -51.76
N ALA A 407 12.93 -20.82 -52.96
CA ALA A 407 11.86 -21.68 -53.46
C ALA A 407 12.37 -22.88 -54.23
N VAL A 408 13.58 -23.36 -53.92
CA VAL A 408 14.12 -24.54 -54.58
C VAL A 408 13.34 -25.79 -54.20
N PHE A 409 12.65 -25.78 -53.07
CA PHE A 409 11.88 -26.93 -52.61
C PHE A 409 10.47 -26.97 -53.18
N HIS A 410 10.05 -25.94 -53.92
CA HIS A 410 8.72 -25.95 -54.52
C HIS A 410 8.68 -26.81 -55.77
N ASP A 411 9.61 -26.57 -56.70
CA ASP A 411 9.71 -27.36 -57.92
C ASP A 411 10.45 -28.67 -57.72
N LEU A 412 10.82 -29.01 -56.48
CA LEU A 412 11.51 -30.26 -56.20
C LEU A 412 10.61 -31.45 -56.47
N GLU A 413 9.33 -31.34 -56.13
CA GLU A 413 8.39 -32.42 -56.41
C GLU A 413 8.22 -32.63 -57.91
N GLY A 414 8.12 -31.53 -58.67
CA GLY A 414 8.03 -31.66 -60.11
C GLY A 414 9.23 -32.35 -60.73
N MET A 415 10.43 -32.13 -60.15
CA MET A 415 11.60 -32.86 -60.59
C MET A 415 11.51 -34.33 -60.21
N TRP A 416 11.06 -34.61 -58.97
CA TRP A 416 10.97 -36.00 -58.51
C TRP A 416 9.75 -36.73 -59.08
N GLU A 417 8.85 -36.03 -59.76
CA GLU A 417 7.71 -36.67 -60.42
C GLU A 417 7.98 -36.99 -61.89
N GLU A 418 9.14 -36.60 -62.41
CA GLU A 418 9.51 -36.86 -63.80
C GLU A 418 10.78 -37.67 -63.94
N LEU A 419 11.79 -37.41 -63.12
CA LEU A 419 13.06 -38.11 -63.20
C LEU A 419 13.10 -39.38 -62.35
N SER A 420 12.07 -39.64 -61.56
CA SER A 420 12.06 -40.84 -60.73
C SER A 420 11.91 -42.11 -61.56
N PRO A 421 11.07 -42.14 -62.61
CA PRO A 421 11.05 -43.37 -63.44
C PRO A 421 12.35 -43.59 -64.18
N LYS A 422 12.99 -42.52 -64.66
CA LYS A 422 14.25 -42.67 -65.38
C LYS A 422 15.34 -43.22 -64.46
N ILE A 423 15.44 -42.68 -63.24
CA ILE A 423 16.44 -43.16 -62.30
C ILE A 423 16.07 -44.53 -61.74
N TRP A 424 14.80 -44.90 -61.78
CA TRP A 424 14.40 -46.22 -61.32
C TRP A 424 14.75 -47.29 -62.35
N THR A 425 14.48 -47.02 -63.62
CA THR A 425 14.87 -47.94 -64.69
C THR A 425 16.38 -47.92 -64.93
N PHE A 426 17.06 -46.84 -64.56
CA PHE A 426 18.51 -46.79 -64.72
C PHE A 426 19.22 -47.66 -63.69
N MET A 427 18.56 -48.01 -62.60
CA MET A 427 19.14 -48.82 -61.55
C MET A 427 18.54 -50.22 -61.49
N GLU A 428 17.74 -50.61 -62.47
CA GLU A 428 17.06 -51.91 -62.48
C GLU A 428 17.51 -52.81 -63.62
N ASN A 429 17.41 -52.33 -64.87
CA ASN A 429 17.65 -53.18 -66.02
C ASN A 429 18.54 -52.52 -67.08
N SER A 430 19.37 -51.57 -66.69
CA SER A 430 20.27 -50.91 -67.64
C SER A 430 21.54 -51.73 -67.82
N GLN A 431 21.92 -51.99 -69.08
CA GLN A 431 23.12 -52.76 -69.36
C GLN A 431 24.37 -52.05 -68.86
N GLU A 432 24.34 -50.72 -68.76
CA GLU A 432 25.49 -49.99 -68.23
C GLU A 432 25.75 -50.35 -66.78
N MET A 433 24.70 -50.38 -65.96
CA MET A 433 24.88 -50.78 -64.58
C MET A 433 25.26 -52.25 -64.48
N ASP A 434 24.79 -53.08 -65.41
CA ASP A 434 25.18 -54.49 -65.41
C ASP A 434 26.67 -54.65 -65.66
N LEU A 435 27.20 -53.93 -66.67
CA LEU A 435 28.64 -54.01 -66.93
C LEU A 435 29.44 -53.36 -65.81
N VAL A 436 28.88 -52.36 -65.13
CA VAL A 436 29.54 -51.81 -63.95
C VAL A 436 29.64 -52.87 -62.85
N ARG A 437 28.55 -53.61 -62.62
CA ARG A 437 28.58 -54.69 -61.64
C ARG A 437 29.60 -55.76 -62.03
N MET A 438 29.67 -56.08 -63.32
CA MET A 438 30.63 -57.09 -63.78
C MET A 438 32.06 -56.61 -63.57
N LEU A 439 32.34 -55.35 -63.88
CA LEU A 439 33.66 -54.77 -63.67
C LEU A 439 33.99 -54.61 -62.19
N LEU A 440 32.97 -54.58 -61.32
CA LEU A 440 33.23 -54.42 -59.89
C LEU A 440 33.69 -55.70 -59.23
N ASP A 441 33.37 -56.86 -59.81
CA ASP A 441 33.71 -58.16 -59.22
C ASP A 441 34.52 -58.96 -60.22
N SER A 442 35.80 -59.14 -59.94
CA SER A 442 36.69 -59.99 -60.73
C SER A 442 37.89 -60.38 -59.87
N ARG A 443 38.94 -60.85 -60.51
CA ARG A 443 40.14 -61.27 -59.79
C ARG A 443 41.11 -60.11 -59.55
N ASP A 444 41.27 -59.22 -60.52
CA ASP A 444 42.14 -58.06 -60.37
C ASP A 444 41.40 -56.74 -60.25
N ASN A 445 40.11 -56.70 -60.60
CA ASN A 445 39.35 -55.47 -60.45
C ASN A 445 39.19 -55.09 -58.99
N ASP A 446 39.06 -56.07 -58.10
CA ASP A 446 38.98 -55.77 -56.68
C ASP A 446 40.28 -55.18 -56.17
N HIS A 447 41.42 -55.69 -56.65
CA HIS A 447 42.72 -55.10 -56.30
C HIS A 447 42.83 -53.68 -56.84
N PHE A 448 42.37 -53.45 -58.07
CA PHE A 448 42.41 -52.11 -58.64
C PHE A 448 41.54 -51.14 -57.82
N TRP A 449 40.36 -51.59 -57.40
CA TRP A 449 39.47 -50.75 -56.61
C TRP A 449 40.07 -50.48 -55.23
N GLU A 450 40.75 -51.48 -54.64
CA GLU A 450 41.41 -51.25 -53.36
C GLU A 450 42.56 -50.26 -53.50
N GLN A 451 43.30 -50.32 -54.62
CA GLN A 451 44.37 -49.37 -54.84
C GLN A 451 43.84 -47.96 -55.08
N GLN A 452 42.71 -47.84 -55.79
CA GLN A 452 42.13 -46.53 -56.07
C GLN A 452 41.37 -45.97 -54.87
N LEU A 453 41.00 -46.82 -53.90
CA LEU A 453 40.26 -46.36 -52.73
C LEU A 453 41.17 -45.81 -51.63
N ASP A 454 42.49 -46.05 -51.73
CA ASP A 454 43.46 -45.58 -50.74
C ASP A 454 43.16 -46.10 -49.34
N GLY A 455 42.62 -47.32 -49.26
CA GLY A 455 42.32 -47.91 -47.97
C GLY A 455 41.19 -47.26 -47.20
N LEU A 456 40.28 -46.57 -47.90
CA LEU A 456 39.16 -45.93 -47.24
C LEU A 456 38.06 -46.94 -46.93
N ASP A 457 37.03 -46.48 -46.23
CA ASP A 457 35.92 -47.34 -45.88
C ASP A 457 35.03 -47.59 -47.11
N TRP A 458 34.02 -48.44 -46.93
CA TRP A 458 33.05 -48.78 -47.97
C TRP A 458 33.76 -49.35 -49.21
N THR A 459 34.37 -50.51 -49.00
CA THR A 459 35.13 -51.18 -50.05
C THR A 459 34.19 -51.71 -51.13
N ALA A 460 34.77 -52.38 -52.12
CA ALA A 460 34.00 -52.86 -53.27
C ALA A 460 32.90 -53.82 -52.86
N GLN A 461 33.09 -54.57 -51.76
CA GLN A 461 32.05 -55.46 -51.28
C GLN A 461 30.82 -54.67 -50.83
N ASP A 462 31.03 -53.57 -50.10
CA ASP A 462 29.91 -52.73 -49.71
C ASP A 462 29.26 -52.08 -50.93
N ILE A 463 30.06 -51.73 -51.94
CA ILE A 463 29.50 -51.12 -53.14
C ILE A 463 28.61 -52.10 -53.88
N VAL A 464 29.05 -53.36 -54.01
CA VAL A 464 28.26 -54.35 -54.72
C VAL A 464 27.07 -54.81 -53.88
N ALA A 465 27.15 -54.68 -52.55
CA ALA A 465 26.00 -55.01 -51.71
C ALA A 465 24.96 -53.91 -51.71
N PHE A 466 25.38 -52.65 -51.90
CA PHE A 466 24.45 -51.53 -51.92
C PHE A 466 23.86 -51.25 -53.29
N LEU A 467 24.62 -51.49 -54.36
CA LEU A 467 24.19 -51.15 -55.71
C LEU A 467 23.61 -52.33 -56.48
N ALA A 468 24.14 -53.54 -56.28
CA ALA A 468 23.71 -54.72 -57.01
C ALA A 468 22.70 -55.49 -56.17
N LYS A 469 21.44 -55.49 -56.60
CA LYS A 469 20.39 -56.22 -55.90
C LYS A 469 19.27 -56.50 -56.89
N HIS A 470 19.09 -57.77 -57.25
CA HIS A 470 18.06 -58.15 -58.21
C HIS A 470 16.66 -58.12 -57.59
N PRO A 471 16.43 -58.77 -56.43
CA PRO A 471 15.07 -58.68 -55.90
C PRO A 471 14.90 -57.52 -54.91
N VAL A 481 21.10 -56.37 -46.32
CA VAL A 481 19.81 -55.90 -45.84
C VAL A 481 19.58 -54.47 -46.31
N TYR A 482 20.66 -53.76 -46.62
CA TYR A 482 20.61 -52.38 -47.07
C TYR A 482 21.20 -52.29 -48.47
N THR A 483 20.39 -51.78 -49.41
CA THR A 483 20.83 -51.60 -50.79
C THR A 483 20.26 -50.27 -51.29
N TRP A 484 20.29 -50.08 -52.61
CA TRP A 484 19.80 -48.83 -53.19
C TRP A 484 18.28 -48.69 -53.06
N ARG A 485 17.56 -49.78 -52.81
CA ARG A 485 16.10 -49.69 -52.74
C ARG A 485 15.65 -48.95 -51.49
N GLU A 486 16.21 -49.30 -50.33
CA GLU A 486 15.82 -48.61 -49.10
C GLU A 486 16.27 -47.15 -49.14
N ALA A 487 17.44 -46.87 -49.70
CA ALA A 487 17.89 -45.49 -49.83
C ALA A 487 16.97 -44.70 -50.75
N PHE A 488 16.51 -45.32 -51.85
CA PHE A 488 15.59 -44.65 -52.75
C PHE A 488 14.27 -44.37 -52.07
N ASN A 489 13.75 -45.33 -51.31
CA ASN A 489 12.51 -45.11 -50.57
C ASN A 489 12.67 -44.00 -49.54
N GLU A 490 13.83 -43.96 -48.86
CA GLU A 490 14.06 -42.93 -47.86
C GLU A 490 14.14 -41.54 -48.48
N THR A 491 14.86 -41.41 -49.59
CA THR A 491 14.96 -40.09 -50.22
C THR A 491 13.64 -39.69 -50.85
N ASN A 492 12.84 -40.65 -51.33
CA ASN A 492 11.52 -40.32 -51.84
C ASN A 492 10.61 -39.81 -50.72
N GLN A 493 10.65 -40.47 -49.56
CA GLN A 493 9.88 -40.00 -48.41
C GLN A 493 10.35 -38.61 -47.98
N ALA A 494 11.67 -38.37 -48.03
CA ALA A 494 12.19 -37.05 -47.65
C ALA A 494 11.71 -35.98 -48.62
N ILE A 495 11.73 -36.27 -49.92
CA ILE A 495 11.26 -35.29 -50.91
C ILE A 495 9.77 -35.03 -50.72
N ARG A 496 8.99 -36.09 -50.44
CA ARG A 496 7.57 -35.91 -50.21
C ARG A 496 7.32 -35.04 -48.98
N THR A 497 8.06 -35.27 -47.90
CA THR A 497 7.90 -34.48 -46.69
C THR A 497 8.28 -33.03 -46.93
N ILE A 498 9.37 -32.79 -47.69
CA ILE A 498 9.79 -31.43 -47.98
C ILE A 498 8.74 -30.72 -48.83
N SER A 499 8.15 -31.44 -49.79
CA SER A 499 7.13 -30.83 -50.65
C SER A 499 5.86 -30.53 -49.86
N ARG A 500 5.47 -31.42 -48.95
CA ARG A 500 4.27 -31.18 -48.16
C ARG A 500 4.50 -30.09 -47.13
N PHE A 501 5.74 -29.88 -46.68
CA PHE A 501 6.04 -28.79 -45.76
C PHE A 501 6.05 -27.45 -46.48
N MET A 502 6.45 -27.43 -47.76
CA MET A 502 6.47 -26.22 -48.56
C MET A 502 5.26 -26.12 -49.49
N GLU A 503 4.10 -26.60 -49.04
CA GLU A 503 2.91 -26.64 -49.88
C GLU A 503 2.05 -25.39 -49.73
N CYS A 504 1.62 -25.08 -48.51
CA CYS A 504 0.74 -23.95 -48.26
C CYS A 504 1.51 -22.70 -47.82
N VAL A 505 2.83 -22.69 -47.93
CA VAL A 505 3.61 -21.50 -47.62
C VAL A 505 3.37 -20.46 -48.72
N ASN A 506 3.15 -19.21 -48.30
CA ASN A 506 2.81 -18.14 -49.23
C ASN A 506 4.09 -17.44 -49.69
N LEU A 507 4.71 -18.02 -50.71
CA LEU A 507 5.88 -17.41 -51.35
C LEU A 507 5.49 -16.33 -52.36
N ASN A 508 4.19 -16.04 -52.50
CA ASN A 508 3.69 -15.00 -53.39
C ASN A 508 3.38 -13.72 -52.62
N LYS A 509 4.18 -13.39 -51.62
CA LYS A 509 3.90 -12.24 -50.75
C LYS A 509 4.20 -10.93 -51.47
N LEU A 510 3.35 -10.55 -52.41
CA LEU A 510 3.48 -9.26 -53.09
C LEU A 510 2.09 -8.85 -53.60
N GLU A 511 1.50 -7.86 -52.96
CA GLU A 511 0.16 -7.39 -53.33
C GLU A 511 0.21 -5.91 -53.68
N PRO A 512 -0.08 -5.52 -54.92
CA PRO A 512 -0.08 -4.09 -55.27
C PRO A 512 -1.29 -3.37 -54.71
N ILE A 513 -1.04 -2.17 -54.18
CA ILE A 513 -2.09 -1.34 -53.58
C ILE A 513 -2.08 0.01 -54.28
N ALA A 514 -3.27 0.59 -54.44
CA ALA A 514 -3.42 1.82 -55.21
C ALA A 514 -3.10 3.08 -54.43
N THR A 515 -3.18 3.06 -53.10
CA THR A 515 -2.94 4.25 -52.30
C THR A 515 -2.53 3.82 -50.89
N GLU A 516 -2.42 4.79 -49.98
CA GLU A 516 -1.95 4.54 -48.63
C GLU A 516 -3.10 4.20 -47.68
N VAL A 517 -4.26 4.82 -47.84
CA VAL A 517 -5.39 4.46 -47.00
C VAL A 517 -5.87 3.05 -47.33
N TRP A 518 -5.84 2.67 -48.61
CA TRP A 518 -6.11 1.30 -48.98
C TRP A 518 -5.00 0.38 -48.47
N LEU A 519 -3.77 0.89 -48.38
CA LEU A 519 -2.69 0.10 -47.79
C LEU A 519 -2.98 -0.23 -46.33
N ILE A 520 -3.44 0.77 -45.57
CA ILE A 520 -3.77 0.54 -44.17
C ILE A 520 -4.97 -0.39 -44.05
N ASN A 521 -5.95 -0.24 -44.94
CA ASN A 521 -7.12 -1.12 -44.91
C ASN A 521 -6.73 -2.57 -45.19
N LYS A 522 -5.90 -2.79 -46.22
CA LYS A 522 -5.44 -4.14 -46.52
C LYS A 522 -4.55 -4.69 -45.42
N SER A 523 -3.78 -3.83 -44.76
CA SER A 523 -2.98 -4.28 -43.61
C SER A 523 -3.88 -4.76 -42.49
N MET A 524 -4.96 -4.01 -42.20
CA MET A 524 -5.94 -4.46 -41.22
C MET A 524 -6.54 -5.80 -41.63
N GLU A 525 -6.94 -5.92 -42.90
CA GLU A 525 -7.58 -7.14 -43.36
C GLU A 525 -6.65 -8.34 -43.27
N LEU A 526 -5.36 -8.14 -43.54
CA LEU A 526 -4.40 -9.23 -43.48
C LEU A 526 -4.02 -9.58 -42.05
N LEU A 527 -3.98 -8.59 -41.15
CA LEU A 527 -3.69 -8.88 -39.76
C LEU A 527 -4.88 -9.56 -39.09
N ASP A 528 -6.09 -9.31 -39.57
CA ASP A 528 -7.24 -10.07 -39.09
C ASP A 528 -7.12 -11.54 -39.43
N GLU A 529 -6.50 -11.86 -40.57
CA GLU A 529 -6.21 -13.24 -40.95
C GLU A 529 -4.92 -13.76 -40.35
N ARG A 530 -4.22 -12.95 -39.56
CA ARG A 530 -2.98 -13.32 -38.88
C ARG A 530 -1.88 -13.67 -39.89
N LYS A 531 -1.87 -13.00 -41.04
CA LYS A 531 -0.83 -13.17 -42.05
C LYS A 531 -0.54 -11.80 -42.67
N PHE A 532 0.43 -11.10 -42.11
CA PHE A 532 0.79 -9.76 -42.60
C PHE A 532 2.21 -9.45 -42.15
N TRP A 533 3.12 -9.34 -43.11
CA TRP A 533 4.50 -8.95 -42.83
C TRP A 533 4.63 -7.44 -42.99
N ALA A 534 5.87 -6.95 -43.04
CA ALA A 534 6.11 -5.52 -43.15
C ALA A 534 5.59 -4.97 -44.47
N GLY A 535 5.39 -3.65 -44.50
CA GLY A 535 4.92 -2.98 -45.70
C GLY A 535 5.82 -1.83 -46.09
N ILE A 536 6.27 -1.81 -47.35
CA ILE A 536 7.18 -0.79 -47.83
C ILE A 536 6.36 0.31 -48.49
N VAL A 537 6.50 1.53 -48.00
CA VAL A 537 5.79 2.70 -48.53
C VAL A 537 6.84 3.63 -49.13
N PHE A 538 6.82 3.77 -50.45
CA PHE A 538 7.76 4.62 -51.14
C PHE A 538 7.24 6.05 -51.20
N THR A 539 8.04 6.95 -51.77
CA THR A 539 7.70 8.37 -51.89
C THR A 539 7.83 8.82 -53.34
N GLY A 540 7.28 8.03 -54.25
CA GLY A 540 7.30 8.39 -55.66
C GLY A 540 6.47 9.63 -55.94
N ILE A 541 6.91 10.40 -56.93
CA ILE A 541 6.26 11.66 -57.26
C ILE A 541 5.27 11.47 -58.40
N THR A 542 5.56 10.51 -59.29
CA THR A 542 4.70 10.25 -60.44
C THR A 542 4.92 8.80 -60.89
N PRO A 543 3.85 8.04 -61.11
CA PRO A 543 4.01 6.67 -61.61
C PRO A 543 4.47 6.65 -63.06
N GLY A 544 5.74 7.01 -63.30
CA GLY A 544 6.30 7.06 -64.63
C GLY A 544 7.52 6.16 -64.75
N SER A 545 8.02 6.05 -65.97
CA SER A 545 9.14 5.16 -66.29
C SER A 545 10.48 5.73 -65.86
N ILE A 546 10.49 6.78 -65.03
CA ILE A 546 11.75 7.31 -64.53
C ILE A 546 12.45 6.26 -63.66
N GLU A 547 13.78 6.30 -63.68
CA GLU A 547 14.56 5.30 -62.95
C GLU A 547 14.37 5.46 -61.44
N LEU A 548 14.79 6.61 -60.91
CA LEU A 548 14.69 6.93 -59.48
C LEU A 548 15.08 8.39 -59.28
N PRO A 549 14.57 9.05 -58.23
CA PRO A 549 15.00 10.42 -57.94
C PRO A 549 16.35 10.54 -57.27
N HIS A 550 17.15 9.47 -57.25
CA HIS A 550 18.48 9.39 -56.65
C HIS A 550 18.45 9.52 -55.14
N HIS A 551 17.28 9.65 -54.52
CA HIS A 551 17.17 9.70 -53.06
C HIS A 551 15.87 8.99 -52.69
N VAL A 552 15.98 7.71 -52.36
CA VAL A 552 14.83 6.86 -52.10
C VAL A 552 14.49 6.95 -50.62
N LYS A 553 13.36 7.61 -50.32
CA LYS A 553 12.84 7.68 -48.96
C LYS A 553 11.72 6.65 -48.84
N TYR A 554 11.93 5.62 -48.03
CA TYR A 554 10.95 4.55 -47.90
C TYR A 554 10.67 4.27 -46.43
N LYS A 555 9.42 3.98 -46.11
CA LYS A 555 8.97 3.68 -44.77
C LYS A 555 8.63 2.19 -44.66
N ILE A 556 8.85 1.63 -43.47
CA ILE A 556 8.55 0.23 -43.19
C ILE A 556 7.47 0.22 -42.12
N ARG A 557 6.22 -0.02 -42.53
CA ARG A 557 5.09 -0.01 -41.62
C ARG A 557 4.67 -1.45 -41.33
N MET A 558 4.73 -1.83 -40.05
CA MET A 558 4.34 -3.16 -39.61
C MET A 558 3.65 -3.04 -38.25
N ASP A 559 3.14 -4.16 -37.75
CA ASP A 559 2.49 -4.18 -36.45
C ASP A 559 3.53 -3.93 -35.35
N ILE A 560 3.05 -3.33 -34.25
CA ILE A 560 3.95 -2.98 -33.15
C ILE A 560 4.36 -4.22 -32.36
N ASP A 561 3.62 -5.32 -32.47
CA ASP A 561 4.00 -6.55 -31.77
C ASP A 561 5.28 -7.16 -32.32
N ASN A 562 5.69 -6.77 -33.53
CA ASN A 562 6.90 -7.29 -34.14
C ASN A 562 7.98 -6.22 -34.35
N VAL A 563 7.66 -4.94 -34.16
CA VAL A 563 8.60 -3.86 -34.36
C VAL A 563 8.78 -3.11 -33.04
N GLU A 564 10.01 -2.67 -32.78
CA GLU A 564 10.29 -1.90 -31.57
C GLU A 564 9.52 -0.58 -31.58
N ARG A 565 9.17 -0.11 -30.39
CA ARG A 565 8.44 1.13 -30.25
C ARG A 565 9.29 2.31 -30.70
N THR A 566 8.62 3.29 -31.32
CA THR A 566 9.29 4.47 -31.86
C THR A 566 9.02 5.74 -31.06
N ASN A 567 8.17 5.66 -30.03
CA ASN A 567 7.91 6.84 -29.21
C ASN A 567 9.14 7.23 -28.41
N LYS A 568 9.99 6.27 -28.04
CA LYS A 568 11.23 6.53 -27.33
C LYS A 568 12.38 5.90 -28.09
N ILE A 569 13.55 6.54 -28.02
CA ILE A 569 14.75 6.07 -28.69
C ILE A 569 15.76 5.49 -27.72
N LYS A 570 15.47 5.49 -26.42
CA LYS A 570 16.39 4.97 -25.43
C LYS A 570 15.58 4.45 -24.24
N ASP A 571 16.24 3.67 -23.39
CA ASP A 571 15.60 3.06 -22.22
C ASP A 571 15.38 4.05 -21.08
N GLY A 572 15.63 5.34 -21.29
CA GLY A 572 15.45 6.33 -20.25
C GLY A 572 16.65 6.40 -19.33
N TYR A 573 16.49 5.90 -18.11
CA TYR A 573 17.60 5.86 -17.16
C TYR A 573 18.60 4.78 -17.54
N TRP A 574 19.88 5.07 -17.35
CA TRP A 574 20.93 4.13 -17.71
C TRP A 574 20.97 2.98 -16.72
N ASP A 575 20.96 1.75 -17.23
CA ASP A 575 21.01 0.55 -16.41
C ASP A 575 21.93 -0.47 -17.07
N PRO A 576 22.68 -1.24 -16.28
CA PRO A 576 23.58 -2.25 -16.87
C PRO A 576 22.79 -3.37 -17.51
N GLY A 577 23.30 -3.85 -18.64
CA GLY A 577 22.65 -4.91 -19.38
C GLY A 577 22.70 -4.67 -20.88
N PRO A 578 23.13 -5.68 -21.63
CA PRO A 578 23.24 -5.54 -23.08
C PRO A 578 21.92 -5.60 -23.83
N ARG A 579 20.79 -5.72 -23.12
CA ARG A 579 19.47 -5.84 -23.74
C ARG A 579 19.42 -7.03 -24.69
N ALA A 580 19.64 -8.23 -24.13
CA ALA A 580 19.77 -9.45 -24.89
C ALA A 580 18.56 -10.36 -24.74
N ASP A 581 17.38 -9.78 -24.51
CA ASP A 581 16.16 -10.57 -24.44
C ASP A 581 15.67 -10.84 -25.87
N PRO A 582 15.66 -12.09 -26.31
CA PRO A 582 15.30 -12.37 -27.73
C PRO A 582 13.87 -12.07 -28.08
N PHE A 583 12.99 -11.83 -27.10
CA PHE A 583 11.59 -11.55 -27.37
C PHE A 583 11.16 -10.14 -26.96
N GLU A 584 11.73 -9.58 -25.90
CA GLU A 584 11.28 -8.29 -25.41
C GLU A 584 11.97 -7.13 -26.14
N ASP A 585 13.30 -7.16 -26.18
CA ASP A 585 14.08 -6.04 -26.73
C ASP A 585 14.84 -6.42 -28.00
N MET A 586 14.54 -7.56 -28.60
CA MET A 586 15.17 -7.99 -29.85
C MET A 586 14.14 -8.18 -30.94
N ARG A 587 13.16 -7.29 -31.00
CA ARG A 587 12.08 -7.40 -31.97
C ARG A 587 12.55 -7.15 -33.40
N TYR A 588 13.73 -6.57 -33.59
CA TYR A 588 14.22 -6.26 -34.92
C TYR A 588 14.76 -7.47 -35.66
N VAL A 589 15.02 -8.58 -34.96
CA VAL A 589 15.60 -9.76 -35.59
C VAL A 589 14.59 -10.89 -35.76
N TRP A 590 13.49 -10.90 -34.99
CA TRP A 590 12.47 -11.94 -35.15
C TRP A 590 11.18 -11.43 -35.77
N GLY A 591 10.90 -10.13 -35.68
CA GLY A 591 9.72 -9.57 -36.31
C GLY A 591 9.79 -9.43 -37.81
N GLY A 592 10.98 -9.53 -38.39
CA GLY A 592 11.15 -9.40 -39.82
C GLY A 592 11.42 -7.99 -40.30
N PHE A 593 11.80 -7.08 -39.41
CA PHE A 593 12.06 -5.70 -39.82
C PHE A 593 13.42 -5.57 -40.49
N ALA A 594 14.48 -6.07 -39.84
CA ALA A 594 15.82 -5.91 -40.39
C ALA A 594 16.00 -6.70 -41.68
N TYR A 595 15.41 -7.90 -41.76
CA TYR A 595 15.55 -8.71 -42.96
C TYR A 595 14.90 -8.04 -44.16
N LEU A 596 13.65 -7.60 -44.01
CA LEU A 596 12.97 -6.92 -45.10
C LEU A 596 13.65 -5.61 -45.44
N GLN A 597 14.16 -4.91 -44.43
CA GLN A 597 14.90 -3.67 -44.68
C GLN A 597 16.13 -3.92 -45.54
N ASP A 598 16.91 -4.95 -45.19
CA ASP A 598 18.10 -5.29 -45.96
C ASP A 598 17.73 -5.72 -47.38
N VAL A 599 16.63 -6.47 -47.52
CA VAL A 599 16.21 -6.91 -48.85
C VAL A 599 15.83 -5.71 -49.72
N VAL A 600 15.05 -4.79 -49.15
CA VAL A 600 14.64 -3.60 -49.91
C VAL A 600 15.84 -2.74 -50.26
N GLU A 601 16.79 -2.61 -49.32
CA GLU A 601 17.99 -1.82 -49.60
C GLU A 601 18.81 -2.43 -50.72
N GLN A 602 19.00 -3.76 -50.69
CA GLN A 602 19.74 -4.43 -51.75
C GLN A 602 19.02 -4.30 -53.09
N ALA A 603 17.68 -4.35 -53.07
CA ALA A 603 16.93 -4.18 -54.31
C ALA A 603 17.11 -2.78 -54.88
N ILE A 604 17.05 -1.76 -54.02
CA ILE A 604 17.24 -0.39 -54.48
C ILE A 604 18.66 -0.20 -55.01
N ILE A 605 19.64 -0.82 -54.35
CA ILE A 605 21.02 -0.72 -54.82
C ILE A 605 21.18 -1.37 -56.19
N ARG A 606 20.57 -2.54 -56.38
CA ARG A 606 20.68 -3.24 -57.65
C ARG A 606 19.93 -2.51 -58.75
N VAL A 607 18.86 -1.81 -58.42
CA VAL A 607 18.15 -1.04 -59.44
C VAL A 607 18.92 0.22 -59.81
N LEU A 608 19.52 0.88 -58.81
CA LEU A 608 20.21 2.15 -59.07
C LEU A 608 21.53 1.93 -59.79
N THR A 609 22.20 0.80 -59.57
CA THR A 609 23.52 0.54 -60.14
C THR A 609 23.48 -0.53 -61.21
N GLY A 610 22.97 -1.72 -60.90
CA GLY A 610 22.90 -2.82 -61.85
C GLY A 610 23.88 -3.95 -61.58
N THR A 611 24.74 -3.81 -60.57
CA THR A 611 25.70 -4.86 -60.26
C THR A 611 24.99 -6.13 -59.81
N GLU A 612 25.47 -7.27 -60.30
CA GLU A 612 24.86 -8.55 -59.95
C GLU A 612 25.35 -9.06 -58.59
N LYS A 613 26.64 -8.87 -58.30
CA LYS A 613 27.19 -9.34 -57.03
C LYS A 613 26.68 -8.48 -55.89
N LYS A 614 26.43 -9.12 -54.74
CA LYS A 614 25.90 -8.45 -53.57
C LYS A 614 26.86 -8.64 -52.40
N THR A 615 27.21 -7.54 -51.73
CA THR A 615 28.07 -7.59 -50.57
C THR A 615 27.32 -8.21 -49.40
N GLY A 616 27.92 -9.22 -48.78
CA GLY A 616 27.28 -9.87 -47.65
C GLY A 616 27.18 -8.95 -46.45
N VAL A 617 26.12 -9.14 -45.66
CA VAL A 617 25.85 -8.31 -44.50
C VAL A 617 25.60 -9.22 -43.30
N TYR A 618 26.34 -8.99 -42.21
CA TYR A 618 26.14 -9.69 -40.96
C TYR A 618 25.91 -8.68 -39.84
N MET A 619 25.18 -9.11 -38.81
CA MET A 619 24.85 -8.25 -37.68
C MET A 619 25.38 -8.91 -36.41
N GLN A 620 26.31 -8.24 -35.74
CA GLN A 620 26.94 -8.76 -34.52
C GLN A 620 26.57 -7.86 -33.35
N GLN A 621 25.94 -8.43 -32.33
CA GLN A 621 25.59 -7.67 -31.15
C GLN A 621 26.82 -7.46 -30.28
N MET A 622 26.98 -6.23 -29.78
CA MET A 622 28.14 -5.90 -28.97
C MET A 622 28.05 -6.62 -27.63
N PRO A 623 29.12 -7.29 -27.19
CA PRO A 623 29.07 -7.98 -25.89
C PRO A 623 29.10 -6.99 -24.73
N TYR A 624 28.76 -7.51 -23.55
CA TYR A 624 28.75 -6.69 -22.36
C TYR A 624 29.78 -7.18 -21.36
N PRO A 625 30.50 -6.28 -20.69
CA PRO A 625 31.60 -6.68 -19.78
C PRO A 625 31.15 -7.11 -18.39
N CYS A 626 30.70 -8.36 -18.32
CA CYS A 626 30.37 -9.07 -17.07
C CYS A 626 29.64 -8.17 -16.07
N TYR A 627 28.53 -7.61 -16.52
CA TYR A 627 27.70 -6.77 -15.68
C TYR A 627 26.96 -7.62 -14.65
N VAL A 628 26.34 -6.94 -13.68
CA VAL A 628 25.54 -7.58 -12.64
C VAL A 628 24.11 -7.09 -12.76
N ASP A 629 23.19 -8.00 -13.01
CA ASP A 629 21.77 -7.68 -13.06
C ASP A 629 21.14 -7.88 -11.69
N ASP A 630 20.38 -6.88 -11.23
CA ASP A 630 19.71 -6.92 -9.94
C ASP A 630 18.27 -6.48 -10.16
N ILE A 631 17.37 -7.44 -10.32
CA ILE A 631 15.96 -7.11 -10.48
C ILE A 631 15.39 -6.47 -9.22
N PHE A 632 16.00 -6.75 -8.06
CA PHE A 632 15.55 -6.11 -6.84
C PHE A 632 15.83 -4.61 -6.86
N LEU A 633 16.89 -4.19 -7.55
CA LEU A 633 17.13 -2.76 -7.73
C LEU A 633 15.99 -2.11 -8.52
N ARG A 634 15.49 -2.80 -9.54
CA ARG A 634 14.35 -2.28 -10.29
C ARG A 634 13.08 -2.27 -9.45
N VAL A 635 12.88 -3.31 -8.64
CA VAL A 635 11.73 -3.34 -7.73
C VAL A 635 11.80 -2.17 -6.76
N MET A 636 13.00 -1.88 -6.25
CA MET A 636 13.16 -0.72 -5.37
C MET A 636 12.88 0.58 -6.11
N SER A 637 13.42 0.73 -7.32
CA SER A 637 13.19 1.94 -8.09
C SER A 637 11.71 2.14 -8.42
N ARG A 638 10.94 1.05 -8.48
CA ARG A 638 9.53 1.16 -8.81
C ARG A 638 8.62 1.25 -7.59
N SER A 639 9.08 0.80 -6.42
CA SER A 639 8.22 0.76 -5.24
C SER A 639 8.80 1.47 -4.03
N MET A 640 9.83 2.31 -4.20
CA MET A 640 10.35 3.05 -3.05
C MET A 640 9.40 4.17 -2.61
N PRO A 641 8.95 5.07 -3.48
CA PRO A 641 8.00 6.09 -3.03
C PRO A 641 6.63 5.53 -2.68
N LEU A 642 6.34 4.28 -3.05
CA LEU A 642 5.10 3.63 -2.65
C LEU A 642 5.22 2.96 -1.29
N PHE A 643 6.30 2.24 -1.04
CA PHE A 643 6.53 1.64 0.26
C PHE A 643 6.96 2.65 1.31
N MET A 644 7.34 3.86 0.90
CA MET A 644 7.69 4.93 1.82
C MET A 644 6.50 5.84 2.15
N THR A 645 5.28 5.30 2.12
CA THR A 645 4.08 6.08 2.38
C THR A 645 3.31 5.60 3.60
N LEU A 646 3.11 4.28 3.73
CA LEU A 646 2.28 3.77 4.82
C LEU A 646 2.97 3.93 6.18
N ALA A 647 4.29 3.72 6.22
CA ALA A 647 5.03 3.83 7.47
C ALA A 647 4.93 5.23 8.06
N TRP A 648 4.82 6.25 7.21
CA TRP A 648 4.62 7.61 7.68
C TRP A 648 3.15 8.00 7.76
N ILE A 649 2.27 7.29 7.06
CA ILE A 649 0.84 7.48 7.24
C ILE A 649 0.44 7.10 8.66
N TYR A 650 0.98 5.99 9.15
CA TYR A 650 0.75 5.61 10.55
C TYR A 650 1.22 6.72 11.50
N SER A 651 2.38 7.30 11.22
CA SER A 651 2.93 8.34 12.08
C SER A 651 2.07 9.60 12.06
N VAL A 652 1.64 10.03 10.87
CA VAL A 652 0.81 11.23 10.79
C VAL A 652 -0.53 10.99 11.46
N ALA A 653 -1.09 9.78 11.33
CA ALA A 653 -2.34 9.47 12.00
C ALA A 653 -2.18 9.55 13.50
N VAL A 654 -1.14 8.93 14.05
CA VAL A 654 -0.91 8.95 15.50
C VAL A 654 -0.70 10.38 15.98
N ILE A 655 0.10 11.16 15.26
CA ILE A 655 0.44 12.51 15.71
C ILE A 655 -0.79 13.40 15.69
N ILE A 656 -1.56 13.36 14.59
CA ILE A 656 -2.76 14.20 14.49
C ILE A 656 -3.78 13.78 15.53
N LYS A 657 -3.96 12.47 15.73
CA LYS A 657 -4.88 11.99 16.75
C LYS A 657 -4.50 12.52 18.13
N GLY A 658 -3.20 12.41 18.48
CA GLY A 658 -2.76 12.89 19.78
C GLY A 658 -2.95 14.38 19.95
N ILE A 659 -2.61 15.16 18.92
CA ILE A 659 -2.71 16.61 19.02
C ILE A 659 -4.17 17.04 19.16
N VAL A 660 -5.06 16.47 18.35
CA VAL A 660 -6.46 16.87 18.41
C VAL A 660 -7.12 16.37 19.69
N TYR A 661 -6.68 15.22 20.21
CA TYR A 661 -7.22 14.75 21.49
C TYR A 661 -6.71 15.61 22.64
N GLU A 662 -5.49 16.15 22.54
CA GLU A 662 -4.99 17.04 23.57
C GLU A 662 -5.71 18.38 23.54
N LYS A 663 -5.96 18.92 22.35
CA LYS A 663 -6.61 20.20 22.22
C LYS A 663 -8.13 20.11 22.25
N GLU A 664 -8.70 18.91 22.30
CA GLU A 664 -10.14 18.72 22.37
C GLU A 664 -10.63 18.44 23.79
N ALA A 665 -9.86 17.71 24.58
CA ALA A 665 -10.20 17.41 25.96
C ALA A 665 -9.91 18.56 26.91
N ARG A 666 -9.70 19.77 26.37
CA ARG A 666 -9.40 20.97 27.14
C ARG A 666 -8.09 20.88 27.91
N LEU A 667 -7.23 19.94 27.53
CA LEU A 667 -5.91 19.83 28.17
C LEU A 667 -5.01 20.98 27.72
N LYS A 668 -4.94 21.22 26.40
CA LYS A 668 -4.15 22.32 25.88
C LYS A 668 -4.64 23.66 26.41
N GLU A 669 -5.96 23.85 26.45
CA GLU A 669 -6.51 25.11 26.94
C GLU A 669 -6.23 25.28 28.43
N THR A 670 -6.37 24.22 29.22
CA THR A 670 -6.06 24.31 30.64
C THR A 670 -4.59 24.63 30.86
N MET A 671 -3.70 24.01 30.08
CA MET A 671 -2.27 24.31 30.21
C MET A 671 -1.98 25.76 29.83
N ARG A 672 -2.59 26.26 28.76
CA ARG A 672 -2.38 27.65 28.37
C ARG A 672 -2.93 28.60 29.43
N ILE A 673 -4.03 28.24 30.08
CA ILE A 673 -4.53 29.05 31.19
C ILE A 673 -3.56 29.01 32.37
N MET A 674 -2.88 27.88 32.57
CA MET A 674 -1.97 27.76 33.69
C MET A 674 -0.74 28.65 33.55
N GLY A 675 -0.39 29.05 32.34
CA GLY A 675 0.71 30.00 32.18
C GLY A 675 1.64 29.78 31.01
N LEU A 676 1.47 28.70 30.25
CA LEU A 676 2.31 28.47 29.09
C LEU A 676 1.66 29.07 27.84
N ASP A 677 2.52 29.48 26.90
CA ASP A 677 2.07 30.08 25.65
C ASP A 677 1.91 28.99 24.60
N ASN A 678 1.71 29.39 23.34
CA ASN A 678 1.47 28.45 22.25
C ASN A 678 2.76 28.02 21.55
N SER A 679 3.72 28.93 21.41
CA SER A 679 4.95 28.60 20.71
C SER A 679 5.75 27.54 21.45
N ILE A 680 5.79 27.62 22.78
CA ILE A 680 6.50 26.62 23.56
C ILE A 680 5.85 25.25 23.42
N LEU A 681 4.51 25.20 23.42
CA LEU A 681 3.81 23.94 23.24
C LEU A 681 4.05 23.37 21.85
N TRP A 682 4.08 24.23 20.83
CA TRP A 682 4.36 23.76 19.48
C TRP A 682 5.77 23.21 19.36
N PHE A 683 6.75 23.89 19.97
CA PHE A 683 8.12 23.39 19.95
C PHE A 683 8.23 22.07 20.69
N SER A 684 7.52 21.94 21.82
CA SER A 684 7.54 20.69 22.57
C SER A 684 6.95 19.55 21.76
N TRP A 685 5.82 19.79 21.08
CA TRP A 685 5.24 18.77 20.22
C TRP A 685 6.18 18.41 19.07
N PHE A 686 6.84 19.42 18.50
CA PHE A 686 7.78 19.17 17.41
C PHE A 686 8.92 18.28 17.87
N ILE A 687 9.48 18.55 19.04
CA ILE A 687 10.60 17.76 19.54
C ILE A 687 10.13 16.35 19.92
N SER A 688 8.97 16.25 20.56
CA SER A 688 8.46 14.95 20.99
C SER A 688 7.99 14.10 19.82
N SER A 689 7.73 14.71 18.67
CA SER A 689 7.44 13.95 17.46
C SER A 689 8.68 13.69 16.62
N LEU A 690 9.73 14.50 16.78
CA LEU A 690 10.95 14.34 16.01
C LEU A 690 11.89 13.30 16.61
N ILE A 691 12.01 13.25 17.94
CA ILE A 691 12.92 12.29 18.57
C ILE A 691 12.56 10.86 18.20
N PRO A 692 11.32 10.39 18.37
CA PRO A 692 11.00 9.02 17.89
C PRO A 692 11.15 8.89 16.39
N LEU A 693 10.77 9.93 15.63
CA LEU A 693 10.95 9.88 14.19
C LEU A 693 12.43 9.87 13.81
N LEU A 694 13.27 10.57 14.58
CA LEU A 694 14.71 10.53 14.32
C LEU A 694 15.27 9.14 14.61
N VAL A 695 14.83 8.51 15.70
CA VAL A 695 15.28 7.15 15.99
C VAL A 695 14.83 6.19 14.91
N SER A 696 13.59 6.33 14.44
CA SER A 696 13.07 5.46 13.39
C SER A 696 13.84 5.68 12.09
N ALA A 697 14.18 6.93 11.77
CA ALA A 697 14.93 7.21 10.55
C ALA A 697 16.35 6.65 10.64
N GLY A 698 16.97 6.75 11.81
CA GLY A 698 18.28 6.14 11.99
C GLY A 698 18.25 4.63 11.84
N LEU A 699 17.25 3.98 12.44
CA LEU A 699 17.11 2.54 12.28
C LEU A 699 16.83 2.17 10.83
N LEU A 700 16.06 3.00 10.12
CA LEU A 700 15.77 2.73 8.72
C LEU A 700 17.03 2.86 7.86
N VAL A 701 17.87 3.86 8.16
CA VAL A 701 19.13 4.00 7.44
C VAL A 701 20.04 2.82 7.71
N VAL A 702 20.08 2.35 8.96
CA VAL A 702 20.90 1.20 9.30
C VAL A 702 20.41 -0.05 8.56
N ILE A 703 19.08 -0.22 8.47
CA ILE A 703 18.52 -1.36 7.77
C ILE A 703 18.83 -1.28 6.28
N LEU A 704 18.69 -0.09 5.70
CA LEU A 704 18.97 0.09 4.28
C LEU A 704 20.44 -0.16 3.96
N LYS A 705 21.35 0.22 4.87
CA LYS A 705 22.76 0.02 4.63
C LYS A 705 23.18 -1.43 4.83
N LEU A 706 22.68 -2.08 5.89
CA LEU A 706 23.07 -3.46 6.16
C LEU A 706 22.24 -4.47 5.38
N GLY A 707 21.00 -4.12 5.03
CA GLY A 707 20.14 -5.00 4.28
C GLY A 707 20.38 -5.08 2.80
N ASN A 708 21.49 -4.52 2.31
CA ASN A 708 21.88 -4.53 0.90
C ASN A 708 20.83 -3.89 0.01
N LEU A 709 20.01 -3.00 0.55
CA LEU A 709 19.03 -2.30 -0.27
C LEU A 709 19.64 -1.06 -0.91
N LEU A 710 20.36 -0.25 -0.14
CA LEU A 710 21.07 0.92 -0.64
C LEU A 710 22.54 0.81 -0.25
N PRO A 711 23.30 -0.07 -0.90
CA PRO A 711 24.70 -0.26 -0.52
C PRO A 711 25.64 0.81 -1.08
N TYR A 712 25.24 1.52 -2.13
CA TYR A 712 26.12 2.51 -2.74
C TYR A 712 25.94 3.91 -2.17
N SER A 713 24.83 4.18 -1.49
CA SER A 713 24.56 5.50 -0.93
C SER A 713 25.19 5.64 0.44
N ASP A 714 25.69 6.83 0.73
CA ASP A 714 26.27 7.11 2.05
C ASP A 714 25.16 7.17 3.09
N PRO A 715 25.30 6.50 4.23
CA PRO A 715 24.23 6.52 5.23
C PRO A 715 23.97 7.89 5.83
N SER A 716 24.98 8.76 5.85
CA SER A 716 24.79 10.10 6.41
C SER A 716 23.83 10.93 5.56
N VAL A 717 23.97 10.84 4.24
CA VAL A 717 23.07 11.59 3.36
C VAL A 717 21.64 11.08 3.51
N VAL A 718 21.47 9.76 3.59
CA VAL A 718 20.14 9.19 3.77
C VAL A 718 19.54 9.64 5.10
N PHE A 719 20.37 9.68 6.15
CA PHE A 719 19.88 10.11 7.45
C PHE A 719 19.46 11.58 7.43
N VAL A 720 20.26 12.44 6.79
CA VAL A 720 19.90 13.85 6.69
C VAL A 720 18.61 14.02 5.91
N PHE A 721 18.48 13.29 4.79
CA PHE A 721 17.26 13.37 3.98
C PHE A 721 16.05 12.91 4.77
N LEU A 722 16.18 11.81 5.52
CA LEU A 722 15.06 11.32 6.31
C LEU A 722 14.70 12.27 7.44
N SER A 723 15.69 12.94 8.03
CA SER A 723 15.40 13.92 9.07
C SER A 723 14.66 15.12 8.52
N VAL A 724 15.09 15.61 7.34
CA VAL A 724 14.38 16.72 6.71
C VAL A 724 12.96 16.31 6.36
N PHE A 725 12.79 15.08 5.84
CA PHE A 725 11.44 14.61 5.53
C PHE A 725 10.60 14.46 6.79
N ALA A 726 11.21 14.07 7.91
CA ALA A 726 10.47 13.97 9.17
C ALA A 726 10.04 15.34 9.66
N VAL A 727 10.89 16.36 9.49
CA VAL A 727 10.50 17.72 9.84
C VAL A 727 9.32 18.17 8.98
N VAL A 728 9.40 17.91 7.67
CA VAL A 728 8.29 18.22 6.77
C VAL A 728 7.02 17.51 7.22
N THR A 729 7.15 16.24 7.61
CA THR A 729 6.00 15.45 8.04
C THR A 729 5.38 16.01 9.31
N ILE A 730 6.21 16.40 10.27
CA ILE A 730 5.69 16.94 11.53
C ILE A 730 4.99 18.26 11.30
N LEU A 731 5.55 19.12 10.44
CA LEU A 731 4.89 20.40 10.18
C LEU A 731 3.60 20.22 9.40
N GLN A 732 3.56 19.23 8.48
CA GLN A 732 2.30 18.93 7.81
C GLN A 732 1.27 18.38 8.78
N CYS A 733 1.72 17.57 9.76
CA CYS A 733 0.82 17.10 10.80
C CYS A 733 0.25 18.27 11.59
N PHE A 734 1.09 19.24 11.95
CA PHE A 734 0.61 20.42 12.64
C PHE A 734 -0.43 21.16 11.81
N LEU A 735 -0.15 21.36 10.52
CA LEU A 735 -1.07 22.06 9.65
C LEU A 735 -2.41 21.35 9.55
N ILE A 736 -2.38 20.02 9.41
CA ILE A 736 -3.63 19.27 9.28
C ILE A 736 -4.40 19.26 10.59
N SER A 737 -3.69 19.13 11.71
CA SER A 737 -4.36 19.11 13.02
C SER A 737 -4.98 20.46 13.35
N THR A 738 -4.38 21.56 12.89
CA THR A 738 -4.97 22.87 13.17
C THR A 738 -6.23 23.14 12.34
N LEU A 739 -6.67 22.19 11.53
CA LEU A 739 -7.88 22.37 10.72
C LEU A 739 -9.12 21.76 11.33
N PHE A 740 -8.98 20.80 12.25
CA PHE A 740 -10.12 20.13 12.87
C PHE A 740 -10.13 20.39 14.36
N SER A 741 -11.21 19.95 15.01
CA SER A 741 -11.37 20.15 16.44
C SER A 741 -11.70 18.83 17.15
N ARG A 742 -12.37 17.92 16.45
CA ARG A 742 -12.78 16.64 17.01
C ARG A 742 -11.78 15.57 16.61
N ALA A 743 -11.39 14.74 17.58
CA ALA A 743 -10.40 13.70 17.30
C ALA A 743 -10.97 12.58 16.43
N ASN A 744 -12.26 12.31 16.55
CA ASN A 744 -12.87 11.26 15.73
C ASN A 744 -12.84 11.60 14.25
N LEU A 745 -12.94 12.89 13.92
CA LEU A 745 -12.86 13.30 12.52
C LEU A 745 -11.41 13.37 12.05
N ALA A 746 -10.50 13.84 12.91
CA ALA A 746 -9.10 13.96 12.52
C ALA A 746 -8.48 12.58 12.29
N ALA A 747 -8.83 11.61 13.13
CA ALA A 747 -8.29 10.25 12.98
C ALA A 747 -8.62 9.64 11.63
N ALA A 748 -9.70 10.09 10.98
CA ALA A 748 -10.05 9.61 9.65
C ALA A 748 -9.60 10.56 8.54
N CYS A 749 -9.42 11.84 8.85
CA CYS A 749 -9.06 12.81 7.82
C CYS A 749 -7.57 12.93 7.59
N GLY A 750 -6.75 12.73 8.62
CA GLY A 750 -5.32 12.93 8.52
C GLY A 750 -4.63 12.09 7.47
N GLY A 751 -4.70 10.77 7.62
CA GLY A 751 -4.06 9.88 6.66
C GLY A 751 -4.66 10.01 5.27
N ILE A 752 -5.97 10.24 5.19
CA ILE A 752 -6.61 10.38 3.88
C ILE A 752 -6.09 11.61 3.16
N ILE A 753 -5.96 12.74 3.86
CA ILE A 753 -5.42 13.93 3.24
C ILE A 753 -3.95 13.74 2.88
N TYR A 754 -3.19 13.09 3.76
CA TYR A 754 -1.78 12.88 3.48
C TYR A 754 -1.58 11.96 2.28
N PHE A 755 -2.53 11.06 2.01
CA PHE A 755 -2.41 10.19 0.85
C PHE A 755 -2.95 10.86 -0.41
N THR A 756 -3.97 11.71 -0.30
CA THR A 756 -4.46 12.44 -1.46
C THR A 756 -3.45 13.47 -1.95
N LEU A 757 -2.72 14.09 -1.02
CA LEU A 757 -1.70 15.05 -1.43
C LEU A 757 -0.52 14.38 -2.13
N TYR A 758 -0.38 13.06 -1.98
CA TYR A 758 0.71 12.33 -2.63
C TYR A 758 0.40 11.97 -4.07
N LEU A 759 -0.89 12.00 -4.46
CA LEU A 759 -1.26 11.63 -5.82
C LEU A 759 -0.64 12.52 -6.91
N PRO A 760 -0.44 13.83 -6.72
CA PRO A 760 0.28 14.60 -7.74
C PRO A 760 1.65 14.03 -8.10
N TYR A 761 2.34 13.40 -7.14
CA TYR A 761 3.63 12.77 -7.46
C TYR A 761 3.43 11.65 -8.47
N VAL A 762 2.44 10.78 -8.24
CA VAL A 762 2.15 9.72 -9.18
C VAL A 762 1.70 10.29 -10.53
N LEU A 763 1.01 11.43 -10.50
CA LEU A 763 0.60 12.07 -11.75
C LEU A 763 1.81 12.51 -12.57
N CYS A 764 2.74 13.23 -11.93
CA CYS A 764 3.94 13.67 -12.64
C CYS A 764 4.82 12.49 -13.04
N VAL A 765 4.76 11.38 -12.29
CA VAL A 765 5.53 10.20 -12.67
C VAL A 765 4.93 9.55 -13.92
N ALA A 766 3.60 9.42 -13.95
CA ALA A 766 2.94 8.85 -15.12
C ALA A 766 3.06 9.75 -16.34
N TRP A 767 3.16 11.06 -16.13
CA TRP A 767 3.31 11.97 -17.27
C TRP A 767 4.73 11.93 -17.81
N ARG A 768 5.71 12.33 -16.99
CA ARG A 768 7.13 12.28 -17.33
C ARG A 768 7.46 13.16 -18.53
N ASP A 769 6.49 13.90 -19.04
CA ASP A 769 6.69 14.74 -20.22
C ASP A 769 5.86 16.01 -20.07
N TYR A 770 6.30 17.05 -20.78
CA TYR A 770 5.64 18.36 -20.80
C TYR A 770 5.52 18.96 -19.40
N VAL A 771 6.40 18.56 -18.48
CA VAL A 771 6.43 19.09 -17.11
C VAL A 771 7.79 19.74 -16.90
N GLY A 772 7.79 21.03 -16.58
CA GLY A 772 9.01 21.79 -16.43
C GLY A 772 9.49 21.88 -14.99
N PHE A 773 10.49 22.72 -14.79
CA PHE A 773 11.04 22.92 -13.46
C PHE A 773 10.05 23.65 -12.55
N THR A 774 9.44 24.72 -13.08
CA THR A 774 8.45 25.45 -12.30
C THR A 774 7.21 24.60 -12.02
N LEU A 775 6.81 23.77 -12.99
CA LEU A 775 5.67 22.89 -12.77
C LEU A 775 5.98 21.84 -11.70
N LYS A 776 7.20 21.30 -11.72
CA LYS A 776 7.61 20.36 -10.68
C LYS A 776 7.64 21.05 -9.31
N ILE A 777 8.09 22.30 -9.27
CA ILE A 777 8.10 23.05 -8.02
C ILE A 777 6.68 23.23 -7.50
N PHE A 778 5.76 23.63 -8.38
CA PHE A 778 4.37 23.84 -7.97
C PHE A 778 3.70 22.54 -7.56
N ALA A 779 4.09 21.42 -8.17
CA ALA A 779 3.54 20.13 -7.75
C ALA A 779 4.11 19.69 -6.41
N SER A 780 5.37 20.01 -6.15
CA SER A 780 6.00 19.68 -4.88
C SER A 780 5.78 20.74 -3.80
N LEU A 781 4.98 21.77 -4.09
CA LEU A 781 4.68 22.78 -3.07
C LEU A 781 4.00 22.16 -1.86
N LEU A 782 3.10 21.20 -2.09
CA LEU A 782 2.49 20.47 -0.97
C LEU A 782 3.50 19.57 -0.28
N SER A 783 4.54 19.16 -0.98
CA SER A 783 5.67 18.34 -0.50
C SER A 783 5.32 16.94 0.01
N PRO A 784 4.44 16.18 -0.67
CA PRO A 784 4.62 14.72 -0.64
C PRO A 784 5.33 14.28 -1.91
N VAL A 785 5.48 15.23 -2.83
CA VAL A 785 6.13 14.98 -4.10
C VAL A 785 7.64 15.21 -4.01
N ALA A 786 8.09 16.10 -3.11
CA ALA A 786 9.52 16.29 -2.92
C ALA A 786 10.18 15.03 -2.36
N PHE A 787 9.55 14.41 -1.36
CA PHE A 787 10.08 13.17 -0.82
C PHE A 787 10.05 12.05 -1.86
N GLY A 788 9.01 12.01 -2.68
CA GLY A 788 8.95 11.02 -3.73
C GLY A 788 10.04 11.21 -4.77
N PHE A 789 10.29 12.45 -5.16
CA PHE A 789 11.37 12.73 -6.11
C PHE A 789 12.73 12.43 -5.51
N GLY A 790 12.90 12.69 -4.21
CA GLY A 790 14.14 12.32 -3.55
C GLY A 790 14.37 10.82 -3.54
N CYS A 791 13.32 10.06 -3.21
CA CYS A 791 13.43 8.60 -3.24
C CYS A 791 13.70 8.11 -4.66
N GLU A 792 13.08 8.75 -5.66
CA GLU A 792 13.33 8.36 -7.05
C GLU A 792 14.78 8.62 -7.45
N TYR A 793 15.33 9.78 -7.05
CA TYR A 793 16.72 10.07 -7.37
C TYR A 793 17.67 9.13 -6.64
N PHE A 794 17.35 8.80 -5.38
CA PHE A 794 18.16 7.81 -4.66
C PHE A 794 18.14 6.45 -5.36
N ALA A 795 16.96 6.02 -5.80
CA ALA A 795 16.86 4.74 -6.49
C ALA A 795 17.56 4.77 -7.84
N LEU A 796 17.53 5.90 -8.54
CA LEU A 796 18.24 6.00 -9.82
C LEU A 796 19.76 5.99 -9.60
N PHE A 797 20.24 6.64 -8.54
CA PHE A 797 21.65 6.59 -8.22
C PHE A 797 22.07 5.18 -7.79
N GLU A 798 21.18 4.45 -7.13
CA GLU A 798 21.51 3.09 -6.69
C GLU A 798 21.51 2.13 -7.87
N GLU A 799 20.56 2.29 -8.81
CA GLU A 799 20.51 1.42 -9.96
C GLU A 799 21.71 1.60 -10.88
N GLN A 800 22.28 2.81 -10.90
CA GLN A 800 23.49 3.08 -11.68
C GLN A 800 24.76 2.77 -10.91
N GLY A 801 24.65 2.23 -9.69
CA GLY A 801 25.82 1.85 -8.93
C GLY A 801 26.71 3.00 -8.51
N ILE A 802 26.12 4.14 -8.17
CA ILE A 802 26.86 5.33 -7.76
C ILE A 802 26.61 5.67 -6.30
N GLY A 803 25.36 5.95 -5.94
CA GLY A 803 25.05 6.43 -4.62
C GLY A 803 25.26 7.93 -4.50
N VAL A 804 25.14 8.42 -3.26
CA VAL A 804 25.33 9.84 -2.96
C VAL A 804 26.37 9.91 -1.84
N GLN A 805 27.63 10.04 -2.22
CA GLN A 805 28.73 10.17 -1.25
C GLN A 805 29.05 11.62 -0.94
N TRP A 806 28.02 12.40 -0.61
CA TRP A 806 28.11 13.81 -0.27
C TRP A 806 28.69 14.66 -1.40
N ASP A 807 28.79 14.12 -2.60
CA ASP A 807 29.27 14.88 -3.75
C ASP A 807 28.40 14.76 -4.99
N ASN A 808 27.45 13.83 -5.02
CA ASN A 808 26.50 13.73 -6.13
C ASN A 808 25.40 14.78 -6.06
N LEU A 809 25.43 15.66 -5.06
CA LEU A 809 24.42 16.68 -4.92
C LEU A 809 24.51 17.71 -6.04
N PHE A 810 23.41 18.43 -6.23
CA PHE A 810 23.23 19.49 -7.23
C PHE A 810 23.24 18.97 -8.65
N GLU A 811 23.44 17.66 -8.87
CA GLU A 811 23.49 17.07 -10.21
C GLU A 811 22.82 15.70 -10.14
N SER A 812 21.53 15.66 -10.44
CA SER A 812 20.84 14.39 -10.58
C SER A 812 19.93 14.37 -11.80
N PRO A 813 20.39 14.80 -12.99
CA PRO A 813 19.50 14.82 -14.16
C PRO A 813 19.47 13.51 -14.91
N VAL A 814 18.32 12.85 -14.98
CA VAL A 814 18.17 11.75 -15.93
C VAL A 814 18.09 12.28 -17.35
N GLU A 815 17.09 13.12 -17.63
CA GLU A 815 17.03 13.96 -18.83
C GLU A 815 16.25 15.21 -18.44
N GLU A 816 16.97 16.24 -18.00
CA GLU A 816 16.35 17.47 -17.50
C GLU A 816 17.46 18.50 -17.31
N ASP A 817 17.06 19.71 -16.91
CA ASP A 817 17.97 20.84 -16.79
C ASP A 817 18.48 21.04 -15.37
N GLY A 818 17.57 21.29 -14.42
CA GLY A 818 17.99 21.75 -13.10
C GLY A 818 17.53 20.96 -11.90
N PHE A 819 16.42 20.22 -12.03
CA PHE A 819 15.84 19.52 -10.88
C PHE A 819 16.80 18.45 -10.38
N ASN A 820 17.21 18.58 -9.12
CA ASN A 820 18.17 17.66 -8.50
C ASN A 820 17.73 17.40 -7.06
N LEU A 821 18.63 16.81 -6.28
CA LEU A 821 18.31 16.46 -4.90
C LEU A 821 18.38 17.67 -3.98
N THR A 822 19.40 18.52 -4.15
CA THR A 822 19.47 19.74 -3.35
C THR A 822 18.30 20.67 -3.62
N THR A 823 17.80 20.67 -4.86
CA THR A 823 16.57 21.40 -5.16
C THR A 823 15.42 20.87 -4.34
N SER A 824 15.30 19.55 -4.23
CA SER A 824 14.23 18.96 -3.41
C SER A 824 14.41 19.30 -1.94
N VAL A 825 15.65 19.35 -1.46
CA VAL A 825 15.89 19.69 -0.06
C VAL A 825 15.51 21.14 0.21
N SER A 826 15.91 22.05 -0.68
CA SER A 826 15.54 23.45 -0.52
C SER A 826 14.03 23.65 -0.62
N MET A 827 13.38 22.88 -1.49
CA MET A 827 11.92 22.96 -1.59
C MET A 827 11.26 22.43 -0.32
N MET A 828 11.81 21.39 0.28
CA MET A 828 11.28 20.89 1.54
C MET A 828 11.47 21.90 2.66
N LEU A 829 12.58 22.62 2.65
CA LEU A 829 12.79 23.67 3.65
C LEU A 829 11.78 24.81 3.47
N PHE A 830 11.59 25.25 2.22
CA PHE A 830 10.60 26.30 1.96
C PHE A 830 9.20 25.83 2.32
N ASP A 831 8.90 24.55 2.09
CA ASP A 831 7.59 24.01 2.43
C ASP A 831 7.41 23.90 3.94
N THR A 832 8.47 23.59 4.68
CA THR A 832 8.38 23.62 6.13
C THR A 832 8.10 25.03 6.63
N PHE A 833 8.78 26.04 6.05
CA PHE A 833 8.52 27.42 6.43
C PHE A 833 7.07 27.80 6.14
N LEU A 834 6.58 27.47 4.93
CA LEU A 834 5.21 27.81 4.57
C LEU A 834 4.21 27.07 5.44
N TYR A 835 4.50 25.81 5.77
CA TYR A 835 3.59 25.05 6.63
C TYR A 835 3.53 25.62 8.03
N GLY A 836 4.68 26.04 8.57
CA GLY A 836 4.66 26.69 9.88
C GLY A 836 3.88 27.99 9.87
N VAL A 837 4.09 28.81 8.83
CA VAL A 837 3.36 30.08 8.73
C VAL A 837 1.86 29.82 8.64
N MET A 838 1.45 28.90 7.78
CA MET A 838 0.04 28.62 7.61
C MET A 838 -0.56 27.98 8.86
N THR A 839 0.22 27.16 9.57
CA THR A 839 -0.26 26.57 10.81
C THR A 839 -0.52 27.65 11.85
N TRP A 840 0.44 28.57 12.01
CA TRP A 840 0.24 29.67 12.94
C TRP A 840 -0.98 30.50 12.56
N TYR A 841 -1.10 30.84 11.28
CA TYR A 841 -2.21 31.68 10.83
C TYR A 841 -3.56 30.99 11.05
N ILE A 842 -3.65 29.69 10.75
CA ILE A 842 -4.91 28.99 10.90
C ILE A 842 -5.25 28.80 12.38
N GLU A 843 -4.27 28.46 13.21
CA GLU A 843 -4.53 28.30 14.64
C GLU A 843 -4.92 29.62 15.27
N ALA A 844 -4.45 30.75 14.71
CA ALA A 844 -4.85 32.04 15.25
C ALA A 844 -6.21 32.49 14.75
N VAL A 845 -6.55 32.17 13.50
CA VAL A 845 -7.80 32.63 12.91
C VAL A 845 -8.91 31.60 13.10
N PHE A 846 -8.65 30.33 12.79
CA PHE A 846 -9.62 29.25 12.91
C PHE A 846 -9.09 28.19 13.86
N PRO A 847 -9.12 28.45 15.17
CA PRO A 847 -8.64 27.46 16.13
C PRO A 847 -9.67 26.37 16.39
N GLY A 848 -10.95 26.69 16.21
CA GLY A 848 -12.02 25.75 16.45
C GLY A 848 -13.08 26.29 17.38
N GLN A 849 -13.32 25.57 18.48
CA GLN A 849 -14.32 25.98 19.47
C GLN A 849 -13.70 26.52 20.75
N TYR A 850 -12.38 26.58 20.84
CA TYR A 850 -11.67 27.01 22.04
C TYR A 850 -10.70 28.14 21.71
N GLY A 851 -11.16 29.13 20.97
CA GLY A 851 -10.34 30.26 20.60
C GLY A 851 -11.05 31.59 20.87
N ILE A 852 -10.32 32.67 20.59
CA ILE A 852 -10.84 34.02 20.81
C ILE A 852 -11.83 34.37 19.69
N PRO A 853 -11.48 34.26 18.40
CA PRO A 853 -10.20 34.01 17.72
C PRO A 853 -9.52 35.30 17.29
N ARG A 854 -8.48 35.20 16.46
CA ARG A 854 -7.89 36.43 15.95
C ARG A 854 -8.55 36.85 14.64
N PRO A 855 -8.61 38.15 14.35
CA PRO A 855 -9.30 38.60 13.14
C PRO A 855 -8.57 38.23 11.86
N TRP A 856 -9.18 38.57 10.71
CA TRP A 856 -8.59 38.23 9.42
C TRP A 856 -7.50 39.20 9.00
N TYR A 857 -7.62 40.48 9.38
CA TYR A 857 -6.69 41.52 8.96
C TYR A 857 -5.43 41.59 9.81
N PHE A 858 -5.11 40.52 10.55
CA PHE A 858 -3.89 40.55 11.34
C PHE A 858 -2.79 39.73 10.65
N PRO A 859 -1.52 40.15 10.78
CA PRO A 859 -1.08 41.36 11.48
C PRO A 859 -1.06 42.59 10.57
N CYS A 860 -1.78 42.51 9.45
CA CYS A 860 -1.84 43.60 8.49
C CYS A 860 -2.59 44.81 9.07
N GLU A 891 -21.41 47.11 48.07
CA GLU A 891 -20.60 47.64 46.98
C GLU A 891 -19.29 48.24 47.51
N PRO A 892 -18.32 47.38 47.76
CA PRO A 892 -17.02 47.86 48.29
C PRO A 892 -16.28 48.69 47.25
N THR A 893 -16.06 49.96 47.57
CA THR A 893 -15.33 50.86 46.70
C THR A 893 -13.87 51.03 47.09
N HIS A 894 -13.41 50.30 48.11
CA HIS A 894 -12.04 50.40 48.59
C HIS A 894 -11.18 49.21 48.19
N LEU A 895 -11.71 48.30 47.38
CA LEU A 895 -10.98 47.11 46.97
C LEU A 895 -10.40 47.31 45.57
N LYS A 896 -9.74 46.28 45.05
CA LYS A 896 -9.00 46.39 43.81
C LYS A 896 -9.88 46.21 42.57
N LEU A 897 -11.08 45.62 42.72
CA LEU A 897 -11.98 45.37 41.60
C LEU A 897 -11.29 44.53 40.52
N GLY A 898 -10.98 43.29 40.92
CA GLY A 898 -10.25 42.36 40.06
C GLY A 898 -10.92 42.09 38.73
N VAL A 899 -12.09 41.45 38.76
CA VAL A 899 -12.80 41.05 37.55
C VAL A 899 -14.12 41.80 37.51
N SER A 900 -14.45 42.35 36.34
CA SER A 900 -15.70 43.08 36.14
C SER A 900 -16.22 42.80 34.74
N ILE A 901 -17.41 42.21 34.66
CA ILE A 901 -18.03 41.86 33.39
C ILE A 901 -19.05 42.92 33.03
N GLN A 902 -19.23 43.15 31.73
CA GLN A 902 -20.14 44.18 31.22
C GLN A 902 -20.93 43.61 30.05
N ASN A 903 -22.22 43.36 30.27
CA ASN A 903 -23.16 42.95 29.22
C ASN A 903 -22.69 41.69 28.50
N LEU A 904 -22.34 40.67 29.28
CA LEU A 904 -21.85 39.42 28.71
C LEU A 904 -22.98 38.71 27.97
N VAL A 905 -22.70 38.32 26.72
CA VAL A 905 -23.67 37.60 25.88
C VAL A 905 -22.95 36.42 25.24
N LYS A 906 -23.61 35.26 25.26
CA LYS A 906 -23.09 34.05 24.63
C LYS A 906 -24.19 33.42 23.79
N VAL A 907 -23.84 33.01 22.57
CA VAL A 907 -24.77 32.41 21.63
C VAL A 907 -24.12 31.17 21.05
N TYR A 908 -24.63 29.99 21.42
CA TYR A 908 -24.15 28.75 20.82
C TYR A 908 -24.88 28.50 19.50
N ARG A 909 -24.18 27.89 18.55
CA ARG A 909 -24.68 27.75 17.19
C ARG A 909 -25.61 26.56 17.01
N ASP A 910 -26.15 25.99 18.09
CA ASP A 910 -27.10 24.90 17.95
C ASP A 910 -28.50 25.41 17.64
N GLY A 911 -29.07 26.21 18.55
CA GLY A 911 -30.37 26.82 18.34
C GLY A 911 -30.36 28.27 18.79
N MET A 912 -29.20 28.91 18.67
CA MET A 912 -28.91 30.28 19.10
C MET A 912 -28.86 30.37 20.62
N LYS A 913 -29.25 29.30 21.31
CA LYS A 913 -29.01 29.07 22.73
C LYS A 913 -29.03 30.32 23.59
N VAL A 914 -30.16 31.03 23.65
CA VAL A 914 -30.22 32.24 24.45
C VAL A 914 -30.17 31.84 25.92
N ALA A 915 -29.01 32.03 26.53
CA ALA A 915 -28.77 31.64 27.92
C ALA A 915 -28.18 32.75 28.77
N VAL A 916 -27.32 33.58 28.20
CA VAL A 916 -26.68 34.68 28.92
C VAL A 916 -27.09 35.98 28.23
N ASP A 917 -27.98 36.73 28.88
CA ASP A 917 -28.49 37.98 28.31
C ASP A 917 -27.63 39.18 28.74
N GLY A 918 -27.45 39.35 30.03
CA GLY A 918 -26.66 40.46 30.54
C GLY A 918 -26.09 40.22 31.92
N LEU A 919 -24.80 40.52 32.09
CA LEU A 919 -24.12 40.34 33.37
C LEU A 919 -23.27 41.57 33.66
N ALA A 920 -23.49 42.18 34.82
CA ALA A 920 -22.72 43.32 35.29
C ALA A 920 -22.01 42.98 36.59
N LEU A 921 -21.49 41.76 36.70
CA LEU A 921 -20.87 41.31 37.92
C LEU A 921 -19.52 41.97 38.14
N ASN A 922 -19.21 42.28 39.40
CA ASN A 922 -17.94 42.88 39.79
C ASN A 922 -17.29 42.00 40.84
N PHE A 923 -16.16 41.38 40.50
CA PHE A 923 -15.43 40.51 41.41
C PHE A 923 -14.25 41.28 41.99
N TYR A 924 -14.12 41.25 43.31
CA TYR A 924 -13.09 42.01 44.01
C TYR A 924 -11.95 41.10 44.45
N GLU A 925 -10.88 41.73 44.91
CA GLU A 925 -9.66 41.00 45.24
C GLU A 925 -9.82 40.15 46.50
N GLY A 926 -10.09 40.81 47.62
CA GLY A 926 -10.15 40.11 48.89
C GLY A 926 -11.55 39.64 49.29
N GLN A 927 -12.30 39.11 48.33
CA GLN A 927 -13.63 38.62 48.59
C GLN A 927 -13.90 37.38 47.75
N ILE A 928 -14.71 36.48 48.29
CA ILE A 928 -15.13 35.27 47.58
C ILE A 928 -16.55 35.49 47.10
N THR A 929 -16.71 35.69 45.79
CA THR A 929 -18.02 35.92 45.18
C THR A 929 -18.66 34.58 44.88
N SER A 930 -19.72 34.25 45.61
CA SER A 930 -20.43 32.98 45.41
C SER A 930 -21.31 33.12 44.17
N PHE A 931 -20.76 32.74 43.02
CA PHE A 931 -21.46 32.80 41.75
C PHE A 931 -22.46 31.65 41.69
N LEU A 932 -23.66 31.91 42.22
CA LEU A 932 -24.71 30.91 42.27
C LEU A 932 -25.60 30.99 41.03
N GLY A 933 -26.47 29.99 40.88
CA GLY A 933 -27.36 29.93 39.75
C GLY A 933 -27.94 28.55 39.52
N HIS A 934 -29.12 28.49 38.92
CA HIS A 934 -29.78 27.22 38.66
C HIS A 934 -29.08 26.48 37.52
N ASN A 935 -29.59 25.29 37.20
CA ASN A 935 -29.03 24.49 36.11
C ASN A 935 -29.31 25.18 34.79
N GLY A 936 -28.26 25.67 34.14
CA GLY A 936 -28.39 26.41 32.91
C GLY A 936 -28.55 27.91 33.05
N ALA A 937 -28.17 28.46 34.20
CA ALA A 937 -28.31 29.90 34.43
C ALA A 937 -27.16 30.70 33.85
N GLY A 938 -26.06 30.05 33.46
CA GLY A 938 -24.94 30.76 32.87
C GLY A 938 -23.75 30.89 33.80
N LYS A 939 -23.45 29.84 34.55
CA LYS A 939 -22.30 29.84 35.44
C LYS A 939 -21.05 29.29 34.75
N THR A 940 -21.14 28.06 34.24
CA THR A 940 -20.01 27.47 33.53
C THR A 940 -19.70 28.25 32.26
N THR A 941 -20.73 28.72 31.56
CA THR A 941 -20.53 29.52 30.35
C THR A 941 -19.79 30.81 30.68
N THR A 942 -20.21 31.50 31.75
CA THR A 942 -19.55 32.74 32.13
C THR A 942 -18.11 32.48 32.56
N MET A 943 -17.87 31.41 33.32
CA MET A 943 -16.51 31.12 33.77
C MET A 943 -15.61 30.70 32.62
N SER A 944 -16.19 30.10 31.57
CA SER A 944 -15.40 29.77 30.39
C SER A 944 -15.13 31.00 29.53
N ILE A 945 -16.09 31.95 29.49
CA ILE A 945 -15.86 33.19 28.76
C ILE A 945 -14.80 34.03 29.46
N LEU A 946 -14.79 34.02 30.80
CA LEU A 946 -13.74 34.73 31.53
C LEU A 946 -12.37 34.18 31.20
N THR A 947 -12.26 32.88 30.91
CA THR A 947 -11.03 32.26 30.48
C THR A 947 -10.97 32.28 28.95
N GLY A 948 -10.00 31.56 28.38
CA GLY A 948 -9.86 31.51 26.94
C GLY A 948 -10.58 30.34 26.31
N LEU A 949 -11.68 29.91 26.92
CA LEU A 949 -12.43 28.75 26.45
C LEU A 949 -13.49 29.15 25.42
N PHE A 950 -14.43 30.01 25.81
CA PHE A 950 -15.52 30.39 24.95
C PHE A 950 -15.49 31.89 24.68
N PRO A 951 -15.75 32.31 23.44
CA PRO A 951 -15.76 33.74 23.12
C PRO A 951 -17.10 34.37 23.45
N PRO A 952 -17.10 35.60 23.94
CA PRO A 952 -18.38 36.28 24.21
C PRO A 952 -18.96 36.89 22.94
N THR A 953 -20.29 36.81 22.83
CA THR A 953 -20.96 37.38 21.66
C THR A 953 -20.99 38.90 21.75
N SER A 954 -21.28 39.44 22.94
CA SER A 954 -21.31 40.88 23.15
C SER A 954 -20.73 41.19 24.52
N GLY A 955 -20.60 42.49 24.81
CA GLY A 955 -20.03 42.90 26.08
C GLY A 955 -18.55 42.59 26.16
N THR A 956 -18.02 42.65 27.38
CA THR A 956 -16.61 42.39 27.63
C THR A 956 -16.43 42.02 29.10
N ALA A 957 -15.17 41.81 29.48
CA ALA A 957 -14.84 41.48 30.86
C ALA A 957 -13.40 41.90 31.12
N TYR A 958 -13.22 42.85 32.04
CA TYR A 958 -11.91 43.35 32.41
C TYR A 958 -11.43 42.61 33.66
N ILE A 959 -10.31 41.91 33.54
CA ILE A 959 -9.70 41.17 34.63
C ILE A 959 -8.43 41.92 35.04
N LEU A 960 -8.43 42.47 36.25
CA LEU A 960 -7.32 43.26 36.77
C LEU A 960 -7.00 44.46 35.87
N GLY A 961 -8.03 45.03 35.25
CA GLY A 961 -7.85 46.15 34.34
C GLY A 961 -7.48 45.77 32.93
N LYS A 962 -7.43 44.49 32.60
CA LYS A 962 -7.05 44.01 31.28
C LYS A 962 -8.24 43.31 30.62
N ASP A 963 -8.45 43.59 29.34
CA ASP A 963 -9.55 43.00 28.61
C ASP A 963 -9.23 41.57 28.19
N ILE A 964 -10.28 40.78 27.98
CA ILE A 964 -10.11 39.39 27.57
C ILE A 964 -10.14 39.22 26.06
N ARG A 965 -10.79 40.14 25.33
CA ARG A 965 -10.88 39.99 23.88
C ARG A 965 -9.54 40.28 23.20
N SER A 966 -8.70 41.11 23.82
CA SER A 966 -7.39 41.45 23.26
C SER A 966 -6.24 40.93 24.10
N GLU A 967 -6.21 41.23 25.39
CA GLU A 967 -5.12 40.81 26.27
C GLU A 967 -5.51 39.52 27.01
N MET A 968 -5.63 38.45 26.22
CA MET A 968 -5.98 37.15 26.80
C MET A 968 -4.76 36.44 27.37
N SER A 969 -3.63 36.51 26.66
CA SER A 969 -2.42 35.85 27.14
C SER A 969 -1.90 36.50 28.42
N THR A 970 -1.96 37.83 28.50
CA THR A 970 -1.50 38.51 29.69
C THR A 970 -2.35 38.15 30.90
N ILE A 971 -3.64 37.94 30.70
CA ILE A 971 -4.50 37.53 31.81
C ILE A 971 -4.24 36.08 32.19
N ARG A 972 -4.12 35.20 31.18
CA ARG A 972 -3.88 33.79 31.46
C ARG A 972 -2.50 33.54 32.08
N GLN A 973 -1.55 34.48 31.91
CA GLN A 973 -0.26 34.34 32.57
C GLN A 973 -0.38 34.38 34.09
N ASN A 974 -1.46 34.96 34.61
CA ASN A 974 -1.70 35.07 36.05
C ASN A 974 -3.12 34.65 36.38
N LEU A 975 -3.55 33.52 35.83
CA LEU A 975 -4.90 33.01 36.01
C LEU A 975 -4.87 31.54 36.37
N GLY A 976 -5.65 31.15 37.36
CA GLY A 976 -5.80 29.76 37.74
C GLY A 976 -7.24 29.34 37.61
N VAL A 977 -7.47 28.14 37.07
CA VAL A 977 -8.81 27.67 36.78
C VAL A 977 -8.97 26.23 37.28
N CYS A 978 -10.19 25.90 37.67
CA CYS A 978 -10.56 24.53 38.03
C CYS A 978 -11.97 24.31 37.50
N PRO A 979 -12.11 23.72 36.31
CA PRO A 979 -13.43 23.63 35.68
C PRO A 979 -14.37 22.65 36.36
N GLN A 980 -15.60 22.56 35.84
CA GLN A 980 -16.59 21.66 36.43
C GLN A 980 -16.22 20.21 36.22
N HIS A 981 -15.69 19.88 35.04
CA HIS A 981 -15.25 18.53 34.72
C HIS A 981 -13.76 18.39 34.94
N ASN A 982 -13.34 17.25 35.47
CA ASN A 982 -11.93 17.01 35.78
C ASN A 982 -11.13 16.95 34.48
N VAL A 983 -10.31 17.97 34.23
CA VAL A 983 -9.45 18.05 33.07
C VAL A 983 -8.03 17.81 33.55
N LEU A 984 -7.54 16.59 33.39
CA LEU A 984 -6.21 16.23 33.86
C LEU A 984 -5.70 15.06 33.03
N PHE A 985 -4.37 14.90 33.04
CA PHE A 985 -3.74 13.82 32.30
C PHE A 985 -4.01 12.48 32.99
N ASP A 986 -3.89 11.40 32.21
CA ASP A 986 -4.14 10.06 32.69
C ASP A 986 -2.88 9.33 33.15
N MET A 987 -1.78 9.45 32.39
CA MET A 987 -0.57 8.73 32.72
C MET A 987 0.21 9.36 33.88
N LEU A 988 0.00 10.65 34.14
CA LEU A 988 0.69 11.31 35.24
C LEU A 988 -0.04 11.07 36.55
N THR A 989 0.73 10.99 37.63
CA THR A 989 0.17 10.76 38.96
C THR A 989 -0.22 12.09 39.59
N VAL A 990 -0.56 12.06 40.88
CA VAL A 990 -0.96 13.28 41.58
C VAL A 990 0.24 14.16 41.87
N GLU A 991 1.30 13.57 42.44
CA GLU A 991 2.49 14.35 42.75
C GLU A 991 3.13 14.92 41.49
N GLU A 992 3.15 14.13 40.40
CA GLU A 992 3.67 14.63 39.14
C GLU A 992 2.81 15.75 38.59
N HIS A 993 1.48 15.64 38.76
CA HIS A 993 0.58 16.70 38.33
C HIS A 993 0.88 18.00 39.06
N ILE A 994 1.00 17.93 40.39
CA ILE A 994 1.25 19.14 41.16
C ILE A 994 2.63 19.70 40.84
N TRP A 995 3.62 18.83 40.67
CA TRP A 995 4.97 19.29 40.31
C TRP A 995 4.95 20.03 38.97
N PHE A 996 4.25 19.46 37.98
CA PHE A 996 4.17 20.10 36.66
C PHE A 996 3.46 21.45 36.76
N TYR A 997 2.29 21.47 37.39
CA TYR A 997 1.52 22.71 37.46
C TYR A 997 2.12 23.75 38.39
N ALA A 998 3.09 23.36 39.23
CA ALA A 998 3.80 24.34 40.04
C ALA A 998 5.05 24.85 39.33
N ARG A 999 5.77 23.98 38.61
CA ARG A 999 6.91 24.43 37.82
C ARG A 999 6.50 25.22 36.59
N LEU A 1000 5.24 25.09 36.15
CA LEU A 1000 4.76 25.83 35.00
C LEU A 1000 4.61 27.32 35.27
N LYS A 1001 4.72 27.75 36.52
CA LYS A 1001 4.55 29.16 36.86
C LYS A 1001 5.83 29.85 37.30
N GLY A 1002 6.93 29.12 37.44
CA GLY A 1002 8.22 29.71 37.73
C GLY A 1002 8.75 29.51 39.14
N LEU A 1003 8.17 28.60 39.92
CA LEU A 1003 8.64 28.37 41.27
C LEU A 1003 9.90 27.49 41.26
N SER A 1004 10.74 27.68 42.26
CA SER A 1004 11.97 26.90 42.38
C SER A 1004 11.65 25.48 42.83
N GLU A 1005 12.62 24.58 42.60
CA GLU A 1005 12.42 23.16 42.89
C GLU A 1005 12.05 22.95 44.36
N LYS A 1006 12.80 23.57 45.27
CA LYS A 1006 12.46 23.48 46.68
C LYS A 1006 11.12 24.14 46.96
N HIS A 1007 10.84 25.27 46.31
CA HIS A 1007 9.55 25.92 46.47
C HIS A 1007 8.43 25.06 45.91
N VAL A 1008 8.68 24.37 44.79
CA VAL A 1008 7.66 23.47 44.24
C VAL A 1008 7.40 22.31 45.20
N LYS A 1009 8.45 21.76 45.80
CA LYS A 1009 8.25 20.68 46.76
C LYS A 1009 7.48 21.16 47.99
N ALA A 1010 7.81 22.36 48.47
CA ALA A 1010 7.08 22.93 49.60
C ALA A 1010 5.61 23.13 49.26
N GLU A 1011 5.33 23.64 48.06
CA GLU A 1011 3.94 23.84 47.64
C GLU A 1011 3.21 22.51 47.51
N MET A 1012 3.89 21.48 46.98
CA MET A 1012 3.29 20.15 46.90
C MET A 1012 2.91 19.63 48.27
N GLU A 1013 3.84 19.72 49.23
CA GLU A 1013 3.55 19.23 50.57
C GLU A 1013 2.42 20.04 51.21
N GLN A 1014 2.43 21.36 51.04
CA GLN A 1014 1.39 22.20 51.63
C GLN A 1014 0.02 21.86 51.07
N MET A 1015 -0.08 21.71 49.74
CA MET A 1015 -1.36 21.35 49.14
C MET A 1015 -1.80 19.97 49.58
N ALA A 1016 -0.86 19.01 49.65
CA ALA A 1016 -1.23 17.67 50.08
C ALA A 1016 -1.71 17.65 51.53
N LEU A 1017 -1.20 18.55 52.37
CA LEU A 1017 -1.63 18.56 53.76
C LEU A 1017 -2.90 19.37 53.98
N ASP A 1018 -3.15 20.41 53.17
CA ASP A 1018 -4.35 21.21 53.40
C ASP A 1018 -5.57 20.68 52.66
N VAL A 1019 -5.38 20.14 51.45
CA VAL A 1019 -6.53 19.61 50.69
C VAL A 1019 -7.13 18.41 51.40
N GLY A 1020 -6.30 17.51 51.90
CA GLY A 1020 -6.78 16.32 52.58
C GLY A 1020 -6.33 15.03 51.93
N LEU A 1021 -5.22 15.09 51.22
CA LEU A 1021 -4.67 13.89 50.59
C LEU A 1021 -4.02 13.00 51.65
N PRO A 1022 -4.35 11.72 51.69
CA PRO A 1022 -3.78 10.84 52.74
C PRO A 1022 -2.34 10.46 52.48
N SER A 1023 -1.70 11.11 51.50
CA SER A 1023 -0.32 10.87 51.09
C SER A 1023 -0.09 9.46 50.56
N SER A 1024 -1.16 8.70 50.31
CA SER A 1024 -1.07 7.37 49.74
C SER A 1024 -1.49 7.32 48.28
N LYS A 1025 -2.10 8.38 47.76
CA LYS A 1025 -2.52 8.45 46.36
C LYS A 1025 -1.63 9.35 45.53
N LEU A 1026 -0.54 9.87 46.10
CA LEU A 1026 0.34 10.75 45.35
C LEU A 1026 1.06 10.00 44.24
N LYS A 1027 1.58 8.81 44.54
CA LYS A 1027 2.30 7.99 43.57
C LYS A 1027 1.38 7.05 42.80
N SER A 1028 0.09 7.36 42.73
CA SER A 1028 -0.87 6.55 42.00
C SER A 1028 -1.43 7.34 40.83
N LYS A 1029 -1.76 6.62 39.74
CA LYS A 1029 -2.27 7.27 38.55
C LYS A 1029 -3.62 7.92 38.83
N THR A 1030 -3.83 9.10 38.23
CA THR A 1030 -5.08 9.83 38.43
C THR A 1030 -6.28 9.13 37.81
N SER A 1031 -6.05 8.23 36.84
CA SER A 1031 -7.15 7.52 36.21
C SER A 1031 -7.79 6.50 37.15
N GLN A 1032 -7.09 6.09 38.21
CA GLN A 1032 -7.62 5.14 39.18
C GLN A 1032 -8.28 5.82 40.36
N LEU A 1033 -8.26 7.15 40.43
CA LEU A 1033 -8.88 7.86 41.52
C LEU A 1033 -10.40 7.91 41.35
N SER A 1034 -11.09 8.23 42.45
CA SER A 1034 -12.54 8.36 42.44
C SER A 1034 -12.91 9.78 42.04
N GLY A 1035 -14.21 10.10 42.11
CA GLY A 1035 -14.63 11.45 41.76
C GLY A 1035 -14.21 12.49 42.78
N GLY A 1036 -14.31 12.15 44.07
CA GLY A 1036 -13.90 13.10 45.10
C GLY A 1036 -12.43 13.42 45.08
N MET A 1037 -11.59 12.39 44.90
CA MET A 1037 -10.15 12.62 44.85
C MET A 1037 -9.76 13.42 43.62
N GLN A 1038 -10.39 13.14 42.47
CA GLN A 1038 -10.11 13.90 41.27
C GLN A 1038 -10.55 15.36 41.43
N ARG A 1039 -11.69 15.58 42.09
CA ARG A 1039 -12.14 16.95 42.31
C ARG A 1039 -11.20 17.69 43.27
N LYS A 1040 -10.74 17.01 44.32
CA LYS A 1040 -9.78 17.63 45.23
C LYS A 1040 -8.48 17.96 44.52
N LEU A 1041 -8.01 17.07 43.65
CA LEU A 1041 -6.79 17.34 42.89
C LEU A 1041 -6.99 18.53 41.94
N SER A 1042 -8.15 18.60 41.28
CA SER A 1042 -8.41 19.71 40.38
C SER A 1042 -8.48 21.04 41.14
N VAL A 1043 -9.06 21.01 42.34
CA VAL A 1043 -9.09 22.22 43.16
C VAL A 1043 -7.69 22.61 43.61
N ALA A 1044 -6.86 21.62 43.95
CA ALA A 1044 -5.50 21.91 44.39
C ALA A 1044 -4.65 22.48 43.26
N LEU A 1045 -4.84 21.99 42.04
CA LEU A 1045 -4.05 22.46 40.90
C LEU A 1045 -4.39 23.89 40.51
N ALA A 1046 -5.50 24.45 41.00
CA ALA A 1046 -5.88 25.82 40.69
C ALA A 1046 -5.29 26.85 41.63
N PHE A 1047 -4.75 26.43 42.78
CA PHE A 1047 -4.18 27.34 43.75
C PHE A 1047 -2.66 27.27 43.83
N VAL A 1048 -2.02 26.31 43.13
CA VAL A 1048 -0.57 26.21 43.17
C VAL A 1048 0.04 27.38 42.41
N GLY A 1049 1.22 27.81 42.85
CA GLY A 1049 1.91 28.91 42.21
C GLY A 1049 1.24 30.25 42.49
N GLY A 1050 1.72 31.26 41.78
CA GLY A 1050 1.19 32.60 41.93
C GLY A 1050 0.10 32.94 40.94
N SER A 1051 -1.15 32.88 41.39
CA SER A 1051 -2.31 33.19 40.55
C SER A 1051 -3.23 34.13 41.34
N LYS A 1052 -3.29 35.39 40.93
CA LYS A 1052 -4.11 36.39 41.60
C LYS A 1052 -5.56 36.38 41.16
N VAL A 1053 -5.93 35.52 40.21
CA VAL A 1053 -7.32 35.40 39.75
C VAL A 1053 -7.63 33.91 39.65
N VAL A 1054 -8.44 33.41 40.59
CA VAL A 1054 -8.80 32.01 40.66
C VAL A 1054 -10.27 31.85 40.26
N ILE A 1055 -10.55 30.87 39.42
CA ILE A 1055 -11.89 30.61 38.92
C ILE A 1055 -12.20 29.13 39.15
N LEU A 1056 -13.07 28.85 40.12
CA LEU A 1056 -13.43 27.48 40.50
C LEU A 1056 -14.88 27.23 40.11
N ASP A 1057 -15.09 26.36 39.12
CA ASP A 1057 -16.42 25.93 38.72
C ASP A 1057 -16.71 24.60 39.39
N GLN A 1058 -17.66 24.60 40.33
CA GLN A 1058 -18.06 23.42 41.10
C GLN A 1058 -16.85 22.79 41.78
N PRO A 1059 -16.27 23.46 42.79
CA PRO A 1059 -15.11 22.87 43.49
C PRO A 1059 -15.47 21.72 44.40
N THR A 1060 -16.75 21.52 44.71
CA THR A 1060 -17.20 20.42 45.58
C THR A 1060 -18.33 19.71 44.84
N ALA A 1061 -17.96 18.74 44.00
CA ALA A 1061 -18.91 17.93 43.24
C ALA A 1061 -18.60 16.47 43.52
N GLY A 1062 -19.43 15.82 44.33
CA GLY A 1062 -19.18 14.45 44.73
C GLY A 1062 -18.20 14.31 45.87
N VAL A 1063 -17.94 15.38 46.61
CA VAL A 1063 -16.97 15.38 47.71
C VAL A 1063 -17.73 15.23 49.02
N ASP A 1064 -17.19 14.41 49.91
CA ASP A 1064 -17.80 14.19 51.21
C ASP A 1064 -17.80 15.47 52.04
N PRO A 1065 -18.66 15.56 53.06
CA PRO A 1065 -18.64 16.74 53.93
C PRO A 1065 -17.34 16.90 54.70
N TYR A 1066 -16.52 15.86 54.80
CA TYR A 1066 -15.26 15.96 55.52
C TYR A 1066 -14.22 16.74 54.73
N SER A 1067 -13.93 16.28 53.50
CA SER A 1067 -12.97 16.99 52.66
C SER A 1067 -13.49 18.36 52.23
N ARG A 1068 -14.80 18.57 52.27
CA ARG A 1068 -15.33 19.91 52.01
C ARG A 1068 -14.84 20.91 53.04
N ARG A 1069 -14.70 20.47 54.30
CA ARG A 1069 -14.14 21.34 55.33
C ARG A 1069 -12.69 21.70 55.02
N GLY A 1070 -11.91 20.73 54.54
CA GLY A 1070 -10.53 21.03 54.16
C GLY A 1070 -10.46 21.97 52.98
N ILE A 1071 -11.37 21.81 52.01
CA ILE A 1071 -11.43 22.72 50.88
C ILE A 1071 -11.79 24.13 51.35
N TRP A 1072 -12.71 24.23 52.32
CA TRP A 1072 -13.06 25.54 52.87
C TRP A 1072 -11.87 26.18 53.58
N GLU A 1073 -11.13 25.39 54.36
CA GLU A 1073 -9.94 25.92 55.02
C GLU A 1073 -8.89 26.37 54.01
N LEU A 1074 -8.73 25.61 52.92
CA LEU A 1074 -7.79 25.99 51.88
C LEU A 1074 -8.20 27.29 51.21
N LEU A 1075 -9.49 27.44 50.90
CA LEU A 1075 -9.97 28.68 50.29
C LEU A 1075 -9.86 29.86 51.23
N LEU A 1076 -10.03 29.63 52.54
CA LEU A 1076 -9.88 30.72 53.50
C LEU A 1076 -8.42 31.09 53.70
N LYS A 1077 -7.51 30.13 53.57
CA LYS A 1077 -6.09 30.43 53.71
C LYS A 1077 -5.57 31.27 52.54
N TYR A 1078 -6.12 31.07 51.34
CA TYR A 1078 -5.71 31.80 50.15
C TYR A 1078 -6.71 32.88 49.77
N ARG A 1079 -7.32 33.53 50.76
CA ARG A 1079 -8.32 34.56 50.53
C ARG A 1079 -7.73 35.97 50.65
N GLN A 1080 -6.43 36.12 50.48
CA GLN A 1080 -5.82 37.44 50.63
C GLN A 1080 -6.01 38.29 49.38
N GLY A 1081 -5.43 37.87 48.26
CA GLY A 1081 -5.55 38.62 47.03
C GLY A 1081 -5.68 37.77 45.79
N ARG A 1082 -6.20 36.56 45.93
CA ARG A 1082 -6.27 35.62 44.82
C ARG A 1082 -7.58 35.70 44.05
N THR A 1083 -8.53 36.53 44.49
CA THR A 1083 -9.80 36.75 43.79
C THR A 1083 -10.51 35.43 43.53
N ILE A 1084 -10.89 34.76 44.62
CA ILE A 1084 -11.56 33.47 44.54
C ILE A 1084 -13.01 33.69 44.10
N ILE A 1085 -13.43 32.97 43.07
CA ILE A 1085 -14.79 33.03 42.56
C ILE A 1085 -15.43 31.67 42.78
N LEU A 1086 -16.35 31.61 43.74
CA LEU A 1086 -16.99 30.36 44.12
C LEU A 1086 -18.26 30.15 43.30
N SER A 1087 -18.36 29.00 42.65
CA SER A 1087 -19.55 28.60 41.89
C SER A 1087 -19.91 27.17 42.29
N THR A 1088 -20.69 27.04 43.35
CA THR A 1088 -21.10 25.74 43.86
C THR A 1088 -22.61 25.73 44.06
N HIS A 1089 -23.14 24.55 44.40
CA HIS A 1089 -24.56 24.36 44.66
C HIS A 1089 -24.86 24.10 46.12
N HIS A 1090 -23.85 24.05 46.98
CA HIS A 1090 -24.05 23.87 48.41
C HIS A 1090 -24.32 25.23 49.03
N MET A 1091 -25.50 25.38 49.65
CA MET A 1091 -25.87 26.67 50.21
C MET A 1091 -25.01 27.02 51.43
N ASP A 1092 -24.66 26.02 52.23
CA ASP A 1092 -23.82 26.29 53.40
C ASP A 1092 -22.44 26.79 52.99
N GLU A 1093 -21.85 26.19 51.97
CA GLU A 1093 -20.54 26.63 51.50
C GLU A 1093 -20.61 28.05 50.95
N ALA A 1094 -21.63 28.35 50.14
CA ALA A 1094 -21.75 29.68 49.55
C ALA A 1094 -22.07 30.73 50.60
N ASP A 1095 -22.71 30.33 51.70
CA ASP A 1095 -23.04 31.29 52.75
C ASP A 1095 -21.87 31.51 53.71
N VAL A 1096 -21.04 30.48 53.93
CA VAL A 1096 -19.91 30.63 54.83
C VAL A 1096 -18.73 31.28 54.13
N LEU A 1097 -18.28 30.68 53.02
CA LEU A 1097 -17.11 31.21 52.32
C LEU A 1097 -17.43 32.49 51.57
N GLY A 1098 -18.63 32.58 51.00
CA GLY A 1098 -19.01 33.73 50.20
C GLY A 1098 -19.21 34.99 51.00
N ASP A 1099 -18.33 35.97 50.82
CA ASP A 1099 -18.49 37.26 51.47
C ASP A 1099 -19.48 38.16 50.72
N ARG A 1100 -19.60 37.96 49.41
CA ARG A 1100 -20.57 38.71 48.60
C ARG A 1100 -21.06 37.76 47.51
N ILE A 1101 -22.20 37.11 47.79
CA ILE A 1101 -22.74 36.13 46.85
C ILE A 1101 -23.42 36.82 45.68
N ALA A 1102 -23.69 36.05 44.64
CA ALA A 1102 -24.33 36.57 43.44
C ALA A 1102 -25.18 35.46 42.84
N ILE A 1103 -26.50 35.63 42.89
CA ILE A 1103 -27.45 34.66 42.34
C ILE A 1103 -28.03 35.24 41.07
N ILE A 1104 -27.98 34.47 39.98
CA ILE A 1104 -28.52 34.86 38.69
C ILE A 1104 -29.51 33.79 38.24
N SER A 1105 -30.18 34.08 37.11
CA SER A 1105 -31.12 33.14 36.51
C SER A 1105 -31.29 33.49 35.04
N HIS A 1106 -31.10 32.49 34.17
CA HIS A 1106 -31.22 32.66 32.73
C HIS A 1106 -30.28 33.75 32.20
N GLY A 1107 -29.11 33.87 32.82
CA GLY A 1107 -28.10 34.82 32.41
C GLY A 1107 -28.28 36.22 32.99
N LYS A 1108 -29.51 36.64 33.24
CA LYS A 1108 -29.76 37.96 33.79
C LYS A 1108 -29.44 37.99 35.28
N LEU A 1109 -28.95 39.15 35.73
CA LEU A 1109 -28.59 39.32 37.13
C LEU A 1109 -29.82 39.43 37.99
N CYS A 1110 -29.89 38.60 39.04
CA CYS A 1110 -31.03 38.60 39.95
C CYS A 1110 -30.73 39.32 41.26
N CYS A 1111 -29.66 38.93 41.96
CA CYS A 1111 -29.28 39.59 43.20
C CYS A 1111 -27.80 39.44 43.43
N VAL A 1112 -27.18 40.48 44.00
CA VAL A 1112 -25.76 40.50 44.31
C VAL A 1112 -25.59 41.20 45.65
N GLY A 1113 -24.86 40.56 46.57
CA GLY A 1113 -24.60 41.15 47.86
C GLY A 1113 -24.24 40.12 48.89
N SER A 1114 -23.87 40.61 50.06
CA SER A 1114 -23.47 39.74 51.16
C SER A 1114 -24.68 38.98 51.70
N SER A 1115 -24.43 38.13 52.70
CA SER A 1115 -25.50 37.35 53.30
C SER A 1115 -26.50 38.24 54.04
N LEU A 1116 -26.01 39.28 54.72
CA LEU A 1116 -26.90 40.17 55.45
C LEU A 1116 -27.82 40.92 54.51
N PHE A 1117 -27.29 41.38 53.37
CA PHE A 1117 -28.11 42.14 52.42
C PHE A 1117 -29.27 41.31 51.90
N LEU A 1118 -28.99 40.11 51.39
CA LEU A 1118 -30.03 39.25 50.84
C LEU A 1118 -30.88 38.59 51.91
N LYS A 1119 -30.44 38.58 53.16
CA LYS A 1119 -31.26 38.06 54.24
C LYS A 1119 -32.17 39.10 54.85
N ASN A 1120 -31.82 40.39 54.73
CA ASN A 1120 -32.68 41.45 55.23
C ASN A 1120 -33.62 42.00 54.16
N GLN A 1121 -33.16 42.08 52.91
CA GLN A 1121 -34.00 42.60 51.85
C GLN A 1121 -35.06 41.59 51.40
N LEU A 1122 -34.64 40.34 51.19
CA LEU A 1122 -35.56 39.30 50.75
C LEU A 1122 -36.34 38.75 51.94
N GLY A 1123 -37.05 37.65 51.73
CA GLY A 1123 -37.87 37.06 52.77
C GLY A 1123 -37.08 36.53 53.95
N THR A 1124 -37.43 36.99 55.15
CA THR A 1124 -36.78 36.57 56.38
C THR A 1124 -37.82 36.03 57.36
N GLY A 1125 -37.34 35.38 58.40
CA GLY A 1125 -38.19 34.82 59.42
C GLY A 1125 -37.52 33.64 60.09
N TYR A 1126 -38.28 32.97 60.95
CA TYR A 1126 -37.83 31.81 61.69
C TYR A 1126 -38.29 30.55 60.94
N TYR A 1127 -37.35 29.77 60.45
CA TYR A 1127 -37.64 28.52 59.76
C TYR A 1127 -37.51 27.38 60.75
N LEU A 1128 -38.62 26.71 61.05
CA LEU A 1128 -38.67 25.62 62.00
C LEU A 1128 -38.83 24.31 61.23
N THR A 1129 -37.87 23.41 61.37
CA THR A 1129 -37.87 22.11 60.71
C THR A 1129 -37.79 21.02 61.76
N LEU A 1130 -38.87 20.24 61.89
CA LEU A 1130 -38.93 19.13 62.82
C LEU A 1130 -39.35 17.87 62.09
N VAL A 1131 -38.74 16.74 62.44
CA VAL A 1131 -39.03 15.48 61.79
C VAL A 1131 -40.37 14.95 62.27
N LYS A 1132 -41.05 14.20 61.41
CA LYS A 1132 -42.34 13.61 61.77
C LYS A 1132 -42.25 12.09 61.81
N SER A 1181 -51.62 18.13 60.49
CA SER A 1181 -52.94 17.95 61.07
C SER A 1181 -53.03 18.61 62.44
N ALA A 1182 -52.78 17.81 63.49
CA ALA A 1182 -52.84 18.34 64.84
C ALA A 1182 -51.64 19.23 65.14
N ILE A 1183 -50.50 18.98 64.51
CA ILE A 1183 -49.32 19.81 64.75
C ILE A 1183 -49.55 21.22 64.20
N SER A 1184 -50.20 21.34 63.05
CA SER A 1184 -50.53 22.64 62.51
C SER A 1184 -51.46 23.40 63.46
N ASN A 1185 -52.45 22.70 64.03
CA ASN A 1185 -53.36 23.34 64.97
C ASN A 1185 -52.61 23.81 66.22
N LEU A 1186 -51.71 22.96 66.75
CA LEU A 1186 -51.01 23.31 67.98
C LEU A 1186 -49.96 24.40 67.76
N ILE A 1187 -49.45 24.55 66.54
CA ILE A 1187 -48.52 25.65 66.28
C ILE A 1187 -49.27 26.93 65.93
N ARG A 1188 -50.51 26.82 65.41
CA ARG A 1188 -51.30 28.01 65.14
C ARG A 1188 -52.05 28.51 66.37
N LYS A 1189 -52.20 27.68 67.40
CA LYS A 1189 -52.86 28.12 68.62
C LYS A 1189 -51.90 28.74 69.63
N HIS A 1190 -50.60 28.52 69.47
CA HIS A 1190 -49.61 29.10 70.37
C HIS A 1190 -49.04 30.41 69.84
N VAL A 1191 -49.00 30.59 68.52
CA VAL A 1191 -48.50 31.80 67.91
C VAL A 1191 -49.53 32.29 66.89
N SER A 1192 -49.49 33.60 66.63
CA SER A 1192 -50.48 34.21 65.75
C SER A 1192 -50.25 33.83 64.30
N GLU A 1193 -49.01 33.98 63.82
CA GLU A 1193 -48.67 33.75 62.42
C GLU A 1193 -47.94 32.41 62.30
N ALA A 1194 -48.49 31.52 61.49
CA ALA A 1194 -47.89 30.21 61.24
C ALA A 1194 -48.31 29.73 59.86
N ARG A 1195 -47.34 29.37 59.03
CA ARG A 1195 -47.61 28.96 57.66
C ARG A 1195 -46.75 27.76 57.30
N LEU A 1196 -47.38 26.80 56.60
CA LEU A 1196 -46.67 25.63 56.09
C LEU A 1196 -46.27 25.90 54.65
N VAL A 1197 -44.97 25.73 54.35
CA VAL A 1197 -44.45 26.05 53.05
C VAL A 1197 -43.97 24.81 52.30
N GLU A 1198 -43.50 23.78 52.99
CA GLU A 1198 -42.93 22.62 52.31
C GLU A 1198 -42.99 21.41 53.24
N ASP A 1199 -43.42 20.27 52.67
CA ASP A 1199 -43.45 18.98 53.38
C ASP A 1199 -42.91 17.96 52.37
N ILE A 1200 -41.60 17.76 52.39
CA ILE A 1200 -40.93 16.81 51.50
C ILE A 1200 -39.87 16.06 52.30
N GLY A 1201 -40.07 14.75 52.46
CA GLY A 1201 -39.09 13.93 53.13
C GLY A 1201 -39.02 14.17 54.63
N HIS A 1202 -40.17 14.09 55.31
CA HIS A 1202 -40.25 14.21 56.76
C HIS A 1202 -39.64 15.53 57.28
N GLU A 1203 -39.72 16.59 56.46
CA GLU A 1203 -39.17 17.87 56.87
C GLU A 1203 -40.21 18.73 57.58
N LEU A 1204 -41.33 19.02 56.91
CA LEU A 1204 -42.43 19.79 57.48
C LEU A 1204 -41.94 21.15 57.99
N THR A 1205 -41.46 21.96 57.04
CA THR A 1205 -40.87 23.25 57.38
C THR A 1205 -41.95 24.30 57.57
N TYR A 1206 -41.89 25.03 58.68
CA TYR A 1206 -42.80 26.13 58.98
C TYR A 1206 -42.04 27.44 59.01
N VAL A 1207 -42.74 28.52 58.66
CA VAL A 1207 -42.16 29.86 58.64
C VAL A 1207 -42.93 30.73 59.64
N LEU A 1208 -42.19 31.34 60.56
CA LEU A 1208 -42.76 32.22 61.57
C LEU A 1208 -42.01 33.55 61.52
N PRO A 1209 -42.59 34.58 60.90
CA PRO A 1209 -41.94 35.89 60.81
C PRO A 1209 -41.96 36.65 62.13
N ALA A 1217 -44.58 33.81 73.78
CA ALA A 1217 -44.92 33.59 72.38
C ALA A 1217 -44.09 32.46 71.78
N PHE A 1218 -42.85 32.76 71.42
CA PHE A 1218 -41.97 31.75 70.84
C PHE A 1218 -41.40 30.81 71.90
N VAL A 1219 -41.15 31.31 73.11
CA VAL A 1219 -40.61 30.45 74.17
C VAL A 1219 -41.63 29.40 74.58
N GLU A 1220 -42.88 29.81 74.80
CA GLU A 1220 -43.91 28.85 75.14
C GLU A 1220 -44.20 27.91 73.97
N LEU A 1221 -44.08 28.40 72.74
CA LEU A 1221 -44.25 27.53 71.57
C LEU A 1221 -43.18 26.43 71.54
N PHE A 1222 -41.92 26.82 71.76
CA PHE A 1222 -40.85 25.83 71.77
C PHE A 1222 -41.02 24.87 72.95
N HIS A 1223 -41.48 25.37 74.09
CA HIS A 1223 -41.76 24.49 75.21
C HIS A 1223 -42.84 23.48 74.88
N GLU A 1224 -43.90 23.91 74.18
CA GLU A 1224 -44.97 23.00 73.81
C GLU A 1224 -44.51 21.98 72.79
N ILE A 1225 -43.62 22.38 71.87
CA ILE A 1225 -43.06 21.43 70.92
C ILE A 1225 -42.15 20.43 71.63
N ASP A 1226 -41.44 20.88 72.67
CA ASP A 1226 -40.47 20.01 73.33
C ASP A 1226 -41.16 19.00 74.25
N ASP A 1227 -42.04 19.47 75.14
CA ASP A 1227 -42.61 18.56 76.14
C ASP A 1227 -43.54 17.52 75.51
N ARG A 1228 -44.02 17.76 74.30
CA ARG A 1228 -44.90 16.81 73.62
C ARG A 1228 -44.33 16.46 72.24
N ILE A 1234 -40.38 14.81 65.65
CA ILE A 1234 -40.41 13.86 66.75
C ILE A 1234 -39.04 13.75 67.40
N SER A 1235 -38.90 14.32 68.59
CA SER A 1235 -37.65 14.35 69.35
C SER A 1235 -36.52 14.94 68.51
N SER A 1236 -36.86 15.92 67.68
CA SER A 1236 -35.87 16.61 66.83
C SER A 1236 -36.37 18.04 66.63
N TYR A 1237 -35.84 18.96 67.42
CA TYR A 1237 -36.27 20.35 67.41
C TYR A 1237 -35.11 21.25 66.98
N GLY A 1238 -35.32 22.02 65.93
CA GLY A 1238 -34.30 22.92 65.43
C GLY A 1238 -34.85 24.06 64.61
N ILE A 1239 -34.37 25.27 64.87
CA ILE A 1239 -34.83 26.46 64.17
C ILE A 1239 -33.64 27.14 63.52
N SER A 1240 -33.91 27.91 62.46
CA SER A 1240 -32.88 28.66 61.77
C SER A 1240 -33.47 29.99 61.31
N GLU A 1241 -32.61 30.84 60.74
CA GLU A 1241 -32.98 32.19 60.33
C GLU A 1241 -32.69 32.37 58.85
N THR A 1242 -33.70 32.09 58.02
CA THR A 1242 -33.71 32.40 56.58
C THR A 1242 -32.37 32.11 55.90
N THR A 1243 -31.98 30.85 55.95
CA THR A 1243 -30.73 30.41 55.33
C THR A 1243 -30.78 30.60 53.81
N LEU A 1244 -29.65 30.33 53.16
CA LEU A 1244 -29.52 30.59 51.73
C LEU A 1244 -30.34 29.65 50.87
N GLU A 1245 -30.76 28.50 51.41
CA GLU A 1245 -31.50 27.54 50.60
C GLU A 1245 -32.87 28.09 50.21
N GLU A 1246 -33.66 28.55 51.19
CA GLU A 1246 -34.96 29.14 50.89
C GLU A 1246 -34.81 30.44 50.11
N ILE A 1247 -33.72 31.17 50.32
CA ILE A 1247 -33.48 32.39 49.53
C ILE A 1247 -33.32 32.03 48.05
N PHE A 1248 -32.48 31.03 47.77
CA PHE A 1248 -32.29 30.60 46.39
C PHE A 1248 -33.58 30.04 45.80
N LEU A 1249 -34.36 29.32 46.62
CA LEU A 1249 -35.62 28.78 46.14
C LEU A 1249 -36.60 29.89 45.77
N LYS A 1250 -36.68 30.93 46.59
CA LYS A 1250 -37.57 32.04 46.30
C LYS A 1250 -37.09 32.86 45.11
N VAL A 1251 -35.77 32.96 44.93
CA VAL A 1251 -35.24 33.67 43.76
C VAL A 1251 -35.54 32.90 42.49
N ALA A 1252 -35.38 31.57 42.53
CA ALA A 1252 -35.69 30.75 41.35
C ALA A 1252 -37.19 30.75 41.06
N GLU A 1253 -38.02 30.79 42.11
CA GLU A 1253 -39.46 30.82 41.90
C GLU A 1253 -39.90 32.08 41.18
N GLU A 1254 -39.26 33.22 41.48
CA GLU A 1254 -39.62 34.48 40.85
C GLU A 1254 -39.07 34.63 39.43
N SER A 1255 -38.44 33.59 38.89
CA SER A 1255 -37.90 33.64 37.54
C SER A 1255 -38.09 32.31 36.82
N GLY A 1313 -46.07 4.86 35.67
CA GLY A 1313 -45.36 5.28 34.48
C GLY A 1313 -44.42 4.21 33.95
N LYS A 1314 -44.93 2.99 33.80
CA LYS A 1314 -44.14 1.88 33.30
C LYS A 1314 -44.89 1.06 32.26
N GLY A 1315 -46.04 1.53 31.77
CA GLY A 1315 -46.82 0.79 30.81
C GLY A 1315 -47.71 -0.24 31.46
N SER A 1316 -48.45 -0.97 30.61
CA SER A 1316 -49.37 -1.98 31.10
C SER A 1316 -49.33 -3.25 30.24
N TYR A 1317 -48.32 -3.40 29.40
CA TYR A 1317 -48.23 -4.56 28.52
C TYR A 1317 -47.03 -5.45 28.83
N GLN A 1318 -45.83 -4.88 28.91
CA GLN A 1318 -44.59 -5.61 29.21
C GLN A 1318 -44.38 -6.73 28.18
N VAL A 1319 -44.18 -6.33 26.93
CA VAL A 1319 -43.96 -7.28 25.85
C VAL A 1319 -42.68 -8.07 26.11
N LYS A 1320 -42.72 -9.37 25.82
CA LYS A 1320 -41.58 -10.25 26.01
C LYS A 1320 -41.43 -11.15 24.78
N GLY A 1321 -40.27 -11.80 24.70
CA GLY A 1321 -40.00 -12.74 23.63
C GLY A 1321 -39.60 -12.09 22.33
N TRP A 1322 -40.10 -12.65 21.21
CA TRP A 1322 -39.74 -12.13 19.89
C TRP A 1322 -40.26 -10.71 19.68
N LYS A 1323 -41.42 -10.39 20.27
CA LYS A 1323 -41.94 -9.02 20.16
C LYS A 1323 -41.00 -8.03 20.82
N LEU A 1324 -40.55 -8.34 22.03
CA LEU A 1324 -39.60 -7.46 22.71
C LEU A 1324 -38.27 -7.40 21.97
N THR A 1325 -37.83 -8.53 21.41
CA THR A 1325 -36.60 -8.55 20.63
C THR A 1325 -36.70 -7.61 19.44
N GLN A 1326 -37.78 -7.72 18.67
CA GLN A 1326 -37.98 -6.85 17.52
C GLN A 1326 -38.10 -5.39 17.94
N GLN A 1327 -38.78 -5.13 19.06
CA GLN A 1327 -38.91 -3.75 19.53
C GLN A 1327 -37.55 -3.16 19.88
N GLN A 1328 -36.72 -3.93 20.58
CA GLN A 1328 -35.38 -3.44 20.92
C GLN A 1328 -34.52 -3.26 19.68
N PHE A 1329 -34.68 -4.15 18.69
CA PHE A 1329 -33.91 -4.02 17.46
C PHE A 1329 -34.28 -2.74 16.72
N VAL A 1330 -35.58 -2.48 16.57
CA VAL A 1330 -36.01 -1.26 15.90
C VAL A 1330 -35.61 -0.03 16.69
N ALA A 1331 -35.62 -0.12 18.03
CA ALA A 1331 -35.20 1.02 18.85
C ALA A 1331 -33.72 1.31 18.66
N LEU A 1332 -32.89 0.26 18.60
CA LEU A 1332 -31.46 0.46 18.37
C LEU A 1332 -31.20 1.03 16.98
N LEU A 1333 -31.93 0.54 15.97
CA LEU A 1333 -31.77 1.07 14.62
C LEU A 1333 -32.18 2.53 14.55
N TRP A 1334 -33.27 2.89 15.23
CA TRP A 1334 -33.73 4.27 15.23
C TRP A 1334 -32.75 5.18 15.96
N LYS A 1335 -32.15 4.69 17.05
CA LYS A 1335 -31.14 5.47 17.75
C LYS A 1335 -29.91 5.68 16.86
N ARG A 1336 -29.46 4.63 16.17
CA ARG A 1336 -28.33 4.78 15.28
C ARG A 1336 -28.64 5.74 14.13
N LEU A 1337 -29.88 5.69 13.62
CA LEU A 1337 -30.27 6.62 12.56
C LEU A 1337 -30.28 8.06 13.06
N LEU A 1338 -30.78 8.28 14.28
CA LEU A 1338 -30.76 9.63 14.85
C LEU A 1338 -29.34 10.13 15.07
N ILE A 1339 -28.44 9.22 15.49
CA ILE A 1339 -27.05 9.60 15.71
C ILE A 1339 -26.38 9.96 14.38
N ALA A 1340 -26.66 9.18 13.34
CA ALA A 1340 -26.04 9.45 12.04
C ALA A 1340 -26.62 10.68 11.37
N ARG A 1341 -27.89 11.00 11.64
CA ARG A 1341 -28.52 12.15 11.00
C ARG A 1341 -27.99 13.46 11.58
N ARG A 1342 -27.89 13.55 12.91
CA ARG A 1342 -27.45 14.78 13.57
C ARG A 1342 -25.95 14.95 13.56
N SER A 1343 -25.20 14.02 12.95
CA SER A 1343 -23.74 14.12 12.84
C SER A 1343 -23.39 13.93 11.37
N ARG A 1344 -23.37 15.03 10.62
CA ARG A 1344 -23.08 14.97 9.19
C ARG A 1344 -21.59 15.13 8.89
N LYS A 1345 -20.87 15.92 9.69
CA LYS A 1345 -19.44 16.08 9.47
C LYS A 1345 -18.70 14.76 9.70
N GLY A 1346 -19.01 14.07 10.80
CA GLY A 1346 -18.38 12.79 11.05
C GLY A 1346 -18.76 11.74 10.03
N PHE A 1347 -20.02 11.77 9.57
CA PHE A 1347 -20.45 10.83 8.54
C PHE A 1347 -19.72 11.09 7.22
N PHE A 1348 -19.51 12.36 6.88
CA PHE A 1348 -18.78 12.67 5.65
C PHE A 1348 -17.29 12.34 5.78
N ALA A 1349 -16.73 12.48 6.98
CA ALA A 1349 -15.30 12.23 7.16
C ALA A 1349 -14.98 10.75 7.31
N GLN A 1350 -15.93 9.94 7.77
CA GLN A 1350 -15.69 8.53 8.01
C GLN A 1350 -16.30 7.61 6.97
N ILE A 1351 -17.23 8.08 6.15
CA ILE A 1351 -17.93 7.26 5.17
C ILE A 1351 -17.72 7.79 3.75
N VAL A 1352 -18.02 9.07 3.53
CA VAL A 1352 -17.93 9.64 2.19
C VAL A 1352 -16.50 10.05 1.84
N LEU A 1353 -15.67 10.35 2.83
CA LEU A 1353 -14.29 10.75 2.55
C LEU A 1353 -13.47 9.67 1.86
N PRO A 1354 -13.56 8.38 2.22
CA PRO A 1354 -12.86 7.37 1.41
C PRO A 1354 -13.34 7.30 -0.01
N ALA A 1355 -14.65 7.51 -0.25
CA ALA A 1355 -15.15 7.53 -1.62
C ALA A 1355 -14.58 8.72 -2.39
N VAL A 1356 -14.51 9.89 -1.74
CA VAL A 1356 -13.91 11.06 -2.38
C VAL A 1356 -12.44 10.80 -2.68
N PHE A 1357 -11.75 10.10 -1.77
CA PHE A 1357 -10.35 9.76 -2.00
C PHE A 1357 -10.18 8.83 -3.19
N VAL A 1358 -11.07 7.82 -3.31
CA VAL A 1358 -11.03 6.93 -4.46
C VAL A 1358 -11.29 7.70 -5.74
N CYS A 1359 -12.23 8.64 -5.70
CA CYS A 1359 -12.54 9.46 -6.88
C CYS A 1359 -11.33 10.29 -7.28
N ILE A 1360 -10.66 10.92 -6.31
CA ILE A 1360 -9.49 11.74 -6.61
C ILE A 1360 -8.36 10.88 -7.15
N ALA A 1361 -8.19 9.67 -6.61
CA ALA A 1361 -7.15 8.77 -7.10
C ALA A 1361 -7.43 8.36 -8.55
N LEU A 1362 -8.69 8.04 -8.86
CA LEU A 1362 -9.04 7.68 -10.23
C LEU A 1362 -8.86 8.86 -11.17
N VAL A 1363 -9.17 10.08 -10.69
CA VAL A 1363 -8.95 11.27 -11.50
C VAL A 1363 -7.47 11.44 -11.82
N PHE A 1364 -6.62 11.33 -10.79
CA PHE A 1364 -5.19 11.47 -11.00
C PHE A 1364 -4.63 10.36 -11.90
N SER A 1365 -5.23 9.17 -11.85
CA SER A 1365 -4.83 8.08 -12.73
C SER A 1365 -5.48 8.17 -14.11
N LEU A 1366 -6.39 9.13 -14.32
CA LEU A 1366 -7.06 9.30 -15.60
C LEU A 1366 -6.33 10.24 -16.54
N ILE A 1367 -5.32 10.96 -16.06
CA ILE A 1367 -4.66 11.99 -16.87
C ILE A 1367 -3.37 11.43 -17.45
N VAL A 1368 -3.30 10.11 -17.61
CA VAL A 1368 -2.17 9.46 -18.25
C VAL A 1368 -2.02 10.00 -19.67
N PRO A 1369 -0.81 10.01 -20.25
CA PRO A 1369 -0.67 10.56 -21.59
C PRO A 1369 -1.42 9.72 -22.61
N PRO A 1370 -1.91 10.34 -23.68
CA PRO A 1370 -2.66 9.59 -24.69
C PRO A 1370 -1.80 8.55 -25.40
N PHE A 1371 -2.47 7.64 -26.08
CA PHE A 1371 -1.80 6.57 -26.80
C PHE A 1371 -2.22 6.54 -28.26
N GLY A 1372 -1.78 5.52 -28.99
CA GLY A 1372 -2.12 5.39 -30.40
C GLY A 1372 -1.40 6.34 -31.32
N LYS A 1373 -0.35 7.00 -30.85
CA LYS A 1373 0.41 7.96 -31.65
C LYS A 1373 1.82 7.44 -31.81
N TYR A 1374 2.16 7.02 -33.03
CA TYR A 1374 3.50 6.52 -33.34
C TYR A 1374 4.07 7.32 -34.51
N PRO A 1375 4.90 8.32 -34.25
CA PRO A 1375 5.45 9.13 -35.34
C PRO A 1375 6.48 8.35 -36.15
N SER A 1376 6.70 8.83 -37.37
CA SER A 1376 7.66 8.21 -38.28
C SER A 1376 9.07 8.55 -37.84
N LEU A 1377 9.79 7.56 -37.30
CA LEU A 1377 11.15 7.75 -36.84
C LEU A 1377 12.13 7.34 -37.94
N GLU A 1378 13.01 8.26 -38.31
CA GLU A 1378 13.99 7.97 -39.35
C GLU A 1378 15.05 7.00 -38.84
N LEU A 1379 15.47 6.09 -39.71
CA LEU A 1379 16.48 5.09 -39.35
C LEU A 1379 17.88 5.64 -39.68
N GLN A 1380 18.26 6.66 -38.91
CA GLN A 1380 19.57 7.27 -39.02
C GLN A 1380 20.21 7.35 -37.64
N PRO A 1381 21.53 7.14 -37.55
CA PRO A 1381 22.19 7.15 -36.23
C PRO A 1381 22.33 8.53 -35.61
N TRP A 1382 21.88 9.58 -36.28
CA TRP A 1382 22.00 10.94 -35.75
C TRP A 1382 20.80 11.32 -34.89
N MET A 1383 20.48 10.46 -33.93
CA MET A 1383 19.49 10.76 -32.90
C MET A 1383 20.11 10.84 -31.51
N TYR A 1384 21.17 10.08 -31.25
CA TYR A 1384 21.98 10.22 -30.05
C TYR A 1384 23.10 11.20 -30.37
N ASN A 1385 23.24 12.24 -29.55
CA ASN A 1385 24.17 13.33 -29.84
C ASN A 1385 25.61 12.83 -29.91
N GLU A 1386 26.12 12.31 -28.79
CA GLU A 1386 27.51 11.89 -28.68
C GLU A 1386 27.58 10.37 -28.82
N GLN A 1387 28.26 9.91 -29.87
CA GLN A 1387 28.48 8.48 -30.10
C GLN A 1387 29.93 8.27 -30.52
N TYR A 1388 30.33 7.01 -30.63
CA TYR A 1388 31.69 6.64 -30.99
C TYR A 1388 31.64 5.50 -32.00
N THR A 1389 31.83 5.84 -33.28
CA THR A 1389 31.84 4.86 -34.35
C THR A 1389 33.27 4.35 -34.56
N PHE A 1390 33.36 3.14 -35.12
CA PHE A 1390 34.64 2.53 -35.44
C PHE A 1390 34.53 1.79 -36.77
N VAL A 1391 35.62 1.80 -37.53
CA VAL A 1391 35.70 1.15 -38.82
C VAL A 1391 36.88 0.18 -38.80
N SER A 1392 36.66 -1.04 -39.29
CA SER A 1392 37.68 -2.07 -39.33
C SER A 1392 37.88 -2.52 -40.77
N ASN A 1393 39.12 -2.45 -41.24
CA ASN A 1393 39.48 -2.84 -42.60
C ASN A 1393 40.26 -4.15 -42.52
N ASP A 1394 39.54 -5.26 -42.72
CA ASP A 1394 40.14 -6.59 -42.66
C ASP A 1394 40.54 -7.06 -44.05
N ALA A 1395 41.76 -7.61 -44.14
CA ALA A 1395 42.33 -8.11 -45.39
C ALA A 1395 42.31 -7.04 -46.48
N PRO A 1396 43.13 -6.00 -46.37
CA PRO A 1396 43.15 -4.95 -47.41
C PRO A 1396 43.93 -5.35 -48.65
N GLU A 1397 43.29 -6.14 -49.51
CA GLU A 1397 43.90 -6.64 -50.73
C GLU A 1397 43.34 -5.98 -51.98
N ASP A 1398 42.53 -4.93 -51.84
CA ASP A 1398 41.98 -4.18 -52.96
C ASP A 1398 41.12 -5.06 -53.87
N THR A 1399 40.50 -6.10 -53.30
CA THR A 1399 39.61 -6.95 -54.09
C THR A 1399 38.21 -6.34 -54.18
N GLY A 1400 37.53 -6.20 -53.04
CA GLY A 1400 36.23 -5.58 -53.00
C GLY A 1400 36.02 -4.75 -51.76
N THR A 1401 37.06 -4.63 -50.93
CA THR A 1401 36.97 -3.98 -49.64
C THR A 1401 37.44 -2.53 -49.65
N LEU A 1402 38.54 -2.24 -50.36
CA LEU A 1402 39.09 -0.89 -50.32
C LEU A 1402 38.16 0.13 -50.96
N GLU A 1403 37.43 -0.28 -52.02
CA GLU A 1403 36.49 0.63 -52.66
C GLU A 1403 35.38 1.03 -51.71
N LEU A 1404 34.79 0.05 -51.01
CA LEU A 1404 33.73 0.34 -50.06
C LEU A 1404 34.26 1.14 -48.87
N LEU A 1405 35.49 0.85 -48.43
CA LEU A 1405 36.09 1.61 -47.34
C LEU A 1405 36.29 3.07 -47.73
N ASN A 1406 36.72 3.32 -48.96
CA ASN A 1406 36.89 4.69 -49.42
C ASN A 1406 35.55 5.40 -49.58
N ALA A 1407 34.56 4.72 -50.16
CA ALA A 1407 33.25 5.30 -50.34
C ALA A 1407 32.49 5.48 -49.03
N LEU A 1408 32.94 4.84 -47.95
CA LEU A 1408 32.26 4.97 -46.67
C LEU A 1408 32.71 6.21 -45.90
N THR A 1409 33.92 6.70 -46.16
CA THR A 1409 34.48 7.85 -45.47
C THR A 1409 34.93 8.92 -46.48
N LYS A 1410 34.05 9.22 -47.42
CA LYS A 1410 34.32 10.19 -48.48
C LYS A 1410 33.31 11.34 -48.37
N ASP A 1411 33.31 12.21 -49.39
CA ASP A 1411 32.41 13.37 -49.41
C ASP A 1411 30.96 13.03 -49.09
N PRO A 1412 30.36 11.93 -49.59
CA PRO A 1412 29.00 11.60 -49.14
C PRO A 1412 28.87 11.41 -47.65
N GLY A 1413 29.95 11.04 -46.97
CA GLY A 1413 29.93 10.90 -45.52
C GLY A 1413 29.51 9.52 -45.07
N PHE A 1414 29.16 9.45 -43.78
CA PHE A 1414 28.73 8.17 -43.20
C PHE A 1414 27.38 7.75 -43.79
N GLY A 1415 26.41 8.64 -43.79
CA GLY A 1415 25.10 8.34 -44.34
C GLY A 1415 24.51 9.49 -45.14
N THR A 1416 23.18 9.54 -45.22
CA THR A 1416 22.49 10.58 -45.97
C THR A 1416 22.11 11.77 -45.09
N ARG A 1417 23.08 12.27 -44.34
CA ARG A 1417 22.82 13.40 -43.44
C ARG A 1417 22.92 14.73 -44.16
N CYS A 1418 24.09 15.02 -44.74
CA CYS A 1418 24.31 16.26 -45.48
C CYS A 1418 24.93 15.89 -46.83
N MET A 1419 24.10 15.87 -47.87
CA MET A 1419 24.53 15.53 -49.23
C MET A 1419 23.69 16.37 -50.19
N GLU A 1420 24.28 17.47 -50.67
CA GLU A 1420 23.57 18.46 -51.50
C GLU A 1420 22.30 18.92 -50.80
N GLY A 1421 22.42 19.14 -49.49
CA GLY A 1421 21.29 19.47 -48.64
C GLY A 1421 21.21 18.52 -47.45
N ASN A 1422 20.33 18.90 -46.52
CA ASN A 1422 20.11 18.15 -45.28
C ASN A 1422 18.69 17.62 -45.28
N PRO A 1423 18.44 16.45 -45.88
CA PRO A 1423 17.08 15.89 -45.87
C PRO A 1423 16.77 15.12 -44.60
N ILE A 1424 17.18 15.66 -43.46
CA ILE A 1424 16.85 15.12 -42.14
C ILE A 1424 16.53 16.32 -41.23
N PRO A 1425 15.39 16.32 -40.56
CA PRO A 1425 14.97 17.53 -39.83
C PRO A 1425 15.82 17.78 -38.60
N ASP A 1426 16.29 19.01 -38.46
CA ASP A 1426 16.92 19.53 -37.24
C ASP A 1426 18.20 18.75 -36.89
N THR A 1427 19.14 18.76 -37.85
CA THR A 1427 20.44 18.14 -37.63
C THR A 1427 21.48 18.64 -38.62
N PRO A 1428 22.03 19.84 -38.42
CA PRO A 1428 23.08 20.33 -39.32
C PRO A 1428 24.41 19.65 -39.02
N CYS A 1429 25.11 19.24 -40.07
CA CYS A 1429 26.37 18.53 -39.94
C CYS A 1429 27.55 19.50 -40.11
N GLN A 1430 28.67 19.14 -39.49
CA GLN A 1430 29.88 19.94 -39.60
C GLN A 1430 30.52 19.72 -40.96
N ALA A 1431 31.23 20.74 -41.45
CA ALA A 1431 31.82 20.71 -42.79
C ALA A 1431 33.31 20.42 -42.75
N GLY A 1432 34.09 21.25 -42.06
CA GLY A 1432 35.53 21.15 -42.12
C GLY A 1432 36.18 20.34 -41.00
N GLU A 1433 36.50 19.08 -41.28
CA GLU A 1433 37.28 18.27 -40.35
C GLU A 1433 37.82 17.07 -41.14
N GLU A 1434 39.15 17.01 -41.31
CA GLU A 1434 39.76 15.90 -42.04
C GLU A 1434 41.22 15.79 -41.58
N GLU A 1435 41.49 14.84 -40.69
CA GLU A 1435 42.84 14.57 -40.22
C GLU A 1435 42.84 13.28 -39.42
N TRP A 1436 43.89 12.49 -39.58
CA TRP A 1436 44.06 11.23 -38.84
C TRP A 1436 45.09 11.48 -37.73
N THR A 1437 44.59 11.80 -36.54
CA THR A 1437 45.43 12.11 -35.39
C THR A 1437 45.25 11.03 -34.33
N THR A 1438 46.36 10.41 -33.93
CA THR A 1438 46.32 9.42 -32.87
C THR A 1438 46.12 10.11 -31.52
N ALA A 1439 45.22 9.56 -30.70
CA ALA A 1439 44.94 10.15 -29.41
C ALA A 1439 46.19 10.11 -28.54
N PRO A 1440 46.42 11.13 -27.71
CA PRO A 1440 47.62 11.15 -26.86
C PRO A 1440 47.57 10.03 -25.82
N VAL A 1441 48.56 9.16 -25.88
CA VAL A 1441 48.67 8.02 -24.96
C VAL A 1441 49.58 8.41 -23.80
N PRO A 1442 49.19 8.15 -22.55
CA PRO A 1442 50.07 8.49 -21.42
C PRO A 1442 51.29 7.60 -21.37
N GLN A 1443 52.10 7.75 -20.31
CA GLN A 1443 53.31 6.95 -20.16
C GLN A 1443 52.96 5.53 -19.77
N THR A 1444 52.36 4.78 -20.71
CA THR A 1444 51.97 3.39 -20.44
C THR A 1444 52.27 2.48 -21.63
N ILE A 1445 53.13 2.90 -22.56
CA ILE A 1445 53.49 2.04 -23.68
C ILE A 1445 54.61 1.08 -23.34
N MET A 1446 55.29 1.27 -22.21
CA MET A 1446 56.39 0.38 -21.83
C MET A 1446 55.86 -1.00 -21.46
N ASP A 1447 54.78 -1.05 -20.67
CA ASP A 1447 54.20 -2.33 -20.30
C ASP A 1447 53.61 -3.09 -21.47
N LEU A 1448 53.44 -2.44 -22.62
CA LEU A 1448 52.96 -3.10 -23.83
C LEU A 1448 54.08 -3.47 -24.79
N PHE A 1449 55.14 -2.66 -24.86
CA PHE A 1449 56.24 -2.96 -25.76
C PHE A 1449 57.14 -4.05 -25.19
N GLN A 1450 57.54 -3.92 -23.92
CA GLN A 1450 58.35 -4.95 -23.29
C GLN A 1450 57.61 -6.26 -23.13
N ASN A 1451 56.28 -6.22 -23.10
CA ASN A 1451 55.44 -7.42 -23.05
C ASN A 1451 54.89 -7.74 -24.44
N GLY A 1452 55.73 -7.57 -25.47
CA GLY A 1452 55.32 -7.76 -26.84
C GLY A 1452 54.93 -9.18 -27.21
N ASN A 1453 54.87 -9.45 -28.52
CA ASN A 1453 54.40 -10.73 -29.04
C ASN A 1453 52.95 -10.99 -28.60
N TRP A 1454 52.14 -9.94 -28.63
CA TRP A 1454 50.73 -10.05 -28.27
C TRP A 1454 49.99 -10.75 -29.40
N THR A 1455 49.72 -12.04 -29.20
CA THR A 1455 48.98 -12.79 -30.20
C THR A 1455 47.54 -12.31 -30.29
N MET A 1456 46.84 -12.76 -31.34
CA MET A 1456 45.46 -12.33 -31.54
C MET A 1456 44.56 -12.73 -30.37
N GLN A 1457 44.86 -13.85 -29.73
CA GLN A 1457 44.13 -14.27 -28.54
C GLN A 1457 44.67 -13.50 -27.33
N ASN A 1458 43.80 -12.74 -26.67
CA ASN A 1458 44.16 -11.88 -25.55
C ASN A 1458 45.24 -10.90 -25.98
N PRO A 1459 44.92 -9.92 -26.84
CA PRO A 1459 45.94 -8.95 -27.26
C PRO A 1459 46.25 -7.90 -26.22
N SER A 1460 45.43 -7.78 -25.18
CA SER A 1460 45.60 -6.83 -24.10
C SER A 1460 45.41 -7.54 -22.77
N PRO A 1461 46.09 -7.09 -21.71
CA PRO A 1461 46.00 -7.81 -20.43
C PRO A 1461 44.61 -7.80 -19.85
N ALA A 1462 44.01 -8.99 -19.75
CA ALA A 1462 42.62 -9.13 -19.34
C ALA A 1462 42.47 -8.78 -17.87
N CYS A 1463 41.23 -8.52 -17.46
CA CYS A 1463 40.96 -7.96 -16.14
C CYS A 1463 39.89 -8.80 -15.46
N GLN A 1464 40.06 -9.03 -14.16
CA GLN A 1464 39.14 -9.94 -13.47
C GLN A 1464 37.82 -9.22 -13.13
N CYS A 1465 36.79 -10.01 -12.88
CA CYS A 1465 35.45 -9.51 -12.60
C CYS A 1465 34.94 -10.14 -11.30
N SER A 1466 35.17 -9.46 -10.18
CA SER A 1466 34.72 -9.94 -8.88
C SER A 1466 33.23 -9.69 -8.70
N LYS A 1472 31.18 -3.60 -7.53
CA LYS A 1472 30.49 -2.65 -8.39
C LYS A 1472 29.87 -3.36 -9.59
N MET A 1473 29.51 -2.57 -10.61
CA MET A 1473 28.90 -3.13 -11.82
C MET A 1473 29.95 -3.69 -12.77
N LEU A 1474 30.88 -2.83 -13.21
CA LEU A 1474 31.92 -3.19 -14.16
C LEU A 1474 33.27 -3.29 -13.45
N PRO A 1475 34.19 -4.13 -13.95
CA PRO A 1475 35.49 -4.27 -13.29
C PRO A 1475 36.32 -3.01 -13.43
N VAL A 1476 37.28 -2.87 -12.50
CA VAL A 1476 38.14 -1.70 -12.44
C VAL A 1476 39.58 -2.17 -12.25
N CYS A 1477 40.48 -1.69 -13.11
CA CYS A 1477 41.89 -2.02 -13.08
C CYS A 1477 42.65 -1.03 -13.93
N PRO A 1478 43.97 -0.90 -13.74
CA PRO A 1478 44.73 0.28 -14.23
C PRO A 1478 44.61 0.47 -15.74
N PRO A 1479 44.97 1.66 -16.23
CA PRO A 1479 44.89 1.94 -17.68
C PRO A 1479 45.69 0.97 -18.51
N GLY A 1480 45.49 1.06 -19.83
CA GLY A 1480 46.04 0.10 -20.76
C GLY A 1480 45.10 -1.04 -21.09
N ALA A 1481 43.81 -0.89 -20.82
CA ALA A 1481 42.86 -1.98 -21.08
C ALA A 1481 42.69 -2.21 -22.57
N GLY A 1482 42.47 -1.13 -23.33
CA GLY A 1482 42.39 -1.29 -24.78
C GLY A 1482 43.72 -1.68 -25.40
N GLY A 1483 44.80 -1.05 -24.94
CA GLY A 1483 46.13 -1.42 -25.38
C GLY A 1483 46.76 -0.42 -26.34
N LEU A 1484 45.98 0.06 -27.31
CA LEU A 1484 46.48 1.00 -28.29
C LEU A 1484 45.39 2.02 -28.65
N PRO A 1485 45.63 3.31 -28.43
CA PRO A 1485 44.65 4.33 -28.83
C PRO A 1485 44.63 4.49 -30.34
N PRO A 1486 43.52 4.19 -30.99
CA PRO A 1486 43.45 4.28 -32.45
C PRO A 1486 43.33 5.73 -32.89
N PRO A 1487 43.76 6.05 -34.12
CA PRO A 1487 43.63 7.42 -34.61
C PRO A 1487 42.17 7.78 -34.87
N GLN A 1488 41.70 8.81 -34.19
CA GLN A 1488 40.33 9.27 -34.33
C GLN A 1488 40.24 10.37 -35.38
N ARG A 1489 39.10 10.41 -36.07
CA ARG A 1489 38.89 11.40 -37.13
C ARG A 1489 37.40 11.70 -37.23
N LYS A 1490 37.06 12.98 -37.28
CA LYS A 1490 35.67 13.39 -37.44
C LYS A 1490 35.27 13.31 -38.91
N GLN A 1491 34.20 12.56 -39.18
CA GLN A 1491 33.74 12.31 -40.54
C GLN A 1491 32.65 13.28 -40.98
N ASN A 1492 32.66 14.51 -40.45
CA ASN A 1492 31.73 15.57 -40.83
C ASN A 1492 30.28 15.19 -40.54
N THR A 1493 30.07 14.31 -39.58
CA THR A 1493 28.73 13.85 -39.21
C THR A 1493 28.52 13.95 -37.70
N ALA A 1494 29.21 14.89 -37.04
CA ALA A 1494 29.12 15.11 -35.60
C ALA A 1494 29.53 13.90 -34.78
N ASP A 1495 30.21 12.94 -35.39
CA ASP A 1495 30.74 11.78 -34.69
C ASP A 1495 32.12 11.45 -35.22
N ILE A 1496 32.99 10.98 -34.33
CA ILE A 1496 34.38 10.67 -34.65
C ILE A 1496 34.51 9.16 -34.80
N LEU A 1497 35.13 8.72 -35.88
CA LEU A 1497 35.40 7.31 -36.13
C LEU A 1497 36.86 7.00 -35.80
N GLN A 1498 37.09 5.77 -35.36
CA GLN A 1498 38.41 5.28 -35.01
C GLN A 1498 38.75 4.06 -35.86
N ASP A 1499 39.95 4.06 -36.43
CA ASP A 1499 40.37 2.98 -37.32
C ASP A 1499 40.80 1.78 -36.49
N LEU A 1500 40.20 0.62 -36.75
CA LEU A 1500 40.49 -0.62 -36.05
C LEU A 1500 41.13 -1.66 -36.98
N THR A 1501 42.01 -1.22 -37.85
CA THR A 1501 42.68 -2.12 -38.78
C THR A 1501 43.67 -3.01 -38.03
N GLY A 1502 43.48 -4.33 -38.12
CA GLY A 1502 44.38 -5.25 -37.45
C GLY A 1502 44.24 -5.28 -35.95
N ARG A 1503 43.03 -5.08 -35.43
CA ARG A 1503 42.78 -5.05 -34.00
C ARG A 1503 41.67 -6.02 -33.64
N ASN A 1504 41.82 -6.68 -32.49
CA ASN A 1504 40.77 -7.55 -31.98
C ASN A 1504 39.56 -6.71 -31.59
N ILE A 1505 38.43 -6.94 -32.26
CA ILE A 1505 37.29 -6.04 -32.12
C ILE A 1505 36.63 -6.21 -30.75
N SER A 1506 36.33 -7.46 -30.37
CA SER A 1506 35.52 -7.69 -29.18
C SER A 1506 36.23 -7.24 -27.92
N ASP A 1507 37.48 -7.67 -27.73
CA ASP A 1507 38.22 -7.32 -26.52
C ASP A 1507 38.47 -5.83 -26.44
N TYR A 1508 38.85 -5.21 -27.57
CA TYR A 1508 39.08 -3.77 -27.57
C TYR A 1508 37.81 -3.02 -27.21
N LEU A 1509 36.67 -3.39 -27.81
CA LEU A 1509 35.42 -2.71 -27.52
C LEU A 1509 35.05 -2.87 -26.06
N VAL A 1510 35.19 -4.08 -25.51
CA VAL A 1510 34.86 -4.31 -24.10
C VAL A 1510 35.72 -3.44 -23.20
N LYS A 1511 37.03 -3.44 -23.45
CA LYS A 1511 37.95 -2.70 -22.58
C LYS A 1511 37.72 -1.19 -22.67
N THR A 1512 37.49 -0.67 -23.88
CA THR A 1512 37.23 0.75 -24.01
C THR A 1512 35.90 1.14 -23.37
N TYR A 1513 34.88 0.30 -23.51
CA TYR A 1513 33.62 0.57 -22.82
C TYR A 1513 33.83 0.62 -21.31
N VAL A 1514 34.59 -0.35 -20.77
CA VAL A 1514 34.86 -0.38 -19.34
C VAL A 1514 35.57 0.90 -18.90
N GLN A 1515 36.66 1.26 -19.59
CA GLN A 1515 37.45 2.40 -19.15
C GLN A 1515 36.69 3.71 -19.32
N ILE A 1516 35.88 3.85 -20.37
CA ILE A 1516 35.13 5.08 -20.58
C ILE A 1516 34.02 5.20 -19.55
N ILE A 1517 33.33 4.10 -19.25
CA ILE A 1517 32.29 4.13 -18.21
C ILE A 1517 32.92 4.49 -16.87
N ALA A 1518 34.08 3.91 -16.56
CA ALA A 1518 34.75 4.22 -15.29
C ALA A 1518 35.15 5.69 -15.22
N LYS A 1519 35.74 6.21 -16.31
CA LYS A 1519 36.18 7.60 -16.30
C LYS A 1519 35.02 8.57 -16.19
N SER A 1520 33.93 8.33 -16.93
CA SER A 1520 32.79 9.23 -16.89
C SER A 1520 31.93 9.03 -15.65
N LEU A 1521 32.09 7.92 -14.93
CA LEU A 1521 31.39 7.71 -13.67
C LEU A 1521 32.16 8.23 -12.48
N LYS A 1522 33.50 8.30 -12.58
CA LYS A 1522 34.28 8.88 -11.49
C LYS A 1522 33.98 10.37 -11.33
N ASN A 1523 33.55 11.04 -12.40
CA ASN A 1523 33.24 12.46 -12.37
C ASN A 1523 31.77 12.74 -12.08
N LYS A 1524 30.93 11.71 -11.97
CA LYS A 1524 29.51 11.85 -11.66
C LYS A 1524 28.79 12.69 -12.72
N ILE A 1525 28.78 12.18 -13.95
CA ILE A 1525 28.16 12.87 -15.07
C ILE A 1525 26.94 12.10 -15.61
N TRP A 1526 26.42 11.15 -14.84
CA TRP A 1526 25.24 10.37 -15.22
C TRP A 1526 25.49 9.65 -16.55
N VAL A 1527 26.39 8.66 -16.48
CA VAL A 1527 26.91 7.99 -17.66
C VAL A 1527 25.78 7.58 -18.59
N ASN A 1528 25.88 8.00 -19.84
CA ASN A 1528 25.00 7.56 -20.91
C ASN A 1528 25.74 6.54 -21.78
N GLU A 1529 25.13 6.15 -22.88
CA GLU A 1529 25.77 5.22 -23.80
C GLU A 1529 26.98 5.89 -24.47
N PHE A 1530 28.01 5.08 -24.71
CA PHE A 1530 29.25 5.55 -25.30
C PHE A 1530 29.32 5.31 -26.80
N ARG A 1531 29.08 4.08 -27.24
CA ARG A 1531 29.08 3.73 -28.65
C ARG A 1531 27.77 3.05 -29.01
N TYR A 1532 27.42 3.12 -30.28
CA TYR A 1532 26.18 2.53 -30.77
C TYR A 1532 26.39 1.56 -31.92
N GLY A 1533 27.35 1.82 -32.80
CA GLY A 1533 27.55 0.95 -33.93
C GLY A 1533 28.89 1.16 -34.59
N GLY A 1534 29.33 0.13 -35.32
CA GLY A 1534 30.58 0.17 -36.06
C GLY A 1534 30.54 -0.84 -37.18
N PHE A 1535 31.51 -0.72 -38.08
CA PHE A 1535 31.58 -1.55 -39.27
C PHE A 1535 32.92 -2.30 -39.32
N SER A 1536 32.88 -3.53 -39.83
CA SER A 1536 34.08 -4.32 -40.05
C SER A 1536 33.98 -4.95 -41.43
N LEU A 1537 34.81 -4.49 -42.36
CA LEU A 1537 34.77 -4.96 -43.74
C LEU A 1537 35.80 -6.06 -43.93
N GLY A 1538 35.35 -7.21 -44.46
CA GLY A 1538 36.23 -8.34 -44.69
C GLY A 1538 35.85 -9.08 -45.95
N VAL A 1539 36.58 -10.18 -46.20
CA VAL A 1539 36.34 -11.03 -47.35
C VAL A 1539 36.08 -12.45 -46.86
N SER A 1540 35.47 -13.25 -47.72
CA SER A 1540 35.14 -14.64 -47.42
C SER A 1540 36.19 -15.56 -48.00
N ASN A 1541 36.54 -16.61 -47.27
CA ASN A 1541 37.53 -17.58 -47.71
C ASN A 1541 36.92 -18.59 -48.69
N PRO A 1547 32.85 -20.76 -57.75
CA PRO A 1547 32.25 -19.44 -57.85
C PRO A 1547 30.90 -19.45 -58.56
N SER A 1548 30.55 -18.32 -59.20
CA SER A 1548 29.23 -18.21 -59.82
C SER A 1548 29.23 -18.75 -61.25
N GLN A 1549 30.19 -18.33 -62.07
CA GLN A 1549 30.23 -18.77 -63.45
C GLN A 1549 30.43 -20.28 -63.57
N GLU A 1550 31.22 -20.86 -62.66
CA GLU A 1550 31.46 -22.30 -62.72
C GLU A 1550 30.18 -23.09 -62.46
N VAL A 1551 29.45 -22.73 -61.40
CA VAL A 1551 28.21 -23.46 -61.11
C VAL A 1551 27.15 -23.15 -62.16
N ASN A 1552 27.18 -21.95 -62.75
CA ASN A 1552 26.25 -21.65 -63.84
C ASN A 1552 26.51 -22.54 -65.04
N ASP A 1553 27.79 -22.68 -65.41
CA ASP A 1553 28.14 -23.58 -66.52
C ASP A 1553 27.82 -25.02 -66.18
N ALA A 1554 27.98 -25.42 -64.91
CA ALA A 1554 27.60 -26.77 -64.49
C ALA A 1554 26.11 -27.00 -64.69
N ILE A 1555 25.28 -26.03 -64.28
CA ILE A 1555 23.84 -26.14 -64.45
C ILE A 1555 23.49 -26.20 -65.94
N LYS A 1556 24.15 -25.38 -66.75
CA LYS A 1556 23.86 -25.37 -68.18
C LYS A 1556 24.23 -26.69 -68.83
N GLN A 1557 25.37 -27.27 -68.47
CA GLN A 1557 25.78 -28.55 -69.04
C GLN A 1557 24.90 -29.68 -68.55
N MET A 1558 24.43 -29.60 -67.30
CA MET A 1558 23.52 -30.62 -66.79
C MET A 1558 22.16 -30.54 -67.47
N LYS A 1559 21.71 -29.33 -67.80
CA LYS A 1559 20.43 -29.18 -68.50
C LYS A 1559 20.55 -29.60 -69.96
N LYS A 1560 21.68 -29.29 -70.61
CA LYS A 1560 21.84 -29.62 -72.02
C LYS A 1560 21.92 -31.13 -72.22
N HIS A 1561 22.59 -31.84 -71.32
CA HIS A 1561 22.71 -33.29 -71.41
C HIS A 1561 21.54 -33.97 -70.71
N LEU A 1562 21.47 -35.29 -70.87
CA LEU A 1562 20.47 -36.14 -70.23
C LEU A 1562 19.05 -35.70 -70.58
N LYS A 1563 18.73 -35.78 -71.87
CA LYS A 1563 17.39 -35.55 -72.39
C LYS A 1563 16.90 -34.14 -72.04
N LEU A 1564 17.58 -33.16 -72.62
CA LEU A 1564 17.22 -31.76 -72.43
C LEU A 1564 15.77 -31.51 -72.82
N ALA A 1565 15.12 -30.61 -72.08
CA ALA A 1565 13.72 -30.29 -72.32
C ALA A 1565 13.48 -28.85 -71.89
N LYS A 1566 12.20 -28.44 -71.90
CA LYS A 1566 11.84 -27.08 -71.50
C LYS A 1566 10.59 -27.06 -70.63
N ASP A 1567 10.30 -28.13 -69.90
CA ASP A 1567 9.13 -28.17 -69.05
C ASP A 1567 9.33 -27.32 -67.80
N SER A 1568 8.24 -27.10 -67.07
CA SER A 1568 8.27 -26.33 -65.84
C SER A 1568 8.59 -27.18 -64.62
N SER A 1569 9.03 -28.42 -64.81
CA SER A 1569 9.35 -29.32 -63.72
C SER A 1569 10.85 -29.56 -63.56
N ALA A 1570 11.56 -29.77 -64.66
CA ALA A 1570 13.00 -30.03 -64.62
C ALA A 1570 13.84 -28.80 -64.89
N ASP A 1571 13.53 -28.05 -65.96
CA ASP A 1571 14.31 -26.86 -66.27
C ASP A 1571 14.18 -25.79 -65.20
N ARG A 1572 12.95 -25.57 -64.72
CA ARG A 1572 12.75 -24.58 -63.66
C ARG A 1572 13.44 -25.00 -62.38
N PHE A 1573 13.41 -26.29 -62.05
CA PHE A 1573 14.08 -26.78 -60.86
C PHE A 1573 15.59 -26.59 -60.97
N LEU A 1574 16.16 -26.89 -62.14
CA LEU A 1574 17.60 -26.70 -62.34
C LEU A 1574 17.97 -25.23 -62.26
N ASN A 1575 17.15 -24.35 -62.84
CA ASN A 1575 17.42 -22.92 -62.76
C ASN A 1575 17.34 -22.41 -61.33
N SER A 1576 16.37 -22.90 -60.55
CA SER A 1576 16.26 -22.50 -59.16
C SER A 1576 17.44 -23.01 -58.34
N LEU A 1577 17.89 -24.24 -58.61
CA LEU A 1577 19.06 -24.76 -57.91
C LEU A 1577 20.30 -23.96 -58.25
N GLY A 1578 20.47 -23.58 -59.51
CA GLY A 1578 21.59 -22.74 -59.89
C GLY A 1578 21.54 -21.37 -59.24
N ARG A 1579 20.35 -20.77 -59.19
CA ARG A 1579 20.20 -19.47 -58.54
C ARG A 1579 20.49 -19.56 -57.05
N PHE A 1580 20.12 -20.67 -56.42
CA PHE A 1580 20.43 -20.87 -55.01
C PHE A 1580 21.93 -21.05 -54.80
N MET A 1581 22.58 -21.80 -55.68
CA MET A 1581 24.01 -22.03 -55.53
C MET A 1581 24.82 -20.76 -55.75
N THR A 1582 24.41 -19.94 -56.73
CA THR A 1582 25.12 -18.70 -57.00
C THR A 1582 24.78 -17.59 -56.02
N GLY A 1583 23.81 -17.81 -55.13
CA GLY A 1583 23.41 -16.80 -54.17
C GLY A 1583 23.92 -17.06 -52.78
N LEU A 1584 24.90 -17.94 -52.65
CA LEU A 1584 25.51 -18.28 -51.36
C LEU A 1584 26.91 -17.72 -51.19
N ASP A 1585 27.70 -17.70 -52.27
CA ASP A 1585 29.05 -17.17 -52.19
C ASP A 1585 29.03 -15.64 -52.22
N THR A 1586 29.90 -15.03 -51.42
CA THR A 1586 30.01 -13.58 -51.34
C THR A 1586 31.46 -13.17 -51.49
N LYS A 1587 31.72 -12.22 -52.40
CA LYS A 1587 33.08 -11.74 -52.60
C LYS A 1587 33.58 -10.99 -51.36
N ASN A 1588 32.82 -10.00 -50.91
CA ASN A 1588 33.16 -9.22 -49.73
C ASN A 1588 31.94 -9.11 -48.83
N ASN A 1589 32.19 -8.93 -47.53
CA ASN A 1589 31.11 -8.84 -46.56
C ASN A 1589 31.44 -7.77 -45.53
N VAL A 1590 30.41 -7.34 -44.80
CA VAL A 1590 30.54 -6.33 -43.77
C VAL A 1590 29.77 -6.79 -42.54
N LYS A 1591 30.44 -6.77 -41.40
CA LYS A 1591 29.83 -7.07 -40.11
C LYS A 1591 29.52 -5.75 -39.41
N VAL A 1592 28.24 -5.51 -39.14
CA VAL A 1592 27.80 -4.33 -38.42
C VAL A 1592 27.72 -4.70 -36.94
N TRP A 1593 28.63 -4.16 -36.14
CA TRP A 1593 28.59 -4.34 -34.70
C TRP A 1593 27.64 -3.31 -34.10
N PHE A 1594 26.57 -3.78 -33.49
CA PHE A 1594 25.52 -2.93 -32.95
C PHE A 1594 25.29 -3.24 -31.47
N ASN A 1595 25.09 -2.19 -30.68
CA ASN A 1595 24.74 -2.33 -29.28
C ASN A 1595 23.23 -2.25 -29.14
N ASN A 1596 22.63 -3.27 -28.53
CA ASN A 1596 21.18 -3.34 -28.45
C ASN A 1596 20.58 -2.34 -27.47
N LYS A 1597 21.41 -1.59 -26.74
CA LYS A 1597 20.88 -0.56 -25.86
C LYS A 1597 20.14 0.51 -26.63
N GLY A 1598 20.64 0.86 -27.83
CA GLY A 1598 19.91 1.76 -28.70
C GLY A 1598 18.73 1.04 -29.32
N TRP A 1599 17.53 1.60 -29.14
CA TRP A 1599 16.32 0.93 -29.60
C TRP A 1599 16.22 0.88 -31.12
N HIS A 1600 16.92 1.77 -31.83
CA HIS A 1600 16.87 1.81 -33.28
C HIS A 1600 18.26 1.97 -33.89
N ALA A 1601 19.28 1.41 -33.25
CA ALA A 1601 20.65 1.57 -33.73
C ALA A 1601 20.98 0.57 -34.83
N ILE A 1602 20.51 -0.67 -34.68
CA ILE A 1602 20.84 -1.72 -35.65
C ILE A 1602 20.29 -1.36 -37.03
N SER A 1603 19.01 -0.95 -37.08
CA SER A 1603 18.40 -0.61 -38.38
C SER A 1603 19.04 0.63 -38.99
N SER A 1604 19.39 1.61 -38.16
CA SER A 1604 20.02 2.82 -38.67
C SER A 1604 21.40 2.51 -39.26
N PHE A 1605 22.20 1.70 -38.56
CA PHE A 1605 23.51 1.36 -39.10
C PHE A 1605 23.40 0.42 -40.30
N LEU A 1606 22.35 -0.38 -40.37
CA LEU A 1606 22.09 -1.16 -41.58
C LEU A 1606 21.81 -0.23 -42.77
N ASN A 1607 20.97 0.78 -42.55
CA ASN A 1607 20.73 1.77 -43.61
C ASN A 1607 22.02 2.49 -43.98
N VAL A 1608 22.88 2.76 -43.01
CA VAL A 1608 24.13 3.46 -43.28
C VAL A 1608 25.05 2.60 -44.14
N ILE A 1609 25.20 1.32 -43.76
CA ILE A 1609 26.08 0.46 -44.54
C ILE A 1609 25.50 0.18 -45.92
N ASN A 1610 24.17 0.19 -46.05
CA ASN A 1610 23.57 0.03 -47.37
C ASN A 1610 23.79 1.26 -48.22
N ASN A 1611 23.73 2.46 -47.62
CA ASN A 1611 24.07 3.67 -48.35
C ASN A 1611 25.53 3.66 -48.78
N ALA A 1612 26.42 3.15 -47.92
CA ALA A 1612 27.83 3.03 -48.29
C ALA A 1612 28.00 2.08 -49.46
N ILE A 1613 27.30 0.94 -49.44
CA ILE A 1613 27.37 -0.01 -50.56
C ILE A 1613 26.85 0.63 -51.83
N LEU A 1614 25.76 1.41 -51.73
CA LEU A 1614 25.24 2.10 -52.91
C LEU A 1614 26.25 3.11 -53.46
N ARG A 1615 26.90 3.86 -52.58
CA ARG A 1615 27.91 4.82 -53.02
C ARG A 1615 29.11 4.12 -53.65
N ALA A 1616 29.45 2.91 -53.17
CA ALA A 1616 30.58 2.19 -53.71
C ALA A 1616 30.26 1.40 -54.97
N ASN A 1617 28.98 1.16 -55.24
CA ASN A 1617 28.59 0.35 -56.39
C ASN A 1617 28.36 1.17 -57.66
N LEU A 1618 28.06 2.46 -57.53
CA LEU A 1618 27.90 3.30 -58.72
C LEU A 1618 29.23 3.48 -59.43
N GLN A 1619 29.18 3.51 -60.76
CA GLN A 1619 30.37 3.54 -61.60
C GLN A 1619 30.39 4.82 -62.44
N LYS A 1620 31.50 5.55 -62.34
CA LYS A 1620 31.76 6.74 -63.15
C LYS A 1620 30.62 7.77 -63.04
N GLY A 1621 30.22 8.05 -61.81
CA GLY A 1621 29.25 9.10 -61.57
C GLY A 1621 29.90 10.47 -61.44
N GLU A 1622 29.11 11.50 -61.69
CA GLU A 1622 29.60 12.87 -61.56
C GLU A 1622 29.99 13.18 -60.13
N ASN A 1623 29.20 12.70 -59.17
CA ASN A 1623 29.50 12.81 -57.75
C ASN A 1623 28.58 11.89 -56.97
N PRO A 1624 29.11 11.10 -56.03
CA PRO A 1624 28.28 10.19 -55.23
C PRO A 1624 27.54 10.86 -54.08
N SER A 1625 27.47 12.20 -54.05
CA SER A 1625 26.82 12.90 -52.95
C SER A 1625 25.31 12.72 -52.99
N HIS A 1626 24.68 13.13 -54.10
CA HIS A 1626 23.23 13.12 -54.19
C HIS A 1626 22.62 11.71 -54.22
N TYR A 1627 23.43 10.67 -54.16
CA TYR A 1627 22.93 9.30 -54.07
C TYR A 1627 22.79 8.89 -52.61
N GLY A 1628 21.69 8.20 -52.30
CA GLY A 1628 21.46 7.76 -50.94
C GLY A 1628 20.04 7.26 -50.71
N ILE A 1629 19.88 6.38 -49.71
CA ILE A 1629 18.59 5.81 -49.37
C ILE A 1629 18.34 6.06 -47.89
N THR A 1630 17.10 6.42 -47.56
CA THR A 1630 16.70 6.67 -46.18
C THR A 1630 15.46 5.85 -45.84
N ALA A 1631 15.45 5.29 -44.64
CA ALA A 1631 14.38 4.42 -44.17
C ALA A 1631 13.70 5.04 -42.96
N PHE A 1632 12.38 4.85 -42.88
CA PHE A 1632 11.57 5.35 -41.80
C PHE A 1632 10.91 4.19 -41.07
N ASN A 1633 10.77 4.33 -39.75
CA ASN A 1633 10.16 3.31 -38.91
C ASN A 1633 8.86 3.89 -38.36
N HIS A 1634 7.74 3.55 -38.99
CA HIS A 1634 6.42 4.03 -38.60
C HIS A 1634 5.53 2.84 -38.26
N PRO A 1635 5.36 2.51 -36.98
CA PRO A 1635 4.53 1.35 -36.63
C PRO A 1635 3.06 1.59 -36.97
N LEU A 1636 2.28 0.53 -36.79
CA LEU A 1636 0.85 0.59 -37.10
C LEU A 1636 0.09 1.26 -35.96
N ASN A 1637 -0.66 2.31 -36.30
CA ASN A 1637 -1.54 3.00 -35.36
C ASN A 1637 -2.96 2.44 -35.36
N LEU A 1638 -3.12 1.16 -35.70
CA LEU A 1638 -4.44 0.64 -36.03
C LEU A 1638 -5.33 0.59 -34.79
N THR A 1639 -4.98 -0.24 -33.81
CA THR A 1639 -5.85 -0.43 -32.65
C THR A 1639 -5.15 -0.24 -31.31
N LYS A 1640 -3.90 -0.66 -31.20
CA LYS A 1640 -3.24 -0.78 -29.90
C LYS A 1640 -1.95 0.04 -29.89
N GLN A 1641 -1.26 -0.02 -28.75
CA GLN A 1641 0.02 0.66 -28.56
C GLN A 1641 1.20 -0.30 -28.58
N GLN A 1642 1.18 -1.33 -27.74
CA GLN A 1642 2.20 -2.39 -27.71
C GLN A 1642 1.67 -3.49 -26.81
N LEU A 1643 2.50 -4.54 -26.63
CA LEU A 1643 2.16 -5.64 -25.74
C LEU A 1643 2.75 -5.45 -24.35
N SER A 1644 4.08 -5.38 -24.27
CA SER A 1644 4.72 -5.27 -22.95
C SER A 1644 4.54 -3.88 -22.36
N GLU A 1645 4.52 -2.84 -23.20
CA GLU A 1645 4.31 -1.48 -22.70
C GLU A 1645 3.00 -1.37 -21.95
N VAL A 1646 1.91 -1.84 -22.56
CA VAL A 1646 0.61 -1.78 -21.89
C VAL A 1646 0.56 -2.80 -20.76
N ALA A 1647 1.17 -3.98 -20.95
CA ALA A 1647 1.17 -5.00 -19.90
C ALA A 1647 1.89 -4.54 -18.65
N LEU A 1648 2.76 -3.54 -18.77
CA LEU A 1648 3.40 -2.94 -17.59
C LEU A 1648 2.65 -1.71 -17.09
N MET A 1649 2.23 -0.82 -17.99
CA MET A 1649 1.58 0.42 -17.56
C MET A 1649 0.22 0.15 -16.93
N THR A 1650 -0.64 -0.61 -17.62
CA THR A 1650 -1.94 -0.94 -17.04
C THR A 1650 -1.80 -1.74 -15.76
N THR A 1651 -0.82 -2.65 -15.71
CA THR A 1651 -0.57 -3.39 -14.49
C THR A 1651 -0.23 -2.45 -13.33
N SER A 1652 0.65 -1.49 -13.59
CA SER A 1652 1.05 -0.56 -12.53
C SER A 1652 -0.12 0.29 -12.06
N VAL A 1653 -0.92 0.82 -13.00
CA VAL A 1653 -2.02 1.69 -12.58
C VAL A 1653 -3.10 0.88 -11.86
N ASP A 1654 -3.32 -0.38 -12.28
CA ASP A 1654 -4.28 -1.21 -11.56
C ASP A 1654 -3.79 -1.56 -10.16
N VAL A 1655 -2.50 -1.82 -10.01
CA VAL A 1655 -1.96 -2.04 -8.67
C VAL A 1655 -2.13 -0.79 -7.81
N LEU A 1656 -1.91 0.38 -8.40
CA LEU A 1656 -2.06 1.63 -7.66
C LEU A 1656 -3.51 1.83 -7.21
N VAL A 1657 -4.46 1.64 -8.11
CA VAL A 1657 -5.86 1.86 -7.75
C VAL A 1657 -6.33 0.78 -6.79
N SER A 1658 -5.77 -0.43 -6.85
CA SER A 1658 -6.14 -1.46 -5.88
C SER A 1658 -5.60 -1.12 -4.50
N ILE A 1659 -4.38 -0.59 -4.44
CA ILE A 1659 -3.85 -0.13 -3.15
C ILE A 1659 -4.69 0.99 -2.59
N CYS A 1660 -5.14 1.91 -3.45
CA CYS A 1660 -6.01 3.00 -3.00
C CYS A 1660 -7.34 2.45 -2.50
N VAL A 1661 -7.91 1.46 -3.19
CA VAL A 1661 -9.16 0.87 -2.75
C VAL A 1661 -8.99 0.17 -1.41
N ILE A 1662 -7.86 -0.53 -1.21
CA ILE A 1662 -7.60 -1.15 0.08
C ILE A 1662 -7.49 -0.09 1.17
N PHE A 1663 -6.77 0.99 0.89
CA PHE A 1663 -6.66 2.10 1.84
C PHE A 1663 -8.02 2.62 2.23
N ALA A 1664 -8.87 2.90 1.24
CA ALA A 1664 -10.20 3.47 1.52
C ALA A 1664 -11.07 2.49 2.31
N MET A 1665 -11.23 1.27 1.79
CA MET A 1665 -12.08 0.29 2.43
C MET A 1665 -11.49 -0.23 3.74
N SER A 1666 -10.26 0.16 4.09
CA SER A 1666 -9.76 -0.07 5.43
C SER A 1666 -9.96 1.12 6.35
N PHE A 1667 -10.05 2.32 5.79
CA PHE A 1667 -10.35 3.50 6.61
C PHE A 1667 -11.79 3.52 7.09
N VAL A 1668 -12.70 2.83 6.40
CA VAL A 1668 -14.13 2.87 6.71
C VAL A 1668 -14.47 2.05 7.96
N PRO A 1669 -14.16 0.75 8.02
CA PRO A 1669 -14.75 -0.07 9.09
C PRO A 1669 -14.18 0.23 10.47
N ALA A 1670 -12.95 0.75 10.56
CA ALA A 1670 -12.36 1.01 11.87
C ALA A 1670 -13.11 2.10 12.63
N SER A 1671 -13.93 2.89 11.94
CA SER A 1671 -14.77 3.87 12.63
C SER A 1671 -15.96 3.24 13.33
N PHE A 1672 -16.38 2.04 12.90
CA PHE A 1672 -17.54 1.41 13.49
C PHE A 1672 -17.36 1.14 14.97
N VAL A 1673 -16.12 0.91 15.41
CA VAL A 1673 -15.86 0.69 16.82
C VAL A 1673 -15.80 1.99 17.61
N VAL A 1674 -15.56 3.12 16.93
CA VAL A 1674 -15.43 4.41 17.61
C VAL A 1674 -16.66 4.68 18.47
N PHE A 1675 -17.84 4.70 17.85
CA PHE A 1675 -19.08 4.86 18.60
C PHE A 1675 -19.20 3.82 19.70
N LEU A 1676 -18.78 2.58 19.41
CA LEU A 1676 -18.81 1.54 20.43
C LEU A 1676 -18.00 1.94 21.65
N ILE A 1677 -16.82 2.52 21.45
CA ILE A 1677 -16.04 3.03 22.57
C ILE A 1677 -16.81 4.12 23.29
N GLN A 1678 -17.45 5.02 22.53
CA GLN A 1678 -18.28 6.05 23.13
C GLN A 1678 -19.44 5.48 23.92
N GLU A 1679 -19.74 4.18 23.76
CA GLU A 1679 -20.73 3.51 24.57
C GLU A 1679 -20.13 2.65 25.67
N ARG A 1680 -18.86 2.25 25.52
CA ARG A 1680 -18.25 1.33 26.48
C ARG A 1680 -17.50 2.08 27.59
N VAL A 1681 -16.85 3.19 27.25
CA VAL A 1681 -16.18 3.98 28.29
C VAL A 1681 -17.19 4.49 29.31
N SER A 1682 -18.25 5.14 28.83
CA SER A 1682 -19.36 5.50 29.69
C SER A 1682 -20.24 4.28 29.96
N LYS A 1683 -21.18 4.45 30.87
CA LYS A 1683 -22.09 3.37 31.26
C LYS A 1683 -23.31 3.29 30.34
N ALA A 1684 -23.25 3.88 29.15
CA ALA A 1684 -24.38 3.83 28.24
C ALA A 1684 -24.67 2.39 27.80
N LYS A 1685 -23.65 1.68 27.33
CA LYS A 1685 -23.81 0.27 27.03
C LYS A 1685 -24.18 -0.52 28.27
N HIS A 1686 -23.61 -0.14 29.42
CA HIS A 1686 -23.98 -0.80 30.68
C HIS A 1686 -25.44 -0.56 31.03
N LEU A 1687 -25.92 0.68 30.83
CA LEU A 1687 -27.32 0.97 31.10
C LEU A 1687 -28.24 0.24 30.12
N GLN A 1688 -27.80 0.06 28.88
CA GLN A 1688 -28.59 -0.72 27.92
C GLN A 1688 -28.64 -2.19 28.35
N PHE A 1689 -27.53 -2.72 28.86
CA PHE A 1689 -27.53 -4.09 29.36
C PHE A 1689 -28.36 -4.23 30.63
N ILE A 1690 -28.51 -3.14 31.40
CA ILE A 1690 -29.37 -3.17 32.57
C ILE A 1690 -30.82 -3.42 32.16
N SER A 1691 -31.22 -2.89 31.01
CA SER A 1691 -32.56 -3.13 30.48
C SER A 1691 -32.64 -4.55 29.93
N GLY A 1692 -33.79 -4.90 29.34
CA GLY A 1692 -33.98 -6.23 28.80
C GLY A 1692 -33.20 -6.53 27.54
N VAL A 1693 -32.34 -5.63 27.09
CA VAL A 1693 -31.58 -5.83 25.86
C VAL A 1693 -30.51 -6.88 26.10
N LYS A 1694 -30.49 -7.91 25.26
CA LYS A 1694 -29.45 -8.93 25.32
C LYS A 1694 -28.27 -8.52 24.44
N PRO A 1695 -27.06 -8.97 24.77
CA PRO A 1695 -25.89 -8.60 23.95
C PRO A 1695 -25.99 -9.07 22.51
N VAL A 1696 -26.64 -10.20 22.25
CA VAL A 1696 -26.73 -10.72 20.89
C VAL A 1696 -27.53 -9.76 20.01
N ILE A 1697 -28.65 -9.26 20.53
CA ILE A 1697 -29.50 -8.37 19.73
C ILE A 1697 -28.81 -7.03 19.51
N TYR A 1698 -28.11 -6.52 20.52
CA TYR A 1698 -27.37 -5.28 20.37
C TYR A 1698 -26.28 -5.42 19.32
N TRP A 1699 -25.52 -6.52 19.37
CA TRP A 1699 -24.48 -6.74 18.38
C TRP A 1699 -25.05 -6.93 16.99
N LEU A 1700 -26.22 -7.57 16.88
CA LEU A 1700 -26.85 -7.73 15.58
C LEU A 1700 -27.31 -6.39 15.01
N SER A 1701 -27.87 -5.53 15.86
CA SER A 1701 -28.28 -4.20 15.41
C SER A 1701 -27.07 -3.39 14.95
N ASN A 1702 -25.99 -3.41 15.73
CA ASN A 1702 -24.78 -2.73 15.32
C ASN A 1702 -24.24 -3.30 14.01
N PHE A 1703 -24.30 -4.62 13.84
CA PHE A 1703 -23.84 -5.25 12.62
C PHE A 1703 -24.63 -4.78 11.41
N VAL A 1704 -25.97 -4.73 11.55
CA VAL A 1704 -26.80 -4.27 10.44
C VAL A 1704 -26.51 -2.82 10.11
N TRP A 1705 -26.42 -1.97 11.15
CA TRP A 1705 -26.18 -0.55 10.90
C TRP A 1705 -24.82 -0.33 10.23
N ASP A 1706 -23.79 -1.05 10.67
CA ASP A 1706 -22.49 -0.91 10.06
C ASP A 1706 -22.45 -1.51 8.66
N MET A 1707 -23.25 -2.55 8.41
CA MET A 1707 -23.36 -3.08 7.05
C MET A 1707 -23.96 -2.04 6.11
N CYS A 1708 -24.99 -1.32 6.55
CA CYS A 1708 -25.53 -0.25 5.73
C CYS A 1708 -24.51 0.87 5.54
N ASN A 1709 -23.87 1.30 6.63
CA ASN A 1709 -22.87 2.36 6.56
C ASN A 1709 -21.61 1.96 5.81
N TYR A 1710 -21.45 0.67 5.51
CA TYR A 1710 -20.36 0.20 4.65
C TYR A 1710 -20.78 0.00 3.21
N VAL A 1711 -22.02 -0.41 2.96
CA VAL A 1711 -22.48 -0.57 1.58
C VAL A 1711 -22.85 0.75 0.95
N VAL A 1712 -23.07 1.80 1.73
CA VAL A 1712 -23.26 3.13 1.14
C VAL A 1712 -21.98 3.57 0.43
N PRO A 1713 -20.82 3.61 1.11
CA PRO A 1713 -19.59 3.98 0.37
C PRO A 1713 -19.15 2.91 -0.60
N ALA A 1714 -19.51 1.64 -0.37
CA ALA A 1714 -19.25 0.61 -1.37
C ALA A 1714 -20.03 0.89 -2.64
N THR A 1715 -21.30 1.27 -2.52
CA THR A 1715 -22.08 1.66 -3.69
C THR A 1715 -21.50 2.90 -4.34
N LEU A 1716 -21.00 3.84 -3.54
CA LEU A 1716 -20.36 5.04 -4.10
C LEU A 1716 -19.14 4.66 -4.93
N VAL A 1717 -18.30 3.76 -4.41
CA VAL A 1717 -17.10 3.34 -5.14
C VAL A 1717 -17.49 2.56 -6.40
N ILE A 1718 -18.54 1.76 -6.33
CA ILE A 1718 -19.01 1.04 -7.51
C ILE A 1718 -19.48 2.02 -8.58
N ILE A 1719 -20.21 3.05 -8.18
CA ILE A 1719 -20.67 4.06 -9.14
C ILE A 1719 -19.49 4.81 -9.74
N ILE A 1720 -18.48 5.12 -8.91
CA ILE A 1720 -17.30 5.80 -9.42
C ILE A 1720 -16.57 4.94 -10.45
N PHE A 1721 -16.41 3.64 -10.14
CA PHE A 1721 -15.76 2.74 -11.08
C PHE A 1721 -16.55 2.57 -12.36
N ILE A 1722 -17.89 2.59 -12.28
CA ILE A 1722 -18.72 2.51 -13.47
C ILE A 1722 -18.55 3.77 -14.32
N CYS A 1723 -18.54 4.94 -13.67
CA CYS A 1723 -18.41 6.19 -14.41
C CYS A 1723 -17.03 6.35 -15.03
N PHE A 1724 -16.00 5.80 -14.38
CA PHE A 1724 -14.64 5.89 -14.92
C PHE A 1724 -14.36 4.86 -16.01
N GLN A 1725 -15.29 3.94 -16.25
CA GLN A 1725 -15.15 2.94 -17.32
C GLN A 1725 -13.90 2.09 -17.15
N GLN A 1726 -13.59 1.72 -15.91
CA GLN A 1726 -12.45 0.85 -15.61
C GLN A 1726 -12.84 -0.58 -15.96
N LYS A 1727 -12.53 -0.98 -17.19
CA LYS A 1727 -12.92 -2.29 -17.70
C LYS A 1727 -12.32 -3.45 -16.89
N SER A 1728 -11.35 -3.17 -16.01
CA SER A 1728 -10.78 -4.22 -15.18
C SER A 1728 -11.66 -4.57 -13.99
N TYR A 1729 -12.65 -3.74 -13.68
CA TYR A 1729 -13.49 -3.98 -12.51
C TYR A 1729 -14.98 -3.99 -12.82
N VAL A 1730 -15.44 -3.15 -13.75
CA VAL A 1730 -16.88 -3.02 -14.00
C VAL A 1730 -17.23 -3.64 -15.34
N SER A 1731 -16.45 -4.65 -15.76
CA SER A 1731 -16.75 -5.35 -17.01
C SER A 1731 -18.02 -6.18 -16.85
N SER A 1732 -18.41 -6.85 -17.95
CA SER A 1732 -19.64 -7.62 -17.95
C SER A 1732 -19.57 -8.84 -17.04
N THR A 1733 -18.36 -9.27 -16.66
CA THR A 1733 -18.19 -10.45 -15.82
C THR A 1733 -17.56 -10.15 -14.46
N ASN A 1734 -17.11 -8.92 -14.22
CA ASN A 1734 -16.43 -8.59 -12.96
C ASN A 1734 -17.21 -7.64 -12.07
N LEU A 1735 -18.22 -6.95 -12.59
CA LEU A 1735 -18.95 -6.00 -11.74
C LEU A 1735 -19.74 -6.69 -10.64
N PRO A 1736 -20.58 -7.70 -10.92
CA PRO A 1736 -21.23 -8.40 -9.79
C PRO A 1736 -20.24 -9.10 -8.88
N VAL A 1737 -19.16 -9.65 -9.44
CA VAL A 1737 -18.13 -10.28 -8.62
C VAL A 1737 -17.47 -9.26 -7.72
N LEU A 1738 -17.20 -8.06 -8.24
CA LEU A 1738 -16.60 -7.01 -7.42
C LEU A 1738 -17.55 -6.55 -6.32
N ALA A 1739 -18.84 -6.42 -6.65
CA ALA A 1739 -19.81 -6.03 -5.63
C ALA A 1739 -19.91 -7.08 -4.53
N LEU A 1740 -19.96 -8.36 -4.91
CA LEU A 1740 -20.00 -9.42 -3.91
C LEU A 1740 -18.71 -9.46 -3.09
N LEU A 1741 -17.57 -9.18 -3.73
CA LEU A 1741 -16.31 -9.15 -3.01
C LEU A 1741 -16.30 -8.05 -1.95
N LEU A 1742 -16.77 -6.86 -2.33
CA LEU A 1742 -16.84 -5.76 -1.37
C LEU A 1742 -17.80 -6.08 -0.24
N LEU A 1743 -18.97 -6.65 -0.57
CA LEU A 1743 -19.94 -7.00 0.46
C LEU A 1743 -19.38 -8.02 1.44
N LEU A 1744 -18.71 -9.06 0.93
CA LEU A 1744 -18.13 -10.07 1.81
C LEU A 1744 -16.97 -9.51 2.61
N TYR A 1745 -16.19 -8.61 2.03
CA TYR A 1745 -15.11 -7.96 2.77
C TYR A 1745 -15.65 -7.18 3.95
N GLY A 1746 -16.72 -6.41 3.73
CA GLY A 1746 -17.34 -5.69 4.83
C GLY A 1746 -17.94 -6.62 5.88
N TRP A 1747 -18.68 -7.63 5.42
CA TRP A 1747 -19.31 -8.60 6.32
C TRP A 1747 -18.28 -9.37 7.15
N SER A 1748 -17.06 -9.51 6.64
CA SER A 1748 -16.01 -10.19 7.39
C SER A 1748 -15.17 -9.26 8.25
N ILE A 1749 -15.02 -7.99 7.84
CA ILE A 1749 -14.19 -7.06 8.59
C ILE A 1749 -14.94 -6.36 9.72
N THR A 1750 -16.27 -6.27 9.65
CA THR A 1750 -17.01 -5.63 10.73
C THR A 1750 -16.94 -6.44 12.02
N PRO A 1751 -17.25 -7.74 12.04
CA PRO A 1751 -17.08 -8.51 13.29
C PRO A 1751 -15.64 -8.78 13.65
N LEU A 1752 -14.67 -8.37 12.82
CA LEU A 1752 -13.27 -8.43 13.17
C LEU A 1752 -12.82 -7.16 13.88
N MET A 1753 -13.36 -6.01 13.46
CA MET A 1753 -13.11 -4.75 14.15
C MET A 1753 -13.98 -4.57 15.38
N TYR A 1754 -15.04 -5.37 15.54
CA TYR A 1754 -15.87 -5.28 16.74
C TYR A 1754 -15.10 -5.61 18.02
N PRO A 1755 -14.37 -6.75 18.13
CA PRO A 1755 -13.69 -7.05 19.40
C PRO A 1755 -12.40 -6.23 19.59
N ALA A 1756 -12.56 -4.91 19.59
CA ALA A 1756 -11.42 -4.01 19.79
C ALA A 1756 -11.69 -2.89 20.78
N SER A 1757 -12.94 -2.70 21.23
CA SER A 1757 -13.25 -1.65 22.18
C SER A 1757 -13.03 -2.08 23.63
N PHE A 1758 -12.95 -3.38 23.89
CA PHE A 1758 -12.79 -3.86 25.26
C PHE A 1758 -11.40 -3.61 25.82
N VAL A 1759 -10.42 -3.34 24.96
CA VAL A 1759 -9.06 -3.10 25.40
C VAL A 1759 -8.66 -1.63 25.31
N PHE A 1760 -9.27 -0.85 24.43
CA PHE A 1760 -8.97 0.57 24.29
C PHE A 1760 -9.97 1.41 25.08
N LYS A 1761 -9.51 2.57 25.53
CA LYS A 1761 -10.35 3.51 26.26
C LYS A 1761 -10.52 4.85 25.54
N ILE A 1762 -9.83 5.05 24.42
CA ILE A 1762 -9.92 6.27 23.64
C ILE A 1762 -10.46 5.90 22.26
N PRO A 1763 -11.51 6.56 21.77
CA PRO A 1763 -12.06 6.17 20.46
C PRO A 1763 -11.13 6.51 19.30
N SER A 1764 -10.51 7.69 19.32
CA SER A 1764 -9.65 8.08 18.22
C SER A 1764 -8.37 7.25 18.18
N THR A 1765 -7.84 6.89 19.36
CA THR A 1765 -6.64 6.05 19.40
C THR A 1765 -6.90 4.69 18.80
N ALA A 1766 -8.01 4.05 19.20
CA ALA A 1766 -8.36 2.75 18.62
C ALA A 1766 -8.67 2.86 17.14
N TYR A 1767 -9.32 3.97 16.74
CA TYR A 1767 -9.56 4.20 15.32
C TYR A 1767 -8.26 4.22 14.54
N VAL A 1768 -7.29 5.01 14.99
CA VAL A 1768 -6.00 5.10 14.31
C VAL A 1768 -5.30 3.75 14.28
N VAL A 1769 -5.30 3.05 15.43
CA VAL A 1769 -4.59 1.77 15.51
C VAL A 1769 -5.21 0.76 14.54
N LEU A 1770 -6.53 0.63 14.56
CA LEU A 1770 -7.20 -0.35 13.69
C LEU A 1770 -7.01 0.02 12.23
N THR A 1771 -7.19 1.29 11.87
CA THR A 1771 -7.01 1.70 10.48
C THR A 1771 -5.59 1.39 10.01
N SER A 1772 -4.59 1.75 10.81
CA SER A 1772 -3.21 1.52 10.42
C SER A 1772 -2.91 0.04 10.28
N VAL A 1773 -3.38 -0.78 11.23
CA VAL A 1773 -3.13 -2.21 11.18
C VAL A 1773 -3.77 -2.81 9.93
N ASN A 1774 -5.02 -2.43 9.64
CA ASN A 1774 -5.72 -2.97 8.49
C ASN A 1774 -5.00 -2.59 7.19
N LEU A 1775 -4.70 -1.30 7.02
CA LEU A 1775 -4.05 -0.87 5.79
C LEU A 1775 -2.68 -1.51 5.63
N PHE A 1776 -1.90 -1.57 6.71
CA PHE A 1776 -0.58 -2.19 6.67
C PHE A 1776 -0.69 -3.64 6.24
N ILE A 1777 -1.49 -4.43 6.96
CA ILE A 1777 -1.61 -5.86 6.65
C ILE A 1777 -2.06 -6.05 5.21
N GLY A 1778 -3.16 -5.41 4.83
CA GLY A 1778 -3.69 -5.57 3.48
C GLY A 1778 -2.72 -5.19 2.38
N ILE A 1779 -2.22 -3.96 2.41
CA ILE A 1779 -1.36 -3.49 1.32
C ILE A 1779 -0.06 -4.27 1.28
N ASN A 1780 0.54 -4.55 2.45
CA ASN A 1780 1.81 -5.28 2.47
C ASN A 1780 1.64 -6.69 1.94
N GLY A 1781 0.59 -7.39 2.38
CA GLY A 1781 0.35 -8.73 1.85
C GLY A 1781 0.08 -8.72 0.36
N SER A 1782 -0.71 -7.74 -0.11
CA SER A 1782 -1.03 -7.66 -1.53
C SER A 1782 0.24 -7.44 -2.36
N VAL A 1783 1.06 -6.45 -1.97
CA VAL A 1783 2.25 -6.16 -2.76
C VAL A 1783 3.28 -7.29 -2.64
N ALA A 1784 3.34 -7.96 -1.49
CA ALA A 1784 4.26 -9.09 -1.35
C ALA A 1784 3.87 -10.23 -2.27
N THR A 1785 2.59 -10.62 -2.24
CA THR A 1785 2.13 -11.67 -3.14
C THR A 1785 2.31 -11.27 -4.60
N PHE A 1786 2.09 -9.99 -4.91
CA PHE A 1786 2.24 -9.53 -6.29
C PHE A 1786 3.69 -9.65 -6.76
N VAL A 1787 4.63 -9.14 -5.98
CA VAL A 1787 6.03 -9.20 -6.37
C VAL A 1787 6.59 -10.62 -6.26
N LEU A 1788 5.92 -11.51 -5.54
CA LEU A 1788 6.37 -12.90 -5.48
C LEU A 1788 5.82 -13.76 -6.60
N GLU A 1789 4.64 -13.42 -7.12
CA GLU A 1789 4.07 -14.19 -8.23
C GLU A 1789 4.36 -13.59 -9.60
N LEU A 1790 4.78 -12.32 -9.66
CA LEU A 1790 5.00 -11.68 -10.96
C LEU A 1790 6.46 -11.76 -11.40
N PHE A 1791 7.37 -11.20 -10.61
CA PHE A 1791 8.77 -11.03 -11.01
C PHE A 1791 9.69 -12.06 -10.36
N THR A 1792 9.22 -13.29 -10.15
CA THR A 1792 10.05 -14.35 -9.59
C THR A 1792 9.96 -15.58 -10.49
N ASP A 1793 11.11 -16.02 -10.99
CA ASP A 1793 11.21 -17.25 -11.78
C ASP A 1793 11.59 -18.45 -10.93
N ASN A 1794 12.01 -18.25 -9.69
CA ASN A 1794 12.36 -19.34 -8.80
C ASN A 1794 11.10 -19.94 -8.18
N LYS A 1795 11.24 -21.16 -7.66
CA LYS A 1795 10.11 -21.87 -7.08
C LYS A 1795 9.70 -21.32 -5.70
N LEU A 1796 10.37 -20.28 -5.21
CA LEU A 1796 9.99 -19.68 -3.93
C LEU A 1796 8.55 -19.22 -3.95
N ASN A 1797 8.05 -18.76 -5.11
CA ASN A 1797 6.66 -18.36 -5.21
C ASN A 1797 5.70 -19.46 -4.81
N ASN A 1798 6.09 -20.72 -5.04
CA ASN A 1798 5.29 -21.86 -4.58
C ASN A 1798 5.02 -21.76 -3.09
N ILE A 1799 6.07 -21.50 -2.30
CA ILE A 1799 5.90 -21.31 -0.86
C ILE A 1799 4.92 -20.18 -0.59
N ASN A 1800 5.01 -19.10 -1.38
CA ASN A 1800 4.08 -17.98 -1.23
C ASN A 1800 2.64 -18.46 -1.32
N ASP A 1801 2.37 -19.42 -2.21
CA ASP A 1801 1.02 -19.98 -2.31
C ASP A 1801 0.55 -20.50 -0.95
N ILE A 1802 1.39 -21.30 -0.29
CA ILE A 1802 1.08 -21.74 1.06
C ILE A 1802 0.91 -20.54 1.97
N LEU A 1803 1.80 -19.55 1.84
CA LEU A 1803 1.67 -18.31 2.61
C LEU A 1803 0.32 -17.67 2.36
N LYS A 1804 -0.16 -17.72 1.10
CA LYS A 1804 -1.50 -17.23 0.80
C LYS A 1804 -2.52 -17.80 1.76
N SER A 1805 -2.52 -19.12 1.92
CA SER A 1805 -3.43 -19.76 2.87
C SER A 1805 -3.30 -19.15 4.25
N VAL A 1806 -2.07 -18.99 4.72
CA VAL A 1806 -1.84 -18.30 5.99
C VAL A 1806 -2.40 -16.87 5.91
N PHE A 1807 -2.01 -16.14 4.87
CA PHE A 1807 -2.53 -14.80 4.69
C PHE A 1807 -4.02 -14.78 4.40
N LEU A 1808 -4.63 -15.95 4.17
CA LEU A 1808 -6.08 -16.03 4.07
C LEU A 1808 -6.77 -15.73 5.39
N ILE A 1809 -6.02 -15.61 6.50
CA ILE A 1809 -6.63 -15.27 7.78
C ILE A 1809 -6.97 -13.78 7.88
N PHE A 1810 -6.43 -12.95 6.98
CA PHE A 1810 -6.70 -11.52 6.99
C PHE A 1810 -7.66 -11.18 5.86
N PRO A 1811 -8.83 -10.60 6.15
CA PRO A 1811 -9.77 -10.28 5.06
C PRO A 1811 -9.26 -9.23 4.10
N HIS A 1812 -8.44 -8.28 4.57
CA HIS A 1812 -7.87 -7.29 3.68
C HIS A 1812 -6.97 -7.95 2.64
N PHE A 1813 -6.24 -8.98 3.04
CA PHE A 1813 -5.44 -9.74 2.08
C PHE A 1813 -6.34 -10.41 1.05
N CYS A 1814 -7.48 -10.94 1.48
CA CYS A 1814 -8.41 -11.57 0.53
C CYS A 1814 -8.96 -10.56 -0.45
N LEU A 1815 -9.29 -9.35 0.02
CA LEU A 1815 -9.80 -8.32 -0.88
C LEU A 1815 -8.72 -7.90 -1.89
N GLY A 1816 -7.50 -7.68 -1.40
CA GLY A 1816 -6.42 -7.33 -2.30
C GLY A 1816 -6.13 -8.42 -3.32
N ARG A 1817 -6.16 -9.68 -2.89
CA ARG A 1817 -5.92 -10.78 -3.81
C ARG A 1817 -7.04 -10.93 -4.82
N GLY A 1818 -8.28 -10.68 -4.40
CA GLY A 1818 -9.38 -10.68 -5.35
C GLY A 1818 -9.23 -9.60 -6.41
N LEU A 1819 -8.85 -8.39 -5.99
CA LEU A 1819 -8.61 -7.32 -6.95
C LEU A 1819 -7.47 -7.68 -7.89
N ILE A 1820 -6.38 -8.24 -7.35
CA ILE A 1820 -5.24 -8.58 -8.18
C ILE A 1820 -5.59 -9.69 -9.17
N ASP A 1821 -6.41 -10.66 -8.73
CA ASP A 1821 -6.82 -11.73 -9.63
C ASP A 1821 -7.75 -11.21 -10.72
N MET A 1822 -8.64 -10.27 -10.39
CA MET A 1822 -9.46 -9.66 -11.43
C MET A 1822 -8.60 -8.93 -12.44
N VAL A 1823 -7.60 -8.17 -11.96
CA VAL A 1823 -6.71 -7.44 -12.86
C VAL A 1823 -5.94 -8.40 -13.76
N LYS A 1824 -5.42 -9.48 -13.17
CA LYS A 1824 -4.63 -10.43 -13.95
C LYS A 1824 -5.50 -11.19 -14.94
N ASN A 1825 -6.74 -11.49 -14.58
CA ASN A 1825 -7.66 -12.14 -15.52
C ASN A 1825 -7.98 -11.22 -16.69
N GLN A 1826 -8.21 -9.94 -16.41
CA GLN A 1826 -8.46 -9.00 -17.50
C GLN A 1826 -7.23 -8.85 -18.39
N ALA A 1827 -6.04 -8.83 -17.78
CA ALA A 1827 -4.81 -8.72 -18.57
C ALA A 1827 -4.61 -9.96 -19.45
N MET A 1828 -4.86 -11.15 -18.90
CA MET A 1828 -4.74 -12.37 -19.69
C MET A 1828 -5.78 -12.41 -20.80
N ALA A 1829 -6.99 -11.92 -20.54
CA ALA A 1829 -7.99 -11.84 -21.59
C ALA A 1829 -7.54 -10.90 -22.71
N ASP A 1830 -7.02 -9.72 -22.36
CA ASP A 1830 -6.55 -8.78 -23.36
C ASP A 1830 -5.37 -9.35 -24.14
N ALA A 1831 -4.52 -10.13 -23.48
CA ALA A 1831 -3.42 -10.78 -24.18
C ALA A 1831 -3.90 -11.88 -25.10
N LEU A 1832 -5.00 -12.56 -24.74
CA LEU A 1832 -5.58 -13.56 -25.61
C LEU A 1832 -6.22 -12.92 -26.84
N GLU A 1833 -6.87 -11.78 -26.67
CA GLU A 1833 -7.40 -11.06 -27.83
C GLU A 1833 -6.29 -10.47 -28.68
N ARG A 1834 -5.11 -10.26 -28.09
CA ARG A 1834 -3.97 -9.73 -28.82
C ARG A 1834 -3.52 -10.68 -29.93
N VAL A 1841 -12.69 -17.11 -19.23
CA VAL A 1841 -12.39 -17.35 -17.83
C VAL A 1841 -13.26 -16.46 -16.95
N SER A 1842 -13.90 -17.07 -15.93
CA SER A 1842 -14.76 -16.35 -15.02
C SER A 1842 -14.07 -16.13 -13.69
N PRO A 1843 -14.18 -14.93 -13.11
CA PRO A 1843 -13.49 -14.65 -11.84
C PRO A 1843 -14.16 -15.28 -10.63
N LEU A 1844 -15.19 -16.10 -10.87
CA LEU A 1844 -15.95 -16.74 -9.80
C LEU A 1844 -15.53 -18.19 -9.58
N SER A 1845 -14.40 -18.60 -10.15
CA SER A 1845 -13.93 -19.98 -9.97
C SER A 1845 -13.34 -20.15 -8.57
N TRP A 1846 -12.92 -21.38 -8.27
CA TRP A 1846 -12.39 -21.68 -6.94
C TRP A 1846 -11.02 -21.04 -6.73
N ASP A 1847 -10.10 -21.25 -7.67
CA ASP A 1847 -8.78 -20.65 -7.57
C ASP A 1847 -8.83 -19.13 -7.59
N LEU A 1848 -9.88 -18.56 -8.19
CA LEU A 1848 -10.05 -17.13 -8.29
C LEU A 1848 -10.86 -16.62 -7.09
N VAL A 1849 -11.39 -15.40 -7.20
CA VAL A 1849 -11.99 -14.64 -6.10
C VAL A 1849 -13.02 -15.43 -5.31
N GLY A 1850 -13.55 -16.51 -5.90
CA GLY A 1850 -14.55 -17.31 -5.20
C GLY A 1850 -14.06 -17.86 -3.87
N ARG A 1851 -12.80 -18.31 -3.83
CA ARG A 1851 -12.23 -18.76 -2.57
C ARG A 1851 -12.16 -17.61 -1.58
N ASN A 1852 -11.83 -16.40 -2.05
CA ASN A 1852 -11.82 -15.24 -1.18
C ASN A 1852 -13.20 -14.95 -0.62
N LEU A 1853 -14.24 -15.13 -1.43
CA LEU A 1853 -15.61 -14.90 -0.96
C LEU A 1853 -15.99 -15.93 0.11
N PHE A 1854 -15.69 -17.20 -0.14
CA PHE A 1854 -15.98 -18.24 0.84
C PHE A 1854 -15.24 -17.98 2.15
N ALA A 1855 -13.94 -17.64 2.04
CA ALA A 1855 -13.15 -17.35 3.23
C ALA A 1855 -13.69 -16.15 3.98
N MET A 1856 -14.14 -15.13 3.26
CA MET A 1856 -14.71 -13.96 3.91
C MET A 1856 -16.01 -14.30 4.64
N ALA A 1857 -16.85 -15.14 4.04
CA ALA A 1857 -18.07 -15.55 4.71
C ALA A 1857 -17.77 -16.32 5.99
N VAL A 1858 -16.88 -17.31 5.90
CA VAL A 1858 -16.52 -18.09 7.08
C VAL A 1858 -15.90 -17.21 8.15
N GLU A 1859 -15.03 -16.27 7.74
CA GLU A 1859 -14.40 -15.37 8.70
C GLU A 1859 -15.42 -14.47 9.37
N GLY A 1860 -16.40 -13.97 8.60
CA GLY A 1860 -17.45 -13.16 9.20
C GLY A 1860 -18.24 -13.91 10.25
N VAL A 1861 -18.64 -15.15 9.92
CA VAL A 1861 -19.39 -15.94 10.90
C VAL A 1861 -18.55 -16.22 12.13
N VAL A 1862 -17.29 -16.62 11.93
CA VAL A 1862 -16.43 -16.97 13.06
C VAL A 1862 -16.15 -15.75 13.93
N PHE A 1863 -15.93 -14.58 13.31
CA PHE A 1863 -15.65 -13.38 14.07
C PHE A 1863 -16.88 -12.88 14.81
N PHE A 1864 -18.07 -13.04 14.22
CA PHE A 1864 -19.29 -12.70 14.95
C PHE A 1864 -19.44 -13.60 16.17
N LEU A 1865 -19.24 -14.91 16.00
CA LEU A 1865 -19.31 -15.82 17.14
C LEU A 1865 -18.26 -15.46 18.20
N ILE A 1866 -17.06 -15.07 17.75
CA ILE A 1866 -15.99 -14.75 18.67
C ILE A 1866 -16.32 -13.49 19.47
N THR A 1867 -16.85 -12.46 18.82
CA THR A 1867 -17.18 -11.24 19.56
C THR A 1867 -18.38 -11.44 20.47
N VAL A 1868 -19.32 -12.32 20.08
CA VAL A 1868 -20.42 -12.65 21.00
C VAL A 1868 -19.88 -13.38 22.23
N LEU A 1869 -18.96 -14.33 22.03
CA LEU A 1869 -18.36 -15.01 23.18
C LEU A 1869 -17.53 -14.06 24.04
N ILE A 1870 -16.88 -13.08 23.42
CA ILE A 1870 -16.13 -12.08 24.18
C ILE A 1870 -17.07 -11.24 25.03
N GLN A 1871 -18.21 -10.85 24.46
CA GLN A 1871 -19.19 -10.10 25.24
C GLN A 1871 -19.72 -10.92 26.41
N TYR A 1872 -19.75 -12.25 26.27
CA TYR A 1872 -20.15 -13.14 27.36
C TYR A 1872 -18.96 -13.65 28.16
N ARG A 1873 -17.77 -13.11 27.92
CA ARG A 1873 -16.56 -13.45 28.68
C ARG A 1873 -16.20 -14.94 28.54
N PHE A 1874 -16.56 -15.54 27.41
CA PHE A 1874 -16.23 -16.93 27.09
C PHE A 1874 -16.77 -17.92 28.12
N PHE A 1875 -17.75 -17.50 28.94
CA PHE A 1875 -18.30 -18.36 29.98
C PHE A 1875 -19.78 -18.64 29.83
N ILE A 1876 -20.50 -17.88 29.01
CA ILE A 1876 -21.93 -18.08 28.83
C ILE A 1876 -22.22 -18.53 27.40
N ASP A 1890 -13.90 -7.17 65.31
CA ASP A 1890 -14.77 -6.48 66.26
C ASP A 1890 -15.39 -5.24 65.61
N GLU A 1891 -16.58 -5.41 65.05
CA GLU A 1891 -17.29 -4.33 64.39
C GLU A 1891 -18.39 -3.79 65.30
N ASP A 1892 -19.22 -2.89 64.75
CA ASP A 1892 -20.27 -2.26 65.53
C ASP A 1892 -21.33 -3.29 65.94
N GLU A 1893 -22.10 -2.93 66.97
CA GLU A 1893 -23.13 -3.83 67.47
C GLU A 1893 -24.24 -4.02 66.43
N ASP A 1894 -24.73 -2.93 65.84
CA ASP A 1894 -25.81 -3.05 64.86
C ASP A 1894 -25.34 -3.76 63.60
N VAL A 1895 -24.11 -3.47 63.15
CA VAL A 1895 -23.59 -4.12 61.96
C VAL A 1895 -23.43 -5.61 62.18
N ARG A 1896 -22.89 -6.00 63.35
CA ARG A 1896 -22.75 -7.42 63.65
C ARG A 1896 -24.09 -8.10 63.79
N ARG A 1897 -25.07 -7.42 64.40
CA ARG A 1897 -26.41 -7.99 64.52
C ARG A 1897 -27.04 -8.21 63.15
N GLU A 1898 -26.94 -7.24 62.25
CA GLU A 1898 -27.50 -7.39 60.92
C GLU A 1898 -26.78 -8.48 60.15
N ARG A 1899 -25.46 -8.57 60.27
CA ARG A 1899 -24.71 -9.62 59.60
C ARG A 1899 -25.13 -10.99 60.09
N GLN A 1900 -25.26 -11.17 61.41
CA GLN A 1900 -25.69 -12.45 61.94
C GLN A 1900 -27.12 -12.79 61.51
N ARG A 1901 -28.00 -11.78 61.49
CA ARG A 1901 -29.37 -12.01 61.05
C ARG A 1901 -29.42 -12.46 59.60
N ILE A 1902 -28.58 -11.86 58.75
CA ILE A 1902 -28.53 -12.27 57.35
C ILE A 1902 -27.94 -13.67 57.23
N LEU A 1903 -26.96 -14.01 58.08
CA LEU A 1903 -26.29 -15.30 57.95
C LEU A 1903 -27.18 -16.45 58.41
N ASP A 1904 -27.73 -16.36 59.62
CA ASP A 1904 -28.45 -17.51 60.17
C ASP A 1904 -29.78 -17.74 59.44
N GLY A 1905 -30.51 -16.67 59.15
CA GLY A 1905 -31.80 -16.82 58.51
C GLY A 1905 -32.02 -15.86 57.36
N GLY A 1906 -32.22 -16.40 56.16
CA GLY A 1906 -32.46 -15.56 55.01
C GLY A 1906 -33.81 -14.86 55.08
N GLY A 1907 -33.87 -13.66 54.52
CA GLY A 1907 -35.10 -12.88 54.52
C GLY A 1907 -36.06 -13.38 53.46
N GLN A 1908 -37.31 -13.57 53.85
CA GLN A 1908 -38.34 -14.05 52.94
C GLN A 1908 -39.10 -12.93 52.25
N ASN A 1909 -38.82 -11.68 52.60
CA ASN A 1909 -39.51 -10.53 52.02
C ASN A 1909 -38.59 -9.46 51.46
N ASP A 1910 -37.33 -9.39 51.90
CA ASP A 1910 -36.43 -8.36 51.39
C ASP A 1910 -36.06 -8.65 49.94
N ILE A 1911 -36.02 -7.59 49.13
CA ILE A 1911 -35.70 -7.76 47.71
C ILE A 1911 -34.20 -7.90 47.52
N LEU A 1912 -33.41 -7.01 48.12
CA LEU A 1912 -31.96 -7.03 47.99
C LEU A 1912 -31.35 -7.62 49.26
N GLU A 1913 -30.61 -8.71 49.10
CA GLU A 1913 -29.94 -9.39 50.21
C GLU A 1913 -28.48 -9.61 49.82
N ILE A 1914 -27.58 -8.89 50.47
CA ILE A 1914 -26.16 -8.94 50.18
C ILE A 1914 -25.46 -9.69 51.30
N LYS A 1915 -24.65 -10.69 50.94
CA LYS A 1915 -23.96 -11.54 51.90
C LYS A 1915 -22.47 -11.54 51.61
N GLU A 1916 -21.70 -10.89 52.48
CA GLU A 1916 -20.23 -10.95 52.45
C GLU A 1916 -19.67 -10.46 51.12
N LEU A 1917 -20.22 -9.36 50.62
CA LEU A 1917 -19.73 -8.80 49.36
C LEU A 1917 -18.30 -8.31 49.52
N THR A 1918 -17.43 -8.71 48.60
CA THR A 1918 -16.01 -8.38 48.66
C THR A 1918 -15.50 -8.05 47.26
N LYS A 1919 -14.69 -7.00 47.18
CA LYS A 1919 -14.08 -6.58 45.93
C LYS A 1919 -12.62 -6.25 46.18
N ILE A 1920 -11.72 -6.93 45.47
CA ILE A 1920 -10.28 -6.72 45.59
C ILE A 1920 -9.76 -6.38 44.21
N TYR A 1921 -9.25 -5.15 44.05
CA TYR A 1921 -8.70 -4.72 42.78
C TYR A 1921 -7.31 -5.28 42.56
N ARG A 1922 -6.87 -5.27 41.31
CA ARG A 1922 -5.59 -5.86 40.96
C ARG A 1922 -4.44 -4.95 41.39
N ARG A 1923 -3.38 -5.57 41.93
CA ARG A 1923 -2.16 -4.86 42.33
C ARG A 1923 -2.45 -3.79 43.38
N LYS A 1924 -3.32 -4.10 44.32
CA LYS A 1924 -3.65 -3.17 45.39
C LYS A 1924 -3.50 -3.78 46.78
N ARG A 1925 -3.83 -5.06 46.94
CA ARG A 1925 -3.76 -5.78 48.21
C ARG A 1925 -4.63 -5.18 49.30
N LYS A 1926 -5.52 -4.25 48.94
CA LYS A 1926 -6.44 -3.63 49.89
C LYS A 1926 -7.84 -3.62 49.30
N PRO A 1927 -8.79 -4.36 49.86
CA PRO A 1927 -10.13 -4.40 49.28
C PRO A 1927 -10.87 -3.08 49.49
N ALA A 1928 -11.45 -2.56 48.39
CA ALA A 1928 -12.22 -1.33 48.48
C ALA A 1928 -13.52 -1.57 49.25
N VAL A 1929 -14.11 -2.75 49.12
CA VAL A 1929 -15.33 -3.12 49.83
C VAL A 1929 -15.23 -4.59 50.20
N ASP A 1930 -15.54 -4.92 51.46
CA ASP A 1930 -15.42 -6.28 51.94
C ASP A 1930 -16.37 -6.50 53.11
N ARG A 1931 -16.95 -7.70 53.17
CA ARG A 1931 -17.81 -8.13 54.27
C ARG A 1931 -19.01 -7.20 54.45
N ILE A 1932 -19.86 -7.17 53.43
CA ILE A 1932 -21.09 -6.40 53.43
C ILE A 1932 -22.27 -7.38 53.38
N CYS A 1933 -23.13 -7.32 54.38
CA CYS A 1933 -24.32 -8.17 54.46
C CYS A 1933 -25.49 -7.31 54.90
N VAL A 1934 -26.39 -6.98 53.97
CA VAL A 1934 -27.53 -6.12 54.25
C VAL A 1934 -28.79 -6.76 53.69
N GLY A 1935 -29.92 -6.38 54.28
CA GLY A 1935 -31.23 -6.79 53.78
C GLY A 1935 -32.17 -5.61 53.64
N ILE A 1936 -32.62 -5.35 52.42
CA ILE A 1936 -33.45 -4.18 52.13
C ILE A 1936 -34.88 -4.66 51.87
N PRO A 1937 -35.81 -4.40 52.78
CA PRO A 1937 -37.21 -4.74 52.52
C PRO A 1937 -37.79 -3.85 51.43
N PRO A 1938 -38.90 -4.24 50.81
CA PRO A 1938 -39.48 -3.45 49.71
C PRO A 1938 -40.26 -2.22 50.15
N GLY A 1939 -40.14 -1.79 51.41
CA GLY A 1939 -40.89 -0.65 51.88
C GLY A 1939 -40.09 0.36 52.66
N GLU A 1940 -38.80 0.52 52.33
CA GLU A 1940 -37.95 1.49 53.00
C GLU A 1940 -37.05 2.16 51.98
N CYS A 1941 -36.29 3.15 52.45
CA CYS A 1941 -35.32 3.88 51.64
C CYS A 1941 -33.94 3.64 52.23
N PHE A 1942 -33.05 3.06 51.44
CA PHE A 1942 -31.71 2.70 51.88
C PHE A 1942 -30.72 3.76 51.42
N GLY A 1943 -29.87 4.20 52.34
CA GLY A 1943 -28.84 5.17 52.04
C GLY A 1943 -27.45 4.64 52.31
N LEU A 1944 -26.53 4.83 51.37
CA LEU A 1944 -25.15 4.35 51.46
C LEU A 1944 -24.22 5.55 51.48
N LEU A 1945 -23.92 6.04 52.68
CA LEU A 1945 -23.03 7.17 52.84
C LEU A 1945 -21.58 6.70 53.01
N GLY A 1946 -20.65 7.62 52.78
CA GLY A 1946 -19.24 7.30 52.93
C GLY A 1946 -18.31 8.38 52.43
N VAL A 1947 -17.07 8.35 52.90
CA VAL A 1947 -16.06 9.32 52.49
C VAL A 1947 -15.58 8.97 51.09
N ASN A 1948 -14.85 9.90 50.46
CA ASN A 1948 -14.32 9.68 49.12
C ASN A 1948 -13.35 8.50 49.11
N GLY A 1949 -13.72 7.43 48.43
CA GLY A 1949 -12.91 6.23 48.39
C GLY A 1949 -13.30 5.16 49.39
N ALA A 1950 -14.58 5.05 49.73
CA ALA A 1950 -15.03 4.09 50.74
C ALA A 1950 -15.42 2.74 50.14
N GLY A 1951 -15.90 2.72 48.91
CA GLY A 1951 -16.32 1.48 48.29
C GLY A 1951 -17.78 1.44 47.92
N LYS A 1952 -18.36 2.61 47.64
CA LYS A 1952 -19.78 2.69 47.27
C LYS A 1952 -19.97 2.45 45.79
N SER A 1953 -19.16 3.11 44.94
CA SER A 1953 -19.29 2.91 43.51
C SER A 1953 -18.91 1.48 43.12
N SER A 1954 -17.91 0.90 43.79
CA SER A 1954 -17.55 -0.48 43.53
C SER A 1954 -18.68 -1.43 43.90
N THR A 1955 -19.35 -1.17 45.03
CA THR A 1955 -20.50 -1.98 45.42
C THR A 1955 -21.63 -1.85 44.41
N PHE A 1956 -21.87 -0.63 43.92
CA PHE A 1956 -22.91 -0.43 42.91
C PHE A 1956 -22.58 -1.16 41.62
N LYS A 1957 -21.31 -1.12 41.21
CA LYS A 1957 -20.91 -1.82 39.99
C LYS A 1957 -21.02 -3.33 40.15
N MET A 1958 -20.70 -3.85 41.35
CA MET A 1958 -20.87 -5.28 41.60
C MET A 1958 -22.33 -5.67 41.59
N LEU A 1959 -23.20 -4.82 42.14
CA LEU A 1959 -24.63 -5.11 42.14
C LEU A 1959 -25.20 -5.09 40.73
N THR A 1960 -24.81 -4.10 39.92
CA THR A 1960 -25.32 -4.00 38.56
C THR A 1960 -24.64 -4.99 37.63
N GLY A 1961 -23.39 -5.32 37.87
CA GLY A 1961 -22.65 -6.26 37.04
C GLY A 1961 -21.53 -5.68 36.23
N ASP A 1962 -21.12 -4.43 36.49
CA ASP A 1962 -20.02 -3.84 35.75
C ASP A 1962 -18.70 -4.52 36.11
N THR A 1963 -18.42 -4.67 37.40
CA THR A 1963 -17.22 -5.33 37.86
C THR A 1963 -17.53 -6.78 38.25
N THR A 1964 -16.50 -7.50 38.68
CA THR A 1964 -16.62 -8.89 39.08
C THR A 1964 -16.48 -8.99 40.59
N VAL A 1965 -17.49 -9.54 41.26
CA VAL A 1965 -17.47 -9.69 42.71
C VAL A 1965 -16.54 -10.84 43.07
N THR A 1966 -15.68 -10.59 44.07
CA THR A 1966 -14.71 -11.61 44.48
C THR A 1966 -15.35 -12.64 45.41
N ARG A 1967 -15.87 -12.20 46.55
CA ARG A 1967 -16.46 -13.09 47.53
C ARG A 1967 -17.87 -12.62 47.88
N GLY A 1968 -18.69 -13.54 48.34
CA GLY A 1968 -20.06 -13.24 48.71
C GLY A 1968 -21.00 -13.28 47.53
N ASP A 1969 -22.26 -12.93 47.81
CA ASP A 1969 -23.30 -12.94 46.79
C ASP A 1969 -24.27 -11.80 47.06
N ALA A 1970 -25.18 -11.59 46.11
CA ALA A 1970 -26.19 -10.54 46.24
C ALA A 1970 -27.43 -11.00 45.49
N PHE A 1971 -28.47 -11.36 46.23
CA PHE A 1971 -29.73 -11.81 45.65
C PHE A 1971 -30.67 -10.62 45.50
N LEU A 1972 -31.11 -10.35 44.28
CA LEU A 1972 -32.08 -9.29 43.99
C LEU A 1972 -33.36 -9.98 43.50
N ASN A 1973 -34.41 -9.90 44.32
CA ASN A 1973 -35.68 -10.57 44.03
C ASN A 1973 -35.48 -12.07 43.84
N LYS A 1974 -34.75 -12.68 44.78
CA LYS A 1974 -34.47 -14.12 44.77
C LYS A 1974 -33.74 -14.54 43.49
N ASN A 1975 -32.83 -13.68 43.02
CA ASN A 1975 -32.04 -13.94 41.82
C ASN A 1975 -30.59 -13.58 42.12
N SER A 1976 -29.69 -14.56 42.00
CA SER A 1976 -28.29 -14.32 42.24
C SER A 1976 -27.64 -13.61 41.06
N ILE A 1977 -26.46 -13.04 41.31
CA ILE A 1977 -25.74 -12.29 40.29
C ILE A 1977 -24.92 -13.21 39.41
N LEU A 1978 -24.09 -14.07 40.01
CA LEU A 1978 -23.25 -14.97 39.22
C LEU A 1978 -24.05 -16.07 38.54
N SER A 1979 -25.23 -16.41 39.07
CA SER A 1979 -26.05 -17.45 38.46
C SER A 1979 -26.73 -16.95 37.19
N ASN A 1980 -27.55 -15.92 37.32
CA ASN A 1980 -28.26 -15.37 36.17
C ASN A 1980 -28.37 -13.86 36.36
N ILE A 1981 -27.67 -13.09 35.53
CA ILE A 1981 -27.69 -11.64 35.64
C ILE A 1981 -28.86 -11.02 34.89
N HIS A 1982 -29.51 -11.75 33.99
CA HIS A 1982 -30.63 -11.20 33.24
C HIS A 1982 -31.83 -10.93 34.15
N GLU A 1983 -32.15 -11.88 35.03
CA GLU A 1983 -33.27 -11.68 35.95
C GLU A 1983 -32.96 -10.57 36.95
N VAL A 1984 -31.69 -10.37 37.30
CA VAL A 1984 -31.34 -9.28 38.20
C VAL A 1984 -31.44 -7.94 37.49
N HIS A 1985 -31.07 -7.90 36.21
CA HIS A 1985 -31.16 -6.66 35.45
C HIS A 1985 -32.60 -6.29 35.13
N GLN A 1986 -33.47 -7.28 34.92
CA GLN A 1986 -34.85 -7.01 34.55
C GLN A 1986 -35.63 -6.30 35.66
N ASN A 1987 -35.14 -6.32 36.89
CA ASN A 1987 -35.78 -5.67 38.02
C ASN A 1987 -34.80 -4.75 38.73
N MET A 1988 -34.10 -3.92 37.96
CA MET A 1988 -33.06 -3.04 38.50
C MET A 1988 -33.05 -1.72 37.73
N GLY A 1989 -33.01 -0.62 38.48
CA GLY A 1989 -32.83 0.69 37.89
C GLY A 1989 -31.55 1.35 38.35
N TYR A 1990 -30.62 1.56 37.42
CA TYR A 1990 -29.28 2.03 37.74
C TYR A 1990 -29.11 3.48 37.31
N CYS A 1991 -28.56 4.29 38.19
CA CYS A 1991 -28.16 5.66 37.88
C CYS A 1991 -26.70 5.82 38.26
N PRO A 1992 -25.78 5.76 37.28
CA PRO A 1992 -24.35 5.78 37.61
C PRO A 1992 -23.91 7.14 38.14
N GLN A 1993 -22.71 7.14 38.70
CA GLN A 1993 -22.14 8.37 39.24
C GLN A 1993 -21.80 9.37 38.13
N PHE A 1994 -21.20 8.88 37.05
CA PHE A 1994 -20.84 9.71 35.92
C PHE A 1994 -21.94 9.65 34.87
N ASP A 1995 -22.12 10.77 34.15
CA ASP A 1995 -23.19 10.87 33.16
C ASP A 1995 -22.89 9.96 31.98
N ALA A 1996 -23.82 9.06 31.68
CA ALA A 1996 -23.72 8.14 30.55
C ALA A 1996 -24.89 8.42 29.61
N ILE A 1997 -24.70 9.37 28.71
CA ILE A 1997 -25.74 9.78 27.77
C ILE A 1997 -25.10 10.03 26.41
N THR A 1998 -25.89 9.81 25.36
CA THR A 1998 -25.41 10.04 24.00
C THR A 1998 -25.34 11.54 23.71
N GLU A 1999 -24.23 11.97 23.11
CA GLU A 1999 -24.03 13.38 22.81
C GLU A 1999 -24.92 13.87 21.67
N LEU A 2000 -25.63 12.98 20.98
CA LEU A 2000 -26.42 13.35 19.82
C LEU A 2000 -27.90 12.97 19.97
N LEU A 2001 -28.36 12.73 21.19
CA LEU A 2001 -29.76 12.42 21.46
C LEU A 2001 -30.28 13.33 22.55
N THR A 2002 -31.56 13.68 22.44
CA THR A 2002 -32.20 14.55 23.41
C THR A 2002 -32.63 13.75 24.65
N GLY A 2003 -33.13 14.46 25.65
CA GLY A 2003 -33.58 13.79 26.86
C GLY A 2003 -34.84 12.98 26.64
N ARG A 2004 -35.83 13.56 25.93
CA ARG A 2004 -37.06 12.84 25.64
C ARG A 2004 -36.77 11.63 24.76
N GLU A 2005 -35.89 11.77 23.78
CA GLU A 2005 -35.52 10.63 22.94
C GLU A 2005 -34.80 9.57 23.75
N HIS A 2006 -33.95 9.97 24.70
CA HIS A 2006 -33.30 9.01 25.58
C HIS A 2006 -34.32 8.24 26.40
N VAL A 2007 -35.31 8.94 26.97
CA VAL A 2007 -36.33 8.29 27.78
C VAL A 2007 -37.15 7.33 26.93
N GLU A 2008 -37.55 7.75 25.72
CA GLU A 2008 -38.32 6.88 24.85
C GLU A 2008 -37.52 5.65 24.44
N PHE A 2009 -36.22 5.82 24.17
CA PHE A 2009 -35.38 4.69 23.80
C PHE A 2009 -35.25 3.71 24.95
N PHE A 2010 -34.94 4.21 26.15
CA PHE A 2010 -34.79 3.32 27.29
C PHE A 2010 -36.10 2.69 27.70
N ALA A 2011 -37.24 3.32 27.36
CA ALA A 2011 -38.53 2.67 27.59
C ALA A 2011 -38.78 1.57 26.56
N LEU A 2012 -38.42 1.81 25.30
CA LEU A 2012 -38.53 0.77 24.28
C LEU A 2012 -37.64 -0.42 24.61
N LEU A 2013 -36.50 -0.18 25.25
CA LEU A 2013 -35.61 -1.29 25.60
C LEU A 2013 -36.19 -2.13 26.73
N ARG A 2014 -36.93 -1.53 27.65
CA ARG A 2014 -37.43 -2.23 28.82
C ARG A 2014 -38.78 -2.91 28.58
N GLY A 2015 -39.35 -2.78 27.39
CA GLY A 2015 -40.60 -3.45 27.08
C GLY A 2015 -41.84 -2.57 27.06
N VAL A 2016 -41.69 -1.26 27.12
CA VAL A 2016 -42.86 -0.38 27.05
C VAL A 2016 -43.43 -0.42 25.64
N PRO A 2017 -44.72 -0.69 25.47
CA PRO A 2017 -45.28 -0.77 24.11
C PRO A 2017 -45.27 0.59 23.42
N GLU A 2018 -45.15 0.55 22.09
CA GLU A 2018 -45.07 1.78 21.30
C GLU A 2018 -46.31 2.65 21.45
N LYS A 2019 -47.46 2.06 21.79
CA LYS A 2019 -48.66 2.85 22.00
C LYS A 2019 -48.60 3.70 23.26
N GLU A 2020 -47.73 3.35 24.21
CA GLU A 2020 -47.61 4.08 25.47
C GLU A 2020 -46.20 4.61 25.70
N VAL A 2021 -45.37 4.64 24.67
CA VAL A 2021 -44.01 5.14 24.82
C VAL A 2021 -44.02 6.65 25.03
N GLY A 2022 -44.83 7.37 24.25
CA GLY A 2022 -44.87 8.82 24.38
C GLY A 2022 -45.40 9.28 25.72
N LYS A 2023 -46.42 8.60 26.23
CA LYS A 2023 -46.99 8.98 27.52
C LYS A 2023 -46.00 8.75 28.66
N VAL A 2024 -45.34 7.58 28.65
CA VAL A 2024 -44.34 7.29 29.68
C VAL A 2024 -43.17 8.26 29.58
N GLY A 2025 -42.77 8.62 28.36
CA GLY A 2025 -41.71 9.59 28.19
C GLY A 2025 -42.08 10.96 28.73
N GLU A 2026 -43.29 11.42 28.41
CA GLU A 2026 -43.75 12.71 28.92
C GLU A 2026 -43.85 12.70 30.44
N TRP A 2027 -44.30 11.58 31.01
CA TRP A 2027 -44.39 11.47 32.47
C TRP A 2027 -43.01 11.54 33.11
N ALA A 2028 -42.06 10.76 32.58
CA ALA A 2028 -40.72 10.74 33.14
C ALA A 2028 -40.01 12.08 32.96
N ILE A 2029 -40.34 12.83 31.91
CA ILE A 2029 -39.78 14.15 31.74
C ILE A 2029 -40.38 15.12 32.74
N ARG A 2030 -41.71 15.22 32.77
CA ARG A 2030 -42.38 16.18 33.65
C ARG A 2030 -42.15 15.89 35.13
N LYS A 2031 -41.85 14.65 35.49
CA LYS A 2031 -41.60 14.33 36.90
C LYS A 2031 -40.29 14.89 37.40
N LEU A 2032 -39.37 15.26 36.50
CA LEU A 2032 -38.07 15.79 36.88
C LEU A 2032 -37.78 17.09 36.12
N GLY A 2033 -38.81 17.91 35.92
CA GLY A 2033 -38.65 19.16 35.21
C GLY A 2033 -38.29 18.98 33.74
N LEU A 2034 -37.16 19.55 33.33
CA LEU A 2034 -36.65 19.40 31.96
C LEU A 2034 -37.69 19.80 30.92
N VAL A 2035 -38.53 20.78 31.26
CA VAL A 2035 -39.56 21.22 30.33
C VAL A 2035 -38.93 21.97 29.15
N LYS A 2036 -38.01 22.88 29.44
CA LYS A 2036 -37.34 23.64 28.39
C LYS A 2036 -36.23 22.84 27.72
N TYR A 2037 -35.61 21.91 28.46
CA TYR A 2037 -34.52 21.10 27.93
C TYR A 2037 -35.00 19.75 27.40
N GLY A 2038 -36.30 19.54 27.28
CA GLY A 2038 -36.81 18.27 26.81
C GLY A 2038 -36.57 18.00 25.33
N GLU A 2039 -36.32 19.06 24.55
CA GLU A 2039 -36.08 18.93 23.12
C GLU A 2039 -34.65 19.27 22.74
N LYS A 2040 -33.77 19.46 23.71
CA LYS A 2040 -32.37 19.80 23.46
C LYS A 2040 -31.48 18.57 23.64
N TYR A 2041 -30.36 18.57 22.94
CA TYR A 2041 -29.46 17.43 22.97
C TYR A 2041 -28.88 17.23 24.37
N ALA A 2042 -28.70 15.96 24.76
CA ALA A 2042 -28.16 15.66 26.07
C ALA A 2042 -26.69 16.01 26.17
N GLY A 2043 -25.96 15.99 25.05
CA GLY A 2043 -24.56 16.36 25.06
C GLY A 2043 -24.31 17.82 25.36
N ASN A 2044 -25.32 18.67 25.17
CA ASN A 2044 -25.22 20.09 25.45
C ASN A 2044 -25.97 20.48 26.72
N TYR A 2045 -26.32 19.51 27.57
CA TYR A 2045 -27.04 19.81 28.79
C TYR A 2045 -26.10 20.47 29.81
N SER A 2046 -26.68 20.88 30.93
CA SER A 2046 -25.94 21.49 32.01
C SER A 2046 -25.49 20.43 33.01
N GLY A 2047 -24.84 20.88 34.09
CA GLY A 2047 -24.41 19.95 35.13
C GLY A 2047 -25.55 19.30 35.89
N GLY A 2048 -26.71 19.95 35.93
CA GLY A 2048 -27.86 19.40 36.63
C GLY A 2048 -28.82 18.67 35.70
N ASN A 2049 -28.93 19.13 34.46
CA ASN A 2049 -29.81 18.48 33.50
C ASN A 2049 -29.34 17.07 33.18
N LYS A 2050 -28.02 16.84 33.18
CA LYS A 2050 -27.52 15.50 32.92
C LYS A 2050 -27.90 14.55 34.05
N ARG A 2051 -27.77 14.99 35.31
CA ARG A 2051 -28.20 14.17 36.43
C ARG A 2051 -29.70 13.95 36.42
N LYS A 2052 -30.46 14.98 36.02
CA LYS A 2052 -31.91 14.82 35.87
C LYS A 2052 -32.24 13.73 34.87
N LEU A 2053 -31.59 13.76 33.70
CA LEU A 2053 -31.84 12.74 32.68
C LEU A 2053 -31.41 11.37 33.15
N SER A 2054 -30.29 11.28 33.87
CA SER A 2054 -29.83 9.99 34.39
C SER A 2054 -30.84 9.42 35.37
N THR A 2055 -31.34 10.24 36.29
CA THR A 2055 -32.34 9.77 37.25
C THR A 2055 -33.63 9.38 36.53
N ALA A 2056 -34.04 10.15 35.52
CA ALA A 2056 -35.25 9.82 34.78
C ALA A 2056 -35.11 8.48 34.06
N MET A 2057 -33.96 8.24 33.44
CA MET A 2057 -33.73 6.95 32.78
C MET A 2057 -33.67 5.82 33.80
N ALA A 2058 -33.13 6.10 34.99
CA ALA A 2058 -33.11 5.07 36.04
C ALA A 2058 -34.52 4.76 36.54
N LEU A 2059 -35.43 5.74 36.50
CA LEU A 2059 -36.80 5.54 36.94
C LEU A 2059 -37.71 5.00 35.85
N ILE A 2060 -37.14 4.47 34.76
CA ILE A 2060 -37.92 3.92 33.66
C ILE A 2060 -38.21 2.45 33.95
N GLY A 2061 -39.45 2.03 33.69
CA GLY A 2061 -39.87 0.66 33.90
C GLY A 2061 -40.37 0.35 35.28
N GLY A 2062 -40.12 1.22 36.26
CA GLY A 2062 -40.55 1.01 37.62
C GLY A 2062 -40.00 -0.25 38.23
N PRO A 2063 -38.69 -0.30 38.46
CA PRO A 2063 -38.08 -1.48 39.07
C PRO A 2063 -38.32 -1.50 40.57
N PRO A 2064 -38.31 -2.68 41.19
CA PRO A 2064 -38.52 -2.72 42.64
C PRO A 2064 -37.38 -2.12 43.44
N VAL A 2065 -36.17 -2.09 42.88
CA VAL A 2065 -35.01 -1.49 43.54
C VAL A 2065 -34.33 -0.57 42.54
N VAL A 2066 -34.26 0.71 42.89
CA VAL A 2066 -33.61 1.73 42.05
C VAL A 2066 -32.30 2.11 42.70
N PHE A 2067 -31.20 1.93 41.99
CA PHE A 2067 -29.86 2.23 42.49
C PHE A 2067 -29.47 3.62 42.01
N LEU A 2068 -29.38 4.57 42.94
CA LEU A 2068 -28.97 5.94 42.64
C LEU A 2068 -27.57 6.16 43.20
N ASP A 2069 -26.61 6.38 42.32
CA ASP A 2069 -25.21 6.61 42.69
C ASP A 2069 -24.90 8.09 42.43
N GLN A 2070 -24.92 8.87 43.51
CA GLN A 2070 -24.70 10.31 43.44
C GLN A 2070 -25.60 10.98 42.41
N PRO A 2071 -26.93 10.93 42.60
CA PRO A 2071 -27.82 11.58 41.63
C PRO A 2071 -27.90 13.09 41.80
N THR A 2072 -27.52 13.62 42.96
CA THR A 2072 -27.52 15.06 43.22
C THR A 2072 -26.06 15.50 43.31
N THR A 2073 -25.47 15.81 42.17
CA THR A 2073 -24.07 16.25 42.10
C THR A 2073 -24.00 17.45 41.16
N GLY A 2074 -24.01 18.64 41.75
CA GLY A 2074 -24.00 19.86 40.97
C GLY A 2074 -25.34 20.37 40.52
N MET A 2075 -26.41 20.01 41.24
CA MET A 2075 -27.76 20.44 40.89
C MET A 2075 -28.24 21.51 41.85
N ASP A 2076 -29.13 22.38 41.36
CA ASP A 2076 -29.72 23.39 42.20
C ASP A 2076 -30.71 22.76 43.16
N PRO A 2077 -31.06 23.46 44.25
CA PRO A 2077 -32.04 22.89 45.21
C PRO A 2077 -33.35 22.46 44.59
N LYS A 2078 -33.81 23.10 43.51
CA LYS A 2078 -35.04 22.68 42.86
C LYS A 2078 -34.92 21.27 42.32
N ALA A 2079 -33.77 20.95 41.70
CA ALA A 2079 -33.58 19.61 41.15
C ALA A 2079 -33.54 18.55 42.24
N ARG A 2080 -32.89 18.85 43.37
CA ARG A 2080 -32.85 17.86 44.44
C ARG A 2080 -34.20 17.72 45.12
N ARG A 2081 -35.00 18.80 45.19
CA ARG A 2081 -36.36 18.66 45.68
C ARG A 2081 -37.20 17.77 44.77
N PHE A 2082 -37.08 17.97 43.45
CA PHE A 2082 -37.78 17.11 42.51
C PHE A 2082 -37.33 15.66 42.64
N LEU A 2083 -36.03 15.45 42.85
CA LEU A 2083 -35.52 14.08 43.00
C LEU A 2083 -36.03 13.45 44.29
N TRP A 2084 -36.11 14.22 45.37
CA TRP A 2084 -36.69 13.70 46.61
C TRP A 2084 -38.15 13.35 46.43
N ASN A 2085 -38.90 14.18 45.70
CA ASN A 2085 -40.29 13.86 45.41
C ASN A 2085 -40.40 12.58 44.59
N CYS A 2086 -39.53 12.41 43.60
CA CYS A 2086 -39.54 11.20 42.78
C CYS A 2086 -39.24 9.97 43.64
N ALA A 2087 -38.24 10.07 44.52
CA ALA A 2087 -37.90 8.94 45.37
C ALA A 2087 -39.01 8.61 46.35
N LEU A 2088 -39.69 9.64 46.88
CA LEU A 2088 -40.82 9.40 47.77
C LEU A 2088 -41.97 8.73 47.04
N SER A 2089 -42.24 9.16 45.80
CA SER A 2089 -43.29 8.51 45.02
C SER A 2089 -42.92 7.07 44.69
N VAL A 2090 -41.63 6.79 44.48
CA VAL A 2090 -41.20 5.42 44.21
C VAL A 2090 -41.34 4.56 45.46
N VAL A 2091 -40.95 5.08 46.62
CA VAL A 2091 -41.03 4.31 47.85
C VAL A 2091 -42.49 4.05 48.23
N LYS A 2092 -43.35 5.07 48.09
CA LYS A 2092 -44.76 4.89 48.41
C LYS A 2092 -45.45 3.92 47.46
N GLU A 2093 -44.89 3.70 46.27
CA GLU A 2093 -45.46 2.78 45.30
C GLU A 2093 -45.14 1.31 45.62
N GLY A 2094 -44.35 1.05 46.65
CA GLY A 2094 -43.98 -0.30 47.02
C GLY A 2094 -42.63 -0.77 46.51
N ARG A 2095 -41.69 0.14 46.30
CA ARG A 2095 -40.36 -0.20 45.80
C ARG A 2095 -39.31 0.27 46.79
N SER A 2096 -38.04 0.07 46.43
CA SER A 2096 -36.91 0.44 47.26
C SER A 2096 -35.93 1.30 46.48
N VAL A 2097 -35.18 2.12 47.20
CA VAL A 2097 -34.20 3.02 46.60
C VAL A 2097 -32.89 2.89 47.37
N VAL A 2098 -31.85 2.39 46.70
CA VAL A 2098 -30.50 2.34 47.27
C VAL A 2098 -29.81 3.63 46.84
N LEU A 2099 -29.76 4.61 47.75
CA LEU A 2099 -29.30 5.95 47.44
C LEU A 2099 -27.90 6.18 48.00
N THR A 2100 -27.07 6.87 47.21
CA THR A 2100 -25.76 7.31 47.66
C THR A 2100 -25.61 8.80 47.32
N SER A 2101 -25.22 9.60 48.30
CA SER A 2101 -25.07 11.03 48.10
C SER A 2101 -23.99 11.55 49.05
N HIS A 2102 -23.69 12.83 48.91
CA HIS A 2102 -22.70 13.50 49.76
C HIS A 2102 -23.29 14.63 50.58
N SER A 2103 -24.56 14.98 50.36
CA SER A 2103 -25.23 16.01 51.15
C SER A 2103 -25.99 15.33 52.29
N MET A 2104 -25.64 15.68 53.52
CA MET A 2104 -26.20 14.98 54.68
C MET A 2104 -27.68 15.31 54.88
N GLU A 2105 -28.11 16.51 54.51
CA GLU A 2105 -29.51 16.87 54.71
C GLU A 2105 -30.44 16.02 53.86
N GLU A 2106 -29.99 15.65 52.65
CA GLU A 2106 -30.80 14.79 51.78
C GLU A 2106 -31.12 13.47 52.47
N CYS A 2107 -30.08 12.75 52.90
CA CYS A 2107 -30.29 11.44 53.50
C CYS A 2107 -30.91 11.52 54.88
N GLU A 2108 -30.67 12.62 55.62
CA GLU A 2108 -31.35 12.76 56.90
C GLU A 2108 -32.83 13.04 56.71
N ALA A 2109 -33.21 13.61 55.56
CA ALA A 2109 -34.62 13.89 55.30
C ALA A 2109 -35.35 12.68 54.73
N LEU A 2110 -34.91 12.19 53.56
CA LEU A 2110 -35.74 11.24 52.83
C LEU A 2110 -35.36 9.78 53.08
N CYS A 2111 -34.12 9.50 53.45
CA CYS A 2111 -33.71 8.11 53.64
C CYS A 2111 -34.27 7.55 54.94
N THR A 2112 -34.55 6.25 54.93
CA THR A 2112 -35.10 5.56 56.10
C THR A 2112 -34.01 4.86 56.91
N ARG A 2113 -33.25 3.96 56.27
CA ARG A 2113 -32.15 3.25 56.91
C ARG A 2113 -30.86 3.63 56.21
N MET A 2114 -29.91 4.14 56.97
CA MET A 2114 -28.64 4.60 56.43
C MET A 2114 -27.50 3.72 56.91
N ALA A 2115 -26.41 3.73 56.13
CA ALA A 2115 -25.22 2.97 56.48
C ALA A 2115 -23.99 3.75 56.00
N ILE A 2116 -23.09 4.06 56.91
CA ILE A 2116 -21.87 4.79 56.62
C ILE A 2116 -20.74 3.79 56.46
N MET A 2117 -20.11 3.77 55.29
CA MET A 2117 -19.03 2.86 54.98
C MET A 2117 -17.71 3.62 54.95
N VAL A 2118 -16.67 3.01 55.51
CA VAL A 2118 -15.32 3.55 55.48
C VAL A 2118 -14.34 2.39 55.26
N ASN A 2119 -13.52 2.51 54.22
CA ASN A 2119 -12.56 1.47 53.84
C ASN A 2119 -13.24 0.13 53.58
N GLY A 2120 -14.50 0.18 53.17
CA GLY A 2120 -15.25 -1.03 52.87
C GLY A 2120 -15.96 -1.67 54.04
N ARG A 2121 -16.07 -0.98 55.18
CA ARG A 2121 -16.72 -1.54 56.36
C ARG A 2121 -17.74 -0.53 56.90
N PHE A 2122 -18.89 -1.05 57.29
CA PHE A 2122 -19.95 -0.21 57.84
C PHE A 2122 -19.64 0.16 59.29
N ARG A 2123 -20.29 1.21 59.75
CA ARG A 2123 -20.06 1.71 61.11
C ARG A 2123 -21.34 1.85 61.92
N CYS A 2124 -22.45 2.24 61.29
CA CYS A 2124 -23.70 2.46 62.00
C CYS A 2124 -24.78 1.47 61.59
N LEU A 2125 -25.13 1.41 60.31
CA LEU A 2125 -26.12 0.49 59.77
C LEU A 2125 -27.41 0.53 60.59
N GLY A 2126 -28.09 1.69 60.53
CA GLY A 2126 -29.31 1.87 61.26
C GLY A 2126 -30.15 2.98 60.67
N SER A 2127 -31.26 3.28 61.33
CA SER A 2127 -32.16 4.32 60.88
C SER A 2127 -31.57 5.70 61.19
N VAL A 2128 -32.24 6.73 60.67
CA VAL A 2128 -31.75 8.10 60.87
C VAL A 2128 -31.90 8.51 62.33
N GLN A 2129 -33.06 8.25 62.92
CA GLN A 2129 -33.28 8.61 64.32
C GLN A 2129 -32.41 7.78 65.25
N HIS A 2130 -32.26 6.49 64.95
CA HIS A 2130 -31.39 5.64 65.77
C HIS A 2130 -29.94 6.12 65.69
N LEU A 2131 -29.51 6.56 64.50
CA LEU A 2131 -28.15 7.08 64.36
C LEU A 2131 -27.97 8.37 65.13
N LYS A 2132 -28.95 9.28 65.04
CA LYS A 2132 -28.87 10.54 65.76
C LYS A 2132 -29.00 10.35 67.27
N ASN A 2133 -29.56 9.22 67.72
CA ASN A 2133 -29.70 8.96 69.15
C ASN A 2133 -28.49 8.24 69.74
N ARG A 2134 -27.97 7.22 69.05
CA ARG A 2134 -26.87 6.44 69.60
C ARG A 2134 -25.50 7.02 69.28
N PHE A 2135 -25.38 7.84 68.23
CA PHE A 2135 -24.13 8.49 67.88
C PHE A 2135 -24.22 9.99 68.04
N GLY A 2136 -25.08 10.46 68.93
CA GLY A 2136 -25.24 11.88 69.15
C GLY A 2136 -26.34 12.14 70.16
N ASP A 2137 -26.31 13.35 70.71
CA ASP A 2137 -27.30 13.78 71.69
C ASP A 2137 -27.19 15.29 71.83
N GLY A 2138 -28.11 15.87 72.59
CA GLY A 2138 -28.10 17.31 72.78
C GLY A 2138 -28.48 18.05 71.50
N TYR A 2139 -27.89 19.23 71.33
CA TYR A 2139 -28.16 20.07 70.18
C TYR A 2139 -26.84 20.66 69.68
N THR A 2140 -26.90 21.26 68.49
CA THR A 2140 -25.76 21.93 67.89
C THR A 2140 -26.16 23.33 67.46
N ILE A 2141 -25.30 24.30 67.76
CA ILE A 2141 -25.51 25.70 67.43
C ILE A 2141 -24.52 26.10 66.34
N VAL A 2142 -25.03 26.73 65.29
CA VAL A 2142 -24.21 27.28 64.21
C VAL A 2142 -24.41 28.78 64.22
N VAL A 2143 -23.35 29.52 64.57
CA VAL A 2143 -23.42 30.98 64.63
C VAL A 2143 -22.54 31.54 63.53
N ARG A 2144 -22.85 32.78 63.14
CA ARG A 2144 -22.14 33.47 62.08
C ARG A 2144 -21.99 34.93 62.45
N ILE A 2145 -20.81 35.48 62.16
CA ILE A 2145 -20.52 36.88 62.48
C ILE A 2145 -20.51 37.72 61.21
N ASP A 2151 -13.30 39.92 66.53
CA ASP A 2151 -14.71 39.69 66.24
C ASP A 2151 -15.07 38.21 66.37
N LEU A 2152 -14.09 37.40 66.75
CA LEU A 2152 -14.29 35.96 66.92
C LEU A 2152 -14.03 35.47 68.33
N LYS A 2153 -13.14 36.11 69.09
CA LYS A 2153 -12.80 35.71 70.44
C LYS A 2153 -13.92 36.00 71.44
N PRO A 2154 -14.57 37.18 71.40
CA PRO A 2154 -15.68 37.41 72.34
C PRO A 2154 -16.81 36.42 72.20
N VAL A 2155 -17.08 35.92 70.99
CA VAL A 2155 -18.11 34.91 70.81
C VAL A 2155 -17.72 33.62 71.54
N GLN A 2156 -16.45 33.22 71.43
CA GLN A 2156 -15.99 32.03 72.13
C GLN A 2156 -16.04 32.23 73.64
N ASP A 2157 -15.69 33.44 74.12
CA ASP A 2157 -15.79 33.71 75.55
C ASP A 2157 -17.22 33.64 76.04
N PHE A 2158 -18.16 34.17 75.26
CA PHE A 2158 -19.58 34.09 75.65
C PHE A 2158 -20.06 32.65 75.65
N PHE A 2159 -19.64 31.86 74.64
CA PHE A 2159 -20.07 30.46 74.59
C PHE A 2159 -19.48 29.65 75.74
N GLY A 2160 -18.26 29.99 76.17
CA GLY A 2160 -17.68 29.32 77.32
C GLY A 2160 -18.22 29.79 78.66
N LEU A 2161 -18.73 31.02 78.72
CA LEU A 2161 -19.29 31.52 79.97
C LEU A 2161 -20.73 31.05 80.17
N ALA A 2162 -21.56 31.18 79.13
CA ALA A 2162 -22.96 30.80 79.26
C ALA A 2162 -23.14 29.29 79.32
N PHE A 2163 -22.20 28.53 78.76
CA PHE A 2163 -22.26 27.08 78.76
C PHE A 2163 -20.99 26.51 79.37
N PRO A 2164 -21.09 25.65 80.38
CA PRO A 2164 -19.87 25.08 80.97
C PRO A 2164 -19.07 24.24 79.98
N GLY A 2165 -19.70 23.27 79.35
CA GLY A 2165 -19.02 22.41 78.41
C GLY A 2165 -19.56 22.52 76.99
N SER A 2166 -18.73 22.97 76.06
CA SER A 2166 -19.13 23.12 74.66
C SER A 2166 -17.89 22.99 73.80
N VAL A 2167 -17.77 21.86 73.09
CA VAL A 2167 -16.62 21.62 72.24
C VAL A 2167 -16.75 22.47 70.98
N LEU A 2168 -15.74 23.27 70.69
CA LEU A 2168 -15.71 24.14 69.52
C LEU A 2168 -15.09 23.35 68.37
N LYS A 2169 -15.92 22.94 67.41
CA LYS A 2169 -15.49 22.11 66.30
C LYS A 2169 -15.77 22.82 64.98
N GLU A 2170 -14.90 22.57 63.99
CA GLU A 2170 -15.00 23.17 62.67
C GLU A 2170 -14.98 24.69 62.75
N LYS A 2171 -13.88 25.22 63.26
CA LYS A 2171 -13.71 26.66 63.44
C LYS A 2171 -13.31 27.30 62.11
N HIS A 2172 -14.10 28.27 61.67
CA HIS A 2172 -13.84 29.02 60.46
C HIS A 2172 -13.74 30.51 60.78
N ARG A 2173 -13.26 31.28 59.82
CA ARG A 2173 -13.17 32.72 59.97
C ARG A 2173 -14.52 33.42 59.83
N ASN A 2174 -15.55 32.71 59.36
CA ASN A 2174 -16.87 33.28 59.16
C ASN A 2174 -17.94 32.70 60.07
N MET A 2175 -17.88 31.39 60.38
CA MET A 2175 -18.90 30.74 61.19
C MET A 2175 -18.24 29.92 62.29
N LEU A 2176 -19.05 29.59 63.30
CA LEU A 2176 -18.62 28.77 64.42
C LEU A 2176 -19.71 27.74 64.72
N GLN A 2177 -19.29 26.61 65.29
CA GLN A 2177 -20.21 25.52 65.62
C GLN A 2177 -19.90 25.03 67.03
N TYR A 2178 -20.94 24.91 67.84
CA TYR A 2178 -20.82 24.46 69.22
C TYR A 2178 -21.80 23.33 69.49
N GLN A 2179 -21.47 22.49 70.48
CA GLN A 2179 -22.25 21.32 70.81
C GLN A 2179 -22.75 21.40 72.26
N LEU A 2180 -24.03 21.07 72.45
CA LEU A 2180 -24.71 21.11 73.74
C LEU A 2180 -24.44 19.97 74.71
N PRO A 2181 -24.25 18.68 74.24
CA PRO A 2181 -24.47 17.52 75.12
C PRO A 2181 -24.03 17.64 76.57
N SER A 2182 -22.97 18.42 76.84
CA SER A 2182 -22.50 18.64 78.20
C SER A 2182 -23.36 19.65 78.96
N SER A 2183 -24.54 19.98 78.47
CA SER A 2183 -25.46 20.93 79.10
C SER A 2183 -26.79 20.23 79.39
N LEU A 2184 -27.77 21.02 79.82
CA LEU A 2184 -29.06 20.51 80.22
C LEU A 2184 -30.06 20.55 79.05
N SER A 2185 -31.28 20.09 79.33
CA SER A 2185 -32.38 20.06 78.36
C SER A 2185 -33.03 21.42 78.22
N SER A 2186 -34.25 21.45 77.65
CA SER A 2186 -35.01 22.68 77.44
C SER A 2186 -34.29 23.62 76.49
N LEU A 2187 -34.19 23.17 75.24
CA LEU A 2187 -33.63 23.97 74.16
C LEU A 2187 -34.22 25.38 74.11
N ALA A 2188 -35.47 25.55 74.54
CA ALA A 2188 -36.06 26.88 74.58
C ALA A 2188 -35.28 27.81 75.50
N ARG A 2189 -34.68 27.27 76.57
CA ARG A 2189 -33.91 28.11 77.49
C ARG A 2189 -32.66 28.67 76.81
N ILE A 2190 -31.92 27.81 76.09
CA ILE A 2190 -30.71 28.30 75.43
C ILE A 2190 -31.08 29.18 74.24
N PHE A 2191 -32.22 28.93 73.60
CA PHE A 2191 -32.69 29.83 72.56
C PHE A 2191 -32.98 31.21 73.13
N SER A 2192 -33.64 31.25 74.30
CA SER A 2192 -33.95 32.53 74.93
C SER A 2192 -32.67 33.26 75.36
N ILE A 2193 -31.70 32.53 75.92
CA ILE A 2193 -30.49 33.19 76.39
C ILE A 2193 -29.66 33.68 75.20
N LEU A 2194 -29.71 32.98 74.07
CA LEU A 2194 -29.05 33.48 72.87
C LEU A 2194 -29.79 34.66 72.27
N SER A 2195 -31.11 34.72 72.44
CA SER A 2195 -31.86 35.88 71.96
C SER A 2195 -31.62 37.10 72.82
N GLN A 2196 -31.45 36.92 74.14
CA GLN A 2196 -31.21 38.05 75.03
C GLN A 2196 -29.80 38.62 74.87
N SER A 2197 -28.86 37.81 74.40
CA SER A 2197 -27.46 38.23 74.24
C SER A 2197 -27.09 38.45 72.78
N LYS A 2198 -28.08 38.59 71.90
CA LYS A 2198 -27.80 38.82 70.49
C LYS A 2198 -27.44 40.27 70.20
N LYS A 2199 -27.96 41.21 70.98
CA LYS A 2199 -27.71 42.62 70.72
C LYS A 2199 -26.43 43.12 71.37
N ARG A 2200 -26.02 42.53 72.49
CA ARG A 2200 -24.79 42.97 73.15
C ARG A 2200 -23.56 42.56 72.35
N LEU A 2201 -23.62 41.40 71.69
CA LEU A 2201 -22.51 40.90 70.90
C LEU A 2201 -22.67 41.35 69.45
N HIS A 2202 -21.75 40.92 68.59
CA HIS A 2202 -21.77 41.25 67.17
C HIS A 2202 -22.14 40.04 66.32
N ILE A 2203 -23.01 39.17 66.84
CA ILE A 2203 -23.41 37.98 66.11
C ILE A 2203 -24.33 38.35 64.95
N GLU A 2204 -24.02 37.84 63.76
CA GLU A 2204 -24.84 38.15 62.59
C GLU A 2204 -26.02 37.21 62.47
N ASP A 2205 -25.79 35.91 62.53
CA ASP A 2205 -26.84 34.92 62.36
C ASP A 2205 -26.65 33.79 63.35
N TYR A 2206 -27.75 33.10 63.66
CA TYR A 2206 -27.72 31.97 64.58
C TYR A 2206 -28.70 30.91 64.09
N SER A 2207 -28.34 29.65 64.31
CA SER A 2207 -29.18 28.52 63.93
C SER A 2207 -28.99 27.40 64.94
N VAL A 2208 -30.06 26.67 65.21
CA VAL A 2208 -30.06 25.57 66.17
C VAL A 2208 -30.56 24.32 65.46
N SER A 2209 -29.90 23.19 65.70
CA SER A 2209 -30.30 21.92 65.11
C SER A 2209 -30.21 20.83 66.16
N GLN A 2210 -31.10 19.83 66.06
CA GLN A 2210 -31.12 18.72 67.00
C GLN A 2210 -30.35 17.56 66.39
N THR A 2211 -29.03 17.54 66.64
CA THR A 2211 -28.14 16.46 66.23
C THR A 2211 -28.22 16.23 64.71
N THR A 2212 -27.78 17.25 63.98
CA THR A 2212 -27.78 17.18 62.53
C THR A 2212 -26.81 16.11 62.05
N LEU A 2213 -26.98 15.69 60.79
CA LEU A 2213 -26.15 14.64 60.23
C LEU A 2213 -24.77 15.13 59.81
N ASP A 2214 -24.61 16.44 59.60
CA ASP A 2214 -23.32 16.97 59.18
C ASP A 2214 -22.25 16.69 60.23
N GLN A 2215 -22.52 17.05 61.49
CA GLN A 2215 -21.55 16.82 62.55
C GLN A 2215 -21.32 15.34 62.79
N VAL A 2216 -22.35 14.52 62.63
CA VAL A 2216 -22.20 13.07 62.81
C VAL A 2216 -21.26 12.51 61.76
N PHE A 2217 -21.43 12.92 60.50
CA PHE A 2217 -20.55 12.46 59.44
C PHE A 2217 -19.14 12.98 59.62
N VAL A 2218 -18.99 14.23 60.08
CA VAL A 2218 -17.67 14.78 60.33
C VAL A 2218 -16.96 13.99 61.42
N ASN A 2219 -17.68 13.64 62.49
CA ASN A 2219 -17.09 12.84 63.56
C ASN A 2219 -16.71 11.45 63.06
N PHE A 2220 -17.59 10.82 62.27
CA PHE A 2220 -17.29 9.48 61.75
C PHE A 2220 -16.07 9.51 60.84
N ALA A 2221 -15.89 10.60 60.09
CA ALA A 2221 -14.72 10.72 59.23
C ALA A 2221 -13.46 11.05 60.01
N LYS A 2222 -13.59 11.80 61.12
CA LYS A 2222 -12.41 12.10 61.92
C LYS A 2222 -11.98 10.92 62.77
N ASP A 2223 -12.89 9.99 63.07
CA ASP A 2223 -12.52 8.80 63.81
C ASP A 2223 -11.49 7.97 63.03
N GLN A 2224 -11.81 7.64 61.79
CA GLN A 2224 -10.90 6.87 60.95
C GLN A 2224 -11.21 7.10 59.46
#